data_5F3E
#
_entry.id   5F3E
#
_cell.length_a   57.912
_cell.length_b   101.626
_cell.length_c   142.412
_cell.angle_alpha   90.00
_cell.angle_beta   99.41
_cell.angle_gamma   90.00
#
_symmetry.space_group_name_H-M   'P 1 21 1'
#
loop_
_entity.id
_entity.type
_entity.pdbx_description
1 polymer 'Lysine-specific demethylase 4A'
2 non-polymer 'ZINC ION'
3 non-polymer 8-[4-[2-[4-(4-chlorophenyl)piperidin-1-yl]ethyl]pyrazol-1-yl]-3~{H}-pyrido[3,4-d]pyrimidin-4-one
4 non-polymer 'DIMETHYL SULFOXIDE'
5 non-polymer GLYCEROL
6 water water
#
_entity_poly.entity_id   1
_entity_poly.type   'polypeptide(L)'
_entity_poly.pdbx_seq_one_letter_code
;SMASESETLNPSARIMTFYPTMEEFRNFSRYIAYIESQGAHRAGLAKVVPPKEWKPRASYDDIDDLVIPAPIQQLVTGQS
GLFTQYNIQKKAMTVREFRKIANSDKYCTPRYSEFEELERKYWKNLTFNPPIYGADVNGTLYEKHVDEWNIGRLRTILDL
VEKESGITIEGVNTPYLYFGMWKTSFAWHTEDMDLYSINYLHFGEPKSWYSVPPEHGKRLERLAKGFFPGSAQSCEAFLR
HKMTLISPLMLKKYGIPFDKVTQEAGEFMITFPYGYHAGFNHGFNCAESTNFATRRWIEYGKQAVLCSCRKDMVKISMDV
FVRKFQPERYKLWKAGKDNTVIDHTLPTPEAAEFLKESEL
;
_entity_poly.pdbx_strand_id   A,B,C,D
#
# COMPACT_ATOMS: atom_id res chain seq x y z
N GLU A 7 -3.47 -1.03 46.90
CA GLU A 7 -4.70 -1.81 47.03
C GLU A 7 -5.86 -1.00 47.64
N THR A 8 -5.57 0.14 48.28
CA THR A 8 -6.58 1.01 48.89
C THR A 8 -7.25 1.91 47.84
N LEU A 9 -6.52 2.25 46.76
CA LEU A 9 -7.05 3.09 45.68
C LEU A 9 -7.83 2.22 44.72
N ASN A 10 -9.10 2.61 44.47
CA ASN A 10 -10.05 1.91 43.61
C ASN A 10 -10.11 0.38 43.94
N PRO A 11 -10.50 0.00 45.20
CA PRO A 11 -10.56 -1.44 45.54
C PRO A 11 -11.54 -2.22 44.68
N SER A 12 -12.64 -1.57 44.29
CA SER A 12 -13.69 -2.15 43.45
C SER A 12 -13.20 -2.38 42.01
N ALA A 13 -12.10 -1.69 41.62
CA ALA A 13 -11.48 -1.73 40.29
C ALA A 13 -12.53 -1.39 39.21
N ARG A 14 -13.40 -0.39 39.50
CA ARG A 14 -14.44 0.10 38.58
C ARG A 14 -13.83 1.08 37.58
N ILE A 15 -14.45 1.23 36.40
CA ILE A 15 -14.00 2.22 35.40
C ILE A 15 -14.24 3.61 35.98
N MET A 16 -13.16 4.40 36.10
CA MET A 16 -13.18 5.78 36.58
C MET A 16 -13.25 6.82 35.46
N THR A 17 -13.94 7.97 35.68
CA THR A 17 -14.09 9.08 34.73
C THR A 17 -13.48 10.34 35.34
N PHE A 18 -12.67 11.03 34.55
CA PHE A 18 -11.93 12.22 34.95
C PHE A 18 -12.31 13.39 34.13
N TYR A 19 -12.33 14.55 34.77
CA TYR A 19 -12.70 15.84 34.20
C TYR A 19 -11.55 16.83 34.47
N PRO A 20 -10.41 16.73 33.77
CA PRO A 20 -9.31 17.68 34.02
C PRO A 20 -9.65 19.12 33.61
N THR A 21 -9.06 20.10 34.30
CA THR A 21 -9.15 21.52 33.99
C THR A 21 -8.19 21.72 32.81
N MET A 22 -8.19 22.90 32.18
CA MET A 22 -7.25 23.15 31.08
C MET A 22 -5.78 23.06 31.56
N GLU A 23 -5.47 23.57 32.77
CA GLU A 23 -4.12 23.53 33.36
C GLU A 23 -3.64 22.09 33.56
N GLU A 24 -4.48 21.24 34.18
CA GLU A 24 -4.25 19.81 34.40
C GLU A 24 -4.09 19.04 33.07
N PHE A 25 -4.93 19.40 32.07
CA PHE A 25 -4.99 18.77 30.74
C PHE A 25 -3.76 19.01 29.86
N ARG A 26 -3.03 20.13 30.04
CA ARG A 26 -1.86 20.49 29.23
C ARG A 26 -0.66 19.49 29.28
N ASN A 27 -0.54 18.67 30.34
CA ASN A 27 0.56 17.69 30.44
C ASN A 27 0.00 16.28 30.45
N PHE A 28 0.08 15.61 29.29
CA PHE A 28 -0.45 14.26 29.07
C PHE A 28 0.09 13.23 30.06
N SER A 29 1.42 12.97 30.02
CA SER A 29 2.13 12.01 30.87
C SER A 29 1.93 12.26 32.36
N ARG A 30 1.90 13.53 32.77
CA ARG A 30 1.66 13.90 34.15
C ARG A 30 0.21 13.57 34.55
N TYR A 31 -0.76 13.72 33.63
CA TYR A 31 -2.15 13.42 33.94
C TYR A 31 -2.44 11.92 34.06
N ILE A 32 -1.71 11.10 33.29
CA ILE A 32 -1.75 9.64 33.33
C ILE A 32 -1.18 9.19 34.67
N ALA A 33 -0.12 9.87 35.13
CA ALA A 33 0.50 9.62 36.42
C ALA A 33 -0.52 9.94 37.51
N TYR A 34 -1.28 11.03 37.33
CA TYR A 34 -2.33 11.39 38.26
C TYR A 34 -3.46 10.35 38.30
N ILE A 35 -4.00 9.96 37.16
CA ILE A 35 -5.16 9.04 37.19
C ILE A 35 -4.76 7.67 37.82
N GLU A 36 -3.49 7.27 37.65
CA GLU A 36 -2.94 6.07 38.25
C GLU A 36 -2.84 6.19 39.78
N SER A 37 -2.45 7.38 40.31
CA SER A 37 -2.39 7.65 41.76
C SER A 37 -3.80 7.49 42.41
N GLN A 38 -4.85 7.70 41.61
CA GLN A 38 -6.27 7.57 42.00
C GLN A 38 -6.76 6.12 41.79
N GLY A 39 -5.86 5.26 41.31
CA GLY A 39 -6.16 3.85 41.07
C GLY A 39 -6.95 3.55 39.82
N ALA A 40 -6.99 4.48 38.84
CA ALA A 40 -7.72 4.28 37.57
C ALA A 40 -7.28 3.06 36.76
N HIS A 41 -5.99 2.71 36.83
CA HIS A 41 -5.39 1.56 36.14
C HIS A 41 -5.97 0.19 36.54
N ARG A 42 -6.46 0.06 37.78
CA ARG A 42 -7.03 -1.16 38.32
C ARG A 42 -8.20 -1.73 37.52
N ALA A 43 -8.99 -0.86 36.90
CA ALA A 43 -10.09 -1.25 36.04
C ALA A 43 -9.56 -1.72 34.66
N GLY A 44 -8.39 -1.21 34.23
CA GLY A 44 -7.82 -1.46 32.92
C GLY A 44 -8.28 -0.49 31.86
N LEU A 45 -9.27 0.34 32.20
CA LEU A 45 -9.89 1.31 31.31
C LEU A 45 -10.31 2.55 32.08
N ALA A 46 -10.04 3.75 31.51
CA ALA A 46 -10.48 5.04 32.10
C ALA A 46 -11.00 6.00 31.03
N LYS A 47 -11.94 6.84 31.42
CA LYS A 47 -12.51 7.85 30.56
C LYS A 47 -12.01 9.23 30.99
N VAL A 48 -11.59 10.05 30.03
CA VAL A 48 -11.13 11.41 30.28
C VAL A 48 -11.97 12.32 29.43
N VAL A 49 -12.77 13.15 30.08
CA VAL A 49 -13.61 14.11 29.39
C VAL A 49 -12.76 15.39 29.36
N PRO A 50 -12.33 15.87 28.18
CA PRO A 50 -11.47 17.06 28.16
C PRO A 50 -12.21 18.37 28.47
N PRO A 51 -11.49 19.48 28.82
CA PRO A 51 -12.20 20.76 29.06
C PRO A 51 -12.99 21.21 27.83
N LYS A 52 -14.22 21.70 28.07
CA LYS A 52 -15.21 22.15 27.09
C LYS A 52 -14.64 22.99 25.92
N GLU A 53 -13.67 23.87 26.24
CA GLU A 53 -13.01 24.77 25.29
C GLU A 53 -12.07 24.05 24.31
N TRP A 54 -11.50 22.89 24.73
CA TRP A 54 -10.57 22.12 23.92
C TRP A 54 -11.27 21.36 22.80
N LYS A 55 -10.70 21.46 21.58
CA LYS A 55 -11.14 20.78 20.38
C LYS A 55 -9.90 20.52 19.51
N PRO A 56 -9.70 19.27 19.01
CA PRO A 56 -8.50 19.02 18.19
C PRO A 56 -8.57 19.48 16.72
N ARG A 57 -9.76 19.89 16.24
CA ARG A 57 -10.03 20.29 14.86
C ARG A 57 -11.28 21.18 14.82
N ALA A 58 -11.25 22.26 14.01
CA ALA A 58 -12.36 23.21 13.87
C ALA A 58 -13.65 22.62 13.30
N SER A 59 -13.55 21.77 12.27
CA SER A 59 -14.67 21.11 11.59
C SER A 59 -14.19 19.87 10.86
N TYR A 60 -15.11 18.91 10.65
CA TYR A 60 -14.83 17.66 9.97
C TYR A 60 -15.59 17.62 8.64
N ASP A 61 -15.81 18.78 8.02
CA ASP A 61 -16.59 18.89 6.77
C ASP A 61 -15.75 18.72 5.50
N ASP A 62 -14.41 18.60 5.66
CA ASP A 62 -13.45 18.48 4.58
C ASP A 62 -12.79 17.08 4.48
N ILE A 63 -13.46 16.03 4.97
CA ILE A 63 -12.86 14.69 4.94
C ILE A 63 -13.64 13.70 4.08
N ASP A 64 -14.54 14.18 3.24
CA ASP A 64 -15.32 13.33 2.34
C ASP A 64 -14.47 12.43 1.41
N ASP A 65 -13.36 12.96 0.86
CA ASP A 65 -12.45 12.29 -0.07
C ASP A 65 -11.23 11.67 0.62
N LEU A 66 -11.35 11.48 1.94
CA LEU A 66 -10.31 10.79 2.70
C LEU A 66 -10.54 9.30 2.33
N VAL A 67 -9.46 8.63 1.96
CA VAL A 67 -9.51 7.23 1.57
C VAL A 67 -9.31 6.31 2.77
N ILE A 68 -10.18 5.27 2.86
CA ILE A 68 -10.13 4.17 3.82
C ILE A 68 -9.52 3.03 2.97
N PRO A 69 -8.17 2.80 3.03
CA PRO A 69 -7.53 1.82 2.13
C PRO A 69 -8.04 0.40 2.23
N ALA A 70 -8.45 -0.01 3.42
CA ALA A 70 -8.83 -1.40 3.57
C ALA A 70 -10.07 -1.59 4.43
N PRO A 71 -11.29 -1.22 3.97
CA PRO A 71 -12.48 -1.45 4.81
C PRO A 71 -12.63 -2.96 5.03
N ILE A 72 -13.11 -3.35 6.23
N ILE A 72 -13.15 -3.33 6.19
CA ILE A 72 -13.24 -4.78 6.55
CA ILE A 72 -13.29 -4.74 6.49
C ILE A 72 -14.69 -5.15 6.84
C ILE A 72 -14.73 -5.10 6.78
N GLN A 73 -15.25 -6.11 6.07
CA GLN A 73 -16.59 -6.60 6.36
C GLN A 73 -16.40 -7.63 7.49
N GLN A 74 -17.15 -7.45 8.60
CA GLN A 74 -17.07 -8.27 9.80
C GLN A 74 -18.11 -9.38 9.88
N LEU A 75 -17.68 -10.59 9.57
N LEU A 75 -17.69 -10.60 9.51
CA LEU A 75 -18.49 -11.78 9.58
CA LEU A 75 -18.50 -11.81 9.52
C LEU A 75 -18.30 -12.43 10.92
C LEU A 75 -18.30 -12.48 10.87
N VAL A 76 -19.38 -12.65 11.65
CA VAL A 76 -19.36 -13.23 12.99
C VAL A 76 -20.09 -14.54 12.98
N THR A 77 -19.48 -15.52 13.63
CA THR A 77 -20.02 -16.85 13.76
C THR A 77 -20.02 -17.21 15.24
N GLY A 78 -21.07 -17.89 15.69
CA GLY A 78 -21.14 -18.34 17.07
C GLY A 78 -22.55 -18.38 17.62
N GLN A 79 -22.65 -18.77 18.90
CA GLN A 79 -23.89 -18.93 19.64
C GLN A 79 -23.59 -18.92 21.14
N SER A 80 -24.64 -18.76 21.99
CA SER A 80 -24.54 -18.81 23.46
C SER A 80 -23.40 -17.95 24.06
N GLY A 81 -23.29 -16.70 23.61
CA GLY A 81 -22.30 -15.75 24.10
C GLY A 81 -20.88 -15.88 23.60
N LEU A 82 -20.56 -16.91 22.80
CA LEU A 82 -19.23 -17.17 22.24
C LEU A 82 -19.24 -17.01 20.75
N PHE A 83 -18.37 -16.15 20.24
CA PHE A 83 -18.31 -15.87 18.82
C PHE A 83 -16.90 -15.68 18.27
N THR A 84 -16.72 -16.01 17.00
CA THR A 84 -15.50 -15.75 16.25
C THR A 84 -15.84 -14.77 15.13
N GLN A 85 -15.02 -13.73 15.00
CA GLN A 85 -15.17 -12.73 13.98
C GLN A 85 -14.08 -12.93 12.88
N TYR A 86 -14.50 -13.01 11.60
CA TYR A 86 -13.65 -13.14 10.43
C TYR A 86 -13.75 -11.86 9.64
N ASN A 87 -12.61 -11.46 9.09
CA ASN A 87 -12.48 -10.26 8.28
C ASN A 87 -12.48 -10.58 6.81
N ILE A 88 -13.13 -9.72 6.05
CA ILE A 88 -13.13 -9.76 4.62
C ILE A 88 -12.70 -8.36 4.22
N GLN A 89 -11.48 -8.20 3.71
CA GLN A 89 -10.98 -6.92 3.21
C GLN A 89 -11.69 -6.59 1.93
N LYS A 90 -12.22 -5.37 1.85
CA LYS A 90 -12.92 -4.86 0.68
C LYS A 90 -12.00 -3.86 0.00
N LYS A 91 -12.29 -3.46 -1.26
CA LYS A 91 -11.44 -2.46 -1.94
C LYS A 91 -11.57 -1.07 -1.26
N ALA A 92 -10.64 -0.18 -1.52
CA ALA A 92 -10.64 1.12 -0.89
C ALA A 92 -11.87 1.92 -1.16
N MET A 93 -12.31 2.64 -0.13
CA MET A 93 -13.48 3.51 -0.23
C MET A 93 -13.26 4.82 0.50
N THR A 94 -13.99 5.84 0.11
CA THR A 94 -13.91 7.14 0.74
C THR A 94 -14.84 7.27 1.96
N VAL A 95 -14.59 8.25 2.81
CA VAL A 95 -15.43 8.53 3.98
C VAL A 95 -16.89 8.77 3.49
N ARG A 96 -17.05 9.51 2.39
CA ARG A 96 -18.35 9.82 1.79
C ARG A 96 -19.15 8.56 1.51
N GLU A 97 -18.52 7.57 0.81
CA GLU A 97 -19.12 6.28 0.47
C GLU A 97 -19.41 5.45 1.73
N PHE A 98 -18.49 5.48 2.69
CA PHE A 98 -18.66 4.78 3.96
C PHE A 98 -19.90 5.32 4.69
N ARG A 99 -20.01 6.66 4.82
CA ARG A 99 -21.10 7.32 5.52
C ARG A 99 -22.47 7.00 4.91
N LYS A 100 -22.54 6.92 3.54
CA LYS A 100 -23.75 6.59 2.78
C LYS A 100 -24.24 5.20 3.16
N ILE A 101 -23.34 4.23 3.17
CA ILE A 101 -23.57 2.85 3.59
C ILE A 101 -23.95 2.78 5.08
N ALA A 102 -23.16 3.43 5.96
CA ALA A 102 -23.38 3.44 7.43
C ALA A 102 -24.77 3.91 7.81
N ASN A 103 -25.26 4.95 7.13
CA ASN A 103 -26.54 5.59 7.40
C ASN A 103 -27.70 5.05 6.59
N SER A 104 -27.45 4.09 5.66
CA SER A 104 -28.53 3.55 4.82
C SER A 104 -29.47 2.69 5.67
N ASP A 105 -30.69 2.41 5.17
CA ASP A 105 -31.69 1.57 5.86
C ASP A 105 -31.17 0.17 6.22
N LYS A 106 -30.29 -0.40 5.38
CA LYS A 106 -29.70 -1.71 5.59
C LYS A 106 -28.81 -1.77 6.81
N TYR A 107 -27.94 -0.77 7.00
CA TYR A 107 -26.93 -0.76 8.05
C TYR A 107 -27.13 0.19 9.21
N CYS A 108 -28.12 1.12 9.16
CA CYS A 108 -28.27 2.12 10.23
C CYS A 108 -28.59 1.51 11.62
N THR A 109 -28.29 2.25 12.69
CA THR A 109 -28.55 1.91 14.09
C THR A 109 -30.05 1.60 14.24
N PRO A 110 -30.45 0.53 14.97
CA PRO A 110 -31.89 0.32 15.15
C PRO A 110 -32.47 1.33 16.14
N ARG A 111 -33.81 1.42 16.20
CA ARG A 111 -34.49 2.29 17.14
C ARG A 111 -34.38 1.66 18.53
N TYR A 112 -34.17 2.48 19.55
CA TYR A 112 -34.05 1.96 20.90
C TYR A 112 -34.26 3.07 21.93
N SER A 113 -34.57 2.69 23.16
CA SER A 113 -34.78 3.67 24.22
C SER A 113 -33.61 3.85 25.18
N GLU A 114 -33.06 2.75 25.68
CA GLU A 114 -31.95 2.82 26.63
C GLU A 114 -30.77 1.99 26.13
N PHE A 115 -29.57 2.32 26.58
CA PHE A 115 -28.38 1.61 26.10
C PHE A 115 -28.54 0.10 26.27
N GLU A 116 -29.16 -0.34 27.37
CA GLU A 116 -29.41 -1.74 27.68
C GLU A 116 -30.14 -2.43 26.53
N GLU A 117 -31.16 -1.74 25.93
CA GLU A 117 -31.91 -2.23 24.79
C GLU A 117 -30.99 -2.38 23.55
N LEU A 118 -30.13 -1.38 23.27
CA LEU A 118 -29.19 -1.43 22.16
C LEU A 118 -28.12 -2.50 22.37
N GLU A 119 -27.68 -2.71 23.63
CA GLU A 119 -26.69 -3.75 23.96
C GLU A 119 -27.35 -5.13 23.72
N ARG A 120 -28.67 -5.27 24.04
CA ARG A 120 -29.40 -6.50 23.79
C ARG A 120 -29.48 -6.79 22.30
N LYS A 121 -29.78 -5.76 21.48
CA LYS A 121 -29.88 -5.92 20.03
C LYS A 121 -28.54 -6.28 19.41
N TYR A 122 -27.44 -5.77 19.97
CA TYR A 122 -26.10 -6.08 19.50
C TYR A 122 -25.82 -7.58 19.65
N TRP A 123 -25.95 -8.12 20.88
CA TRP A 123 -25.67 -9.51 21.16
C TRP A 123 -26.69 -10.47 20.54
N LYS A 124 -27.87 -9.96 20.14
CA LYS A 124 -28.89 -10.75 19.47
C LYS A 124 -28.61 -10.80 17.97
N ASN A 125 -28.11 -9.70 17.38
CA ASN A 125 -27.93 -9.67 15.93
C ASN A 125 -26.54 -9.57 15.40
N LEU A 126 -25.49 -9.73 16.24
N LEU A 126 -25.55 -9.83 16.27
CA LEU A 126 -24.11 -9.56 15.76
CA LEU A 126 -24.11 -9.80 16.01
C LEU A 126 -23.71 -10.57 14.66
C LEU A 126 -23.70 -10.61 14.77
N THR A 127 -24.39 -11.73 14.53
CA THR A 127 -24.07 -12.68 13.44
C THR A 127 -24.83 -12.42 12.14
N PHE A 128 -25.78 -11.45 12.15
CA PHE A 128 -26.57 -11.17 10.94
C PHE A 128 -26.13 -9.90 10.27
N ASN A 129 -26.49 -9.72 8.98
CA ASN A 129 -26.19 -8.52 8.19
C ASN A 129 -24.77 -7.99 8.49
N PRO A 130 -23.68 -8.74 8.15
CA PRO A 130 -22.32 -8.27 8.49
C PRO A 130 -22.02 -6.82 8.10
N PRO A 131 -21.61 -5.97 9.08
CA PRO A 131 -21.31 -4.58 8.73
C PRO A 131 -19.88 -4.44 8.19
N ILE A 132 -19.52 -3.20 7.82
CA ILE A 132 -18.21 -2.84 7.30
C ILE A 132 -17.55 -1.87 8.28
N TYR A 133 -16.31 -2.18 8.66
CA TYR A 133 -15.54 -1.36 9.58
C TYR A 133 -14.41 -0.75 8.79
N GLY A 134 -14.35 0.58 8.78
CA GLY A 134 -13.29 1.33 8.11
C GLY A 134 -12.16 1.51 9.10
N ALA A 135 -11.53 0.40 9.46
CA ALA A 135 -10.54 0.33 10.52
C ALA A 135 -9.10 0.49 10.08
N ASP A 136 -8.23 0.87 11.06
CA ASP A 136 -6.77 0.97 10.93
C ASP A 136 -6.29 1.81 9.76
N VAL A 137 -6.88 2.99 9.62
CA VAL A 137 -6.50 3.93 8.57
C VAL A 137 -5.35 4.73 9.16
N ASN A 138 -4.14 4.70 8.55
CA ASN A 138 -3.01 5.51 9.02
C ASN A 138 -3.38 6.97 8.84
N GLY A 139 -3.34 7.72 9.93
CA GLY A 139 -3.64 9.14 9.84
C GLY A 139 -4.12 9.77 11.12
N THR A 140 -4.29 11.08 11.07
CA THR A 140 -4.77 11.86 12.17
C THR A 140 -5.81 12.85 11.69
N LEU A 141 -6.74 13.22 12.58
CA LEU A 141 -7.71 14.26 12.31
C LEU A 141 -7.38 15.51 13.16
N TYR A 142 -6.25 15.47 13.90
CA TYR A 142 -5.76 16.59 14.72
C TYR A 142 -5.11 17.67 13.87
N GLU A 143 -5.42 18.94 14.19
CA GLU A 143 -4.79 20.07 13.50
C GLU A 143 -3.33 20.17 13.97
N LYS A 144 -2.47 20.73 13.13
CA LYS A 144 -1.02 20.83 13.38
C LYS A 144 -0.64 21.56 14.69
N HIS A 145 -1.26 22.72 14.97
CA HIS A 145 -0.98 23.56 16.14
C HIS A 145 -1.42 23.00 17.52
N VAL A 146 -2.25 21.92 17.54
CA VAL A 146 -2.80 21.33 18.79
C VAL A 146 -1.71 20.58 19.57
N ASP A 147 -1.32 21.12 20.72
CA ASP A 147 -0.24 20.54 21.52
C ASP A 147 -0.71 19.67 22.67
N GLU A 148 -1.98 19.85 23.12
CA GLU A 148 -2.55 19.05 24.20
C GLU A 148 -3.17 17.75 23.71
N TRP A 149 -2.70 16.62 24.27
CA TRP A 149 -3.21 15.27 24.00
C TRP A 149 -3.27 14.94 22.51
N ASN A 150 -2.24 15.39 21.75
CA ASN A 150 -2.13 15.14 20.32
C ASN A 150 -1.70 13.70 20.08
N ILE A 151 -2.64 12.89 19.66
CA ILE A 151 -2.42 11.47 19.46
C ILE A 151 -1.26 11.26 18.49
N GLY A 152 -1.10 12.20 17.57
CA GLY A 152 0.00 12.17 16.62
C GLY A 152 1.36 12.29 17.29
N ARG A 153 1.47 13.14 18.30
CA ARG A 153 2.73 13.34 19.02
C ARG A 153 2.60 13.39 20.55
N LEU A 154 2.38 12.26 21.19
CA LEU A 154 2.26 12.21 22.65
C LEU A 154 3.54 12.55 23.42
N ARG A 155 4.65 12.14 22.86
CA ARG A 155 6.02 12.33 23.36
C ARG A 155 6.32 11.57 24.67
N THR A 156 5.75 10.36 24.82
CA THR A 156 5.98 9.46 25.97
C THR A 156 7.31 8.71 25.77
N ILE A 157 7.67 7.79 26.70
CA ILE A 157 8.93 7.04 26.60
C ILE A 157 8.90 6.02 25.42
N LEU A 158 7.73 5.75 24.84
CA LEU A 158 7.60 4.85 23.70
C LEU A 158 8.35 5.38 22.45
N ASP A 159 8.63 6.71 22.40
CA ASP A 159 9.33 7.36 21.28
C ASP A 159 10.76 6.86 21.11
N LEU A 160 11.31 6.20 22.15
CA LEU A 160 12.63 5.58 22.13
C LEU A 160 12.69 4.38 21.14
N VAL A 161 11.53 3.84 20.70
CA VAL A 161 11.45 2.69 19.79
C VAL A 161 12.16 2.97 18.44
N VAL A 172 3.52 1.56 15.67
CA VAL A 172 2.98 1.33 17.02
C VAL A 172 2.85 2.65 17.82
N ASN A 173 3.64 3.69 17.43
CA ASN A 173 3.62 5.05 18.00
C ASN A 173 3.02 6.05 16.97
N THR A 174 2.38 5.53 15.90
CA THR A 174 1.73 6.32 14.84
C THR A 174 0.20 6.28 15.00
N PRO A 175 -0.57 7.31 14.57
CA PRO A 175 -2.02 7.26 14.78
C PRO A 175 -2.78 6.51 13.71
N TYR A 176 -3.93 5.94 14.12
CA TYR A 176 -4.87 5.21 13.28
C TYR A 176 -6.24 5.74 13.50
N LEU A 177 -7.02 5.84 12.42
CA LEU A 177 -8.42 6.26 12.41
C LEU A 177 -9.29 5.06 12.17
N TYR A 178 -10.45 5.03 12.81
CA TYR A 178 -11.42 3.96 12.72
C TYR A 178 -12.74 4.62 12.45
N PHE A 179 -13.33 4.29 11.31
CA PHE A 179 -14.63 4.78 10.89
C PHE A 179 -15.62 3.67 11.17
N GLY A 180 -16.51 3.88 12.14
CA GLY A 180 -17.45 2.83 12.51
C GLY A 180 -18.84 2.98 11.97
N MET A 181 -19.58 1.89 11.94
CA MET A 181 -21.01 1.86 11.64
C MET A 181 -21.66 0.99 12.70
N TRP A 182 -23.01 0.98 12.77
CA TRP A 182 -23.72 0.17 13.77
C TRP A 182 -23.22 -1.27 13.77
N LYS A 183 -22.93 -1.83 14.95
CA LYS A 183 -22.59 -3.25 15.12
C LYS A 183 -21.15 -3.62 14.73
N THR A 184 -20.30 -2.68 14.30
CA THR A 184 -18.90 -3.02 14.05
C THR A 184 -18.28 -3.22 15.41
N SER A 185 -17.38 -4.17 15.52
CA SER A 185 -16.79 -4.54 16.79
C SER A 185 -15.31 -4.73 16.84
N PHE A 186 -14.79 -4.62 18.05
CA PHE A 186 -13.41 -4.90 18.35
C PHE A 186 -13.50 -6.01 19.39
N ALA A 187 -12.84 -7.12 19.10
CA ALA A 187 -12.83 -8.31 19.93
C ALA A 187 -11.95 -8.17 21.15
N TRP A 188 -12.06 -9.13 22.07
CA TRP A 188 -11.26 -9.10 23.29
C TRP A 188 -9.76 -9.18 22.99
N HIS A 189 -9.02 -8.23 23.53
CA HIS A 189 -7.58 -8.11 23.35
C HIS A 189 -6.98 -7.15 24.35
N THR A 190 -5.65 -7.12 24.37
CA THR A 190 -4.84 -6.22 25.18
C THR A 190 -3.98 -5.59 24.11
N GLU A 191 -3.35 -4.47 24.40
CA GLU A 191 -2.54 -3.82 23.37
C GLU A 191 -1.34 -4.61 22.91
N ASP A 192 -0.78 -4.28 21.74
CA ASP A 192 0.43 -4.99 21.31
C ASP A 192 1.50 -4.66 22.33
N MET A 193 2.28 -5.69 22.78
CA MET A 193 3.33 -5.60 23.80
C MET A 193 2.79 -5.19 25.17
N ASP A 194 1.48 -5.38 25.39
CA ASP A 194 0.73 -4.99 26.60
C ASP A 194 0.97 -3.53 26.97
N LEU A 195 0.92 -2.69 25.96
CA LEU A 195 1.10 -1.27 26.05
C LEU A 195 -0.19 -0.56 26.44
N TYR A 196 -0.10 0.73 26.67
CA TYR A 196 -1.23 1.59 26.97
C TYR A 196 -1.79 2.03 25.63
N SER A 197 -3.02 2.52 25.64
CA SER A 197 -3.62 3.09 24.47
C SER A 197 -4.52 4.26 24.81
N ILE A 198 -4.68 5.15 23.85
CA ILE A 198 -5.52 6.34 23.93
C ILE A 198 -6.42 6.28 22.72
N ASN A 199 -7.73 6.50 22.95
CA ASN A 199 -8.74 6.50 21.92
C ASN A 199 -9.59 7.78 22.06
N TYR A 200 -9.62 8.62 21.03
CA TYR A 200 -10.43 9.83 20.99
C TYR A 200 -11.59 9.64 20.02
N LEU A 201 -12.82 9.87 20.48
CA LEU A 201 -13.97 9.77 19.59
C LEU A 201 -14.19 11.15 18.97
N HIS A 202 -13.70 11.35 17.73
CA HIS A 202 -13.80 12.62 17.03
C HIS A 202 -15.23 13.13 16.84
N PHE A 203 -16.11 12.29 16.27
CA PHE A 203 -17.50 12.67 16.00
C PHE A 203 -18.36 11.43 15.91
N GLY A 204 -19.68 11.67 15.89
CA GLY A 204 -20.69 10.66 15.60
C GLY A 204 -21.24 9.91 16.78
N GLU A 205 -21.87 8.77 16.45
CA GLU A 205 -22.52 7.88 17.38
C GLU A 205 -21.56 7.26 18.41
N PRO A 206 -22.02 6.93 19.62
CA PRO A 206 -21.09 6.39 20.63
C PRO A 206 -20.40 5.06 20.29
N LYS A 207 -19.48 4.72 21.18
CA LYS A 207 -18.69 3.51 21.14
C LYS A 207 -18.77 2.93 22.56
N SER A 208 -19.29 1.71 22.70
CA SER A 208 -19.41 1.01 23.98
C SER A 208 -18.23 0.07 24.21
N TRP A 209 -17.76 -0.02 25.44
CA TRP A 209 -16.57 -0.74 25.87
C TRP A 209 -16.86 -1.67 27.02
N TYR A 210 -16.14 -2.79 27.06
CA TYR A 210 -16.16 -3.73 28.17
C TYR A 210 -14.72 -3.89 28.57
N SER A 211 -14.42 -3.96 29.85
CA SER A 211 -13.04 -4.16 30.29
C SER A 211 -12.94 -5.17 31.40
N VAL A 212 -11.82 -5.92 31.45
CA VAL A 212 -11.56 -6.86 32.54
C VAL A 212 -10.38 -6.24 33.30
N PRO A 213 -10.43 -6.12 34.67
CA PRO A 213 -9.27 -5.57 35.40
C PRO A 213 -7.97 -6.35 35.08
N PRO A 214 -6.82 -5.67 34.85
CA PRO A 214 -5.56 -6.43 34.63
C PRO A 214 -5.32 -7.54 35.67
N GLU A 215 -5.65 -7.30 36.96
CA GLU A 215 -5.50 -8.31 38.02
C GLU A 215 -6.32 -9.60 37.78
N HIS A 216 -7.34 -9.54 36.88
CA HIS A 216 -8.19 -10.70 36.52
C HIS A 216 -8.01 -11.17 35.06
N GLY A 217 -7.06 -10.57 34.35
CA GLY A 217 -6.76 -10.86 32.95
C GLY A 217 -6.49 -12.32 32.64
N LYS A 218 -5.72 -13.00 33.51
CA LYS A 218 -5.39 -14.43 33.42
C LYS A 218 -6.63 -15.31 33.51
N ARG A 219 -7.70 -14.84 34.19
CA ARG A 219 -8.98 -15.53 34.31
C ARG A 219 -9.72 -15.53 32.97
N LEU A 220 -9.67 -14.42 32.25
CA LEU A 220 -10.28 -14.32 30.94
C LEU A 220 -9.55 -15.25 29.98
N GLU A 221 -8.21 -15.16 29.92
CA GLU A 221 -7.40 -16.04 29.05
C GLU A 221 -7.71 -17.52 29.30
N ARG A 222 -7.78 -17.94 30.59
CA ARG A 222 -8.07 -19.33 30.98
C ARG A 222 -9.46 -19.73 30.49
N LEU A 223 -10.44 -18.80 30.53
CA LEU A 223 -11.80 -19.04 30.02
C LEU A 223 -11.79 -19.17 28.48
N ALA A 224 -11.10 -18.23 27.80
CA ALA A 224 -10.95 -18.22 26.34
C ALA A 224 -10.28 -19.52 25.83
N LYS A 225 -9.20 -19.98 26.50
CA LYS A 225 -8.45 -21.22 26.21
C LYS A 225 -9.34 -22.46 26.35
N GLY A 226 -10.22 -22.47 27.36
CA GLY A 226 -11.17 -23.55 27.57
C GLY A 226 -12.22 -23.64 26.46
N PHE A 227 -12.69 -22.48 25.96
CA PHE A 227 -13.70 -22.46 24.90
C PHE A 227 -13.15 -22.60 23.49
N PHE A 228 -11.87 -22.23 23.25
CA PHE A 228 -11.26 -22.37 21.92
C PHE A 228 -9.97 -23.16 22.03
N PRO A 229 -10.07 -24.50 22.28
CA PRO A 229 -8.83 -25.28 22.47
C PRO A 229 -7.91 -25.32 21.27
N GLY A 230 -8.49 -25.44 20.06
CA GLY A 230 -7.76 -25.50 18.79
C GLY A 230 -6.90 -24.27 18.57
N SER A 231 -7.50 -23.09 18.80
CA SER A 231 -6.85 -21.78 18.70
C SER A 231 -5.67 -21.67 19.69
N ALA A 232 -5.86 -22.19 20.92
CA ALA A 232 -4.87 -22.20 22.00
C ALA A 232 -3.63 -23.07 21.69
N GLN A 233 -3.82 -24.20 20.97
CA GLN A 233 -2.70 -25.07 20.59
C GLN A 233 -1.86 -24.43 19.49
N SER A 234 -2.53 -23.74 18.52
CA SER A 234 -1.91 -23.08 17.36
C SER A 234 -1.09 -21.86 17.76
N CYS A 235 -1.57 -21.11 18.77
CA CYS A 235 -0.97 -19.87 19.27
C CYS A 235 -1.07 -19.77 20.80
N GLU A 236 0.02 -19.30 21.46
CA GLU A 236 0.08 -19.09 22.92
C GLU A 236 -0.61 -17.78 23.31
N ALA A 237 -0.96 -16.93 22.32
CA ALA A 237 -1.60 -15.65 22.53
C ALA A 237 -2.65 -15.42 21.43
N PHE A 238 -3.56 -16.40 21.25
CA PHE A 238 -4.59 -16.38 20.21
C PHE A 238 -5.55 -15.19 20.31
N LEU A 239 -5.77 -14.64 21.53
CA LEU A 239 -6.62 -13.46 21.70
C LEU A 239 -6.07 -12.23 20.94
N ARG A 240 -4.75 -12.17 20.67
CA ARG A 240 -4.07 -11.08 19.92
C ARG A 240 -4.44 -11.07 18.42
N HIS A 241 -5.13 -12.14 17.92
CA HIS A 241 -5.64 -12.21 16.54
C HIS A 241 -6.87 -11.30 16.44
N LYS A 242 -7.45 -10.90 17.59
CA LYS A 242 -8.61 -10.00 17.75
C LYS A 242 -9.86 -10.54 17.03
N MET A 243 -10.11 -11.85 17.19
CA MET A 243 -11.23 -12.53 16.54
C MET A 243 -12.27 -13.04 17.55
N THR A 244 -11.96 -12.97 18.84
CA THR A 244 -12.78 -13.60 19.87
C THR A 244 -13.72 -12.63 20.59
N LEU A 245 -15.01 -12.87 20.42
CA LEU A 245 -16.06 -12.08 21.07
C LEU A 245 -16.73 -12.97 22.11
N ILE A 246 -16.86 -12.44 23.34
CA ILE A 246 -17.46 -13.12 24.50
C ILE A 246 -18.42 -12.11 25.14
N SER A 247 -19.69 -12.50 25.30
CA SER A 247 -20.71 -11.61 25.87
C SER A 247 -20.60 -11.35 27.39
N PRO A 248 -21.10 -10.19 27.87
CA PRO A 248 -21.09 -9.93 29.31
C PRO A 248 -21.77 -11.05 30.14
N LEU A 249 -22.87 -11.67 29.60
CA LEU A 249 -23.61 -12.75 30.28
C LEU A 249 -22.76 -13.98 30.45
N MET A 250 -21.90 -14.29 29.46
CA MET A 250 -20.99 -15.43 29.49
C MET A 250 -19.88 -15.17 30.52
N LEU A 251 -19.38 -13.91 30.61
CA LEU A 251 -18.37 -13.51 31.60
C LEU A 251 -18.97 -13.66 33.00
N LYS A 252 -20.24 -13.28 33.17
CA LYS A 252 -20.98 -13.39 34.43
C LYS A 252 -21.15 -14.85 34.85
N LYS A 253 -21.54 -15.72 33.88
CA LYS A 253 -21.75 -17.15 34.09
C LYS A 253 -20.48 -17.84 34.60
N TYR A 254 -19.30 -17.33 34.22
CA TYR A 254 -18.03 -17.94 34.62
C TYR A 254 -17.22 -17.10 35.59
N GLY A 255 -17.89 -16.17 36.26
CA GLY A 255 -17.29 -15.35 37.31
C GLY A 255 -16.12 -14.47 36.92
N ILE A 256 -16.08 -14.02 35.67
CA ILE A 256 -15.04 -13.11 35.21
C ILE A 256 -15.46 -11.66 35.60
N PRO A 257 -14.73 -10.95 36.47
CA PRO A 257 -15.11 -9.55 36.79
C PRO A 257 -14.90 -8.63 35.59
N PHE A 258 -15.83 -7.70 35.35
CA PHE A 258 -15.74 -6.77 34.22
C PHE A 258 -16.54 -5.52 34.51
N ASP A 259 -16.39 -4.49 33.70
CA ASP A 259 -17.18 -3.29 33.83
C ASP A 259 -17.49 -2.85 32.41
N LYS A 260 -18.47 -1.99 32.25
CA LYS A 260 -18.84 -1.49 30.95
C LYS A 260 -18.96 0.01 31.00
N VAL A 261 -18.65 0.67 29.87
CA VAL A 261 -18.71 2.12 29.74
C VAL A 261 -19.02 2.47 28.29
N THR A 262 -19.74 3.58 28.08
CA THR A 262 -20.08 4.11 26.76
C THR A 262 -19.29 5.39 26.59
N GLN A 263 -18.51 5.45 25.53
CA GLN A 263 -17.72 6.62 25.16
C GLN A 263 -18.53 7.48 24.16
N GLU A 264 -18.67 8.75 24.44
CA GLU A 264 -19.38 9.65 23.52
C GLU A 264 -18.45 10.58 22.82
N ALA A 265 -18.91 11.24 21.74
CA ALA A 265 -18.09 12.12 20.93
C ALA A 265 -17.42 13.17 21.80
N GLY A 266 -16.12 13.39 21.55
CA GLY A 266 -15.31 14.35 22.29
C GLY A 266 -14.73 13.82 23.58
N GLU A 267 -14.79 12.49 23.80
CA GLU A 267 -14.26 11.84 25.02
C GLU A 267 -13.11 10.94 24.69
N PHE A 268 -12.13 10.84 25.61
CA PHE A 268 -10.97 9.97 25.49
C PHE A 268 -11.19 8.70 26.32
N MET A 269 -10.70 7.57 25.83
CA MET A 269 -10.62 6.32 26.60
C MET A 269 -9.17 5.98 26.68
N ILE A 270 -8.73 5.61 27.88
CA ILE A 270 -7.35 5.19 28.11
C ILE A 270 -7.44 3.73 28.50
N THR A 271 -6.66 2.88 27.84
CA THR A 271 -6.54 1.47 28.20
C THR A 271 -5.16 1.32 28.85
N PHE A 272 -5.09 0.43 29.85
CA PHE A 272 -3.89 0.24 30.66
C PHE A 272 -3.17 -1.05 30.32
N PRO A 273 -1.84 -1.15 30.61
CA PRO A 273 -1.12 -2.42 30.35
C PRO A 273 -1.80 -3.65 30.93
N TYR A 274 -2.06 -4.64 30.04
CA TYR A 274 -2.70 -5.92 30.35
C TYR A 274 -4.20 -5.75 30.72
N GLY A 275 -4.82 -4.70 30.17
CA GLY A 275 -6.24 -4.43 30.35
C GLY A 275 -7.01 -4.93 29.14
N TYR A 276 -7.67 -6.09 29.26
CA TYR A 276 -8.48 -6.71 28.21
C TYR A 276 -9.72 -5.88 27.94
N HIS A 277 -9.96 -5.53 26.67
CA HIS A 277 -11.14 -4.76 26.28
C HIS A 277 -11.75 -5.26 25.01
N ALA A 278 -13.05 -5.02 24.86
CA ALA A 278 -13.85 -5.35 23.69
C ALA A 278 -14.95 -4.29 23.62
N GLY A 279 -15.71 -4.32 22.55
CA GLY A 279 -16.81 -3.36 22.41
C GLY A 279 -17.35 -3.26 21.01
N PHE A 280 -18.25 -2.31 20.80
CA PHE A 280 -18.94 -2.10 19.52
C PHE A 280 -19.32 -0.65 19.34
N ASN A 281 -19.58 -0.27 18.07
CA ASN A 281 -19.99 1.06 17.65
C ASN A 281 -21.49 1.12 17.52
N HIS A 282 -22.10 2.20 18.04
CA HIS A 282 -23.54 2.40 18.02
C HIS A 282 -24.04 2.82 16.66
N GLY A 283 -23.19 3.40 15.85
CA GLY A 283 -23.57 3.92 14.53
C GLY A 283 -22.36 4.56 13.91
N PHE A 284 -22.58 5.39 12.87
CA PHE A 284 -21.51 6.09 12.15
C PHE A 284 -20.68 7.00 13.07
N ASN A 285 -19.37 6.73 13.14
CA ASN A 285 -18.48 7.51 13.98
C ASN A 285 -17.04 7.48 13.45
N CYS A 286 -16.14 8.19 14.12
CA CYS A 286 -14.73 8.21 13.80
C CYS A 286 -13.96 8.41 15.10
N ALA A 287 -13.06 7.46 15.39
CA ALA A 287 -12.14 7.42 16.54
C ALA A 287 -10.72 7.44 16.05
N GLU A 288 -9.84 8.06 16.84
CA GLU A 288 -8.40 8.10 16.54
C GLU A 288 -7.74 7.43 17.72
N SER A 289 -6.69 6.64 17.44
CA SER A 289 -6.02 5.81 18.43
C SER A 289 -4.52 5.66 18.18
N THR A 290 -3.78 5.47 19.28
CA THR A 290 -2.36 5.15 19.32
C THR A 290 -2.01 4.47 20.62
N ASN A 291 -0.79 3.92 20.69
CA ASN A 291 -0.24 3.30 21.87
C ASN A 291 0.73 4.27 22.45
N PHE A 292 0.95 4.17 23.75
CA PHE A 292 1.93 4.97 24.46
C PHE A 292 2.42 4.15 25.64
N ALA A 293 3.39 4.68 26.38
CA ALA A 293 3.95 3.99 27.55
C ALA A 293 4.29 4.97 28.67
N THR A 294 4.55 4.42 29.87
CA THR A 294 5.03 5.12 31.06
C THR A 294 6.14 4.19 31.55
N ARG A 295 6.88 4.60 32.58
CA ARG A 295 7.93 3.78 33.21
C ARG A 295 7.40 2.40 33.67
N ARG A 296 6.11 2.34 34.12
CA ARG A 296 5.40 1.14 34.59
C ARG A 296 5.26 0.05 33.52
N TRP A 297 5.07 0.45 32.26
CA TRP A 297 4.88 -0.50 31.18
C TRP A 297 6.09 -1.38 30.90
N ILE A 298 7.33 -0.86 31.16
CA ILE A 298 8.58 -1.57 30.86
C ILE A 298 8.51 -3.04 31.29
N GLU A 299 8.11 -3.31 32.55
CA GLU A 299 7.98 -4.66 33.07
C GLU A 299 6.94 -5.48 32.33
N TYR A 300 5.81 -4.85 31.96
CA TYR A 300 4.74 -5.50 31.16
C TYR A 300 5.27 -5.91 29.78
N GLY A 301 6.05 -5.02 29.15
CA GLY A 301 6.64 -5.24 27.84
C GLY A 301 7.61 -6.40 27.80
N LYS A 302 8.45 -6.53 28.87
CA LYS A 302 9.41 -7.61 29.09
C LYS A 302 8.71 -8.96 29.26
N GLN A 303 7.54 -8.97 29.93
CA GLN A 303 6.77 -10.16 30.27
C GLN A 303 5.59 -10.50 29.33
N ALA A 304 5.39 -9.71 28.26
CA ALA A 304 4.26 -9.89 27.33
C ALA A 304 4.30 -11.22 26.57
N VAL A 305 3.19 -12.00 26.59
CA VAL A 305 3.13 -13.26 25.83
C VAL A 305 2.68 -12.85 24.41
N LEU A 306 3.54 -13.09 23.41
CA LEU A 306 3.28 -12.66 22.04
C LEU A 306 2.73 -13.75 21.13
N CYS A 307 2.03 -13.33 20.06
CA CYS A 307 1.50 -14.26 19.06
C CYS A 307 2.67 -14.85 18.31
N SER A 308 2.81 -16.19 18.42
CA SER A 308 3.89 -17.02 17.87
C SER A 308 3.58 -17.65 16.51
N CYS A 309 2.37 -17.43 15.97
CA CYS A 309 1.94 -18.04 14.72
C CYS A 309 1.96 -17.08 13.50
N ARG A 310 2.28 -15.79 13.73
CA ARG A 310 2.30 -14.79 12.65
N MET A 313 3.71 -10.34 13.56
CA MET A 313 3.09 -9.63 14.68
C MET A 313 3.95 -8.45 15.14
N VAL A 314 3.41 -7.60 16.05
CA VAL A 314 4.11 -6.43 16.61
C VAL A 314 4.99 -6.88 17.79
N LYS A 315 6.29 -6.61 17.68
CA LYS A 315 7.28 -6.97 18.68
C LYS A 315 8.27 -5.82 18.84
N ILE A 316 8.41 -5.32 20.08
CA ILE A 316 9.36 -4.25 20.41
C ILE A 316 10.55 -4.86 21.15
N SER A 317 11.79 -4.47 20.79
CA SER A 317 12.94 -4.98 21.53
C SER A 317 13.02 -4.21 22.85
N MET A 318 12.97 -4.92 23.98
CA MET A 318 12.97 -4.29 25.31
C MET A 318 14.32 -3.82 25.84
N ASP A 319 15.45 -4.25 25.22
CA ASP A 319 16.81 -3.90 25.65
C ASP A 319 17.02 -2.40 25.90
N VAL A 320 16.68 -1.53 24.92
CA VAL A 320 16.79 -0.07 25.00
C VAL A 320 16.04 0.53 26.25
N PHE A 321 14.88 -0.05 26.62
CA PHE A 321 14.10 0.41 27.79
C PHE A 321 14.76 -0.04 29.10
N VAL A 322 15.21 -1.31 29.14
CA VAL A 322 15.88 -1.92 30.31
C VAL A 322 17.22 -1.23 30.57
N ARG A 323 18.06 -1.00 29.54
CA ARG A 323 19.36 -0.33 29.73
C ARG A 323 19.23 1.11 30.27
N LYS A 324 18.16 1.82 29.85
CA LYS A 324 17.89 3.20 30.25
C LYS A 324 17.17 3.34 31.60
N PHE A 325 16.11 2.54 31.84
CA PHE A 325 15.28 2.68 33.06
C PHE A 325 15.46 1.59 34.13
N GLN A 326 16.14 0.48 33.80
CA GLN A 326 16.43 -0.58 34.78
C GLN A 326 17.93 -0.97 34.63
N PRO A 327 18.90 -0.01 34.68
CA PRO A 327 20.32 -0.38 34.48
C PRO A 327 20.84 -1.44 35.43
N GLU A 328 20.43 -1.37 36.71
CA GLU A 328 20.78 -2.30 37.78
C GLU A 328 20.37 -3.75 37.47
N ARG A 329 19.28 -3.91 36.69
CA ARG A 329 18.69 -5.19 36.29
C ARG A 329 19.06 -5.60 34.87
N TYR A 330 19.62 -4.68 34.05
CA TYR A 330 19.94 -4.94 32.64
C TYR A 330 20.77 -6.22 32.40
N LYS A 331 21.95 -6.36 33.05
CA LYS A 331 22.78 -7.57 32.90
C LYS A 331 22.06 -8.81 33.46
N LEU A 332 21.32 -8.65 34.58
CA LEU A 332 20.54 -9.71 35.22
C LEU A 332 19.42 -10.22 34.29
N TRP A 333 18.70 -9.30 33.61
CA TRP A 333 17.61 -9.59 32.68
C TRP A 333 18.10 -10.27 31.40
N LYS A 334 19.22 -9.78 30.82
CA LYS A 334 19.85 -10.33 29.61
C LYS A 334 20.28 -11.80 29.81
N ALA A 335 20.61 -12.16 31.06
CA ALA A 335 21.00 -13.50 31.50
C ALA A 335 19.79 -14.40 31.81
N GLY A 336 18.59 -13.82 31.85
CA GLY A 336 17.35 -14.53 32.13
C GLY A 336 17.13 -14.78 33.61
N LYS A 337 17.63 -13.87 34.48
CA LYS A 337 17.50 -13.98 35.94
C LYS A 337 16.53 -12.95 36.57
N ASP A 338 15.88 -12.10 35.75
CA ASP A 338 14.93 -11.11 36.29
C ASP A 338 13.59 -11.78 36.59
N ASN A 339 13.46 -12.31 37.82
CA ASN A 339 12.27 -13.02 38.29
C ASN A 339 11.17 -12.08 38.85
N THR A 340 11.23 -10.76 38.53
CA THR A 340 10.29 -9.71 38.95
C THR A 340 8.83 -10.12 38.70
N VAL A 341 8.01 -10.08 39.76
CA VAL A 341 6.58 -10.40 39.66
C VAL A 341 5.79 -9.07 39.70
N ILE A 342 5.01 -8.80 38.62
CA ILE A 342 4.21 -7.58 38.43
C ILE A 342 3.06 -7.42 39.44
N ASP A 343 3.03 -6.28 40.17
CA ASP A 343 1.89 -5.96 41.04
C ASP A 343 0.99 -5.00 40.23
N HIS A 344 -0.17 -5.50 39.75
CA HIS A 344 -1.10 -4.74 38.90
C HIS A 344 -1.75 -3.53 39.58
N THR A 345 -1.80 -3.55 40.93
CA THR A 345 -2.44 -2.52 41.74
C THR A 345 -1.54 -1.27 41.95
N LEU A 346 -0.22 -1.43 41.78
CA LEU A 346 0.78 -0.38 41.95
C LEU A 346 0.73 0.65 40.82
N PRO A 347 0.63 1.98 41.14
CA PRO A 347 0.63 2.99 40.08
C PRO A 347 2.04 3.21 39.53
N THR A 348 2.14 3.94 38.39
CA THR A 348 3.42 4.22 37.75
C THR A 348 4.38 5.00 38.71
N PRO A 349 5.73 4.82 38.65
CA PRO A 349 6.62 5.56 39.58
C PRO A 349 6.43 7.09 39.57
N GLU A 350 6.09 7.67 38.39
CA GLU A 350 5.82 9.10 38.13
C GLU A 350 4.59 9.63 38.92
N ALA A 351 3.83 8.72 39.56
CA ALA A 351 2.66 9.10 40.36
C ALA A 351 3.07 9.54 41.79
N ALA A 352 4.38 9.44 42.13
CA ALA A 352 4.94 9.81 43.45
C ALA A 352 4.54 11.20 43.96
N GLU A 353 4.56 12.23 43.07
CA GLU A 353 4.21 13.63 43.41
C GLU A 353 2.73 13.78 43.84
N PHE A 354 1.89 12.80 43.47
CA PHE A 354 0.46 12.76 43.81
C PHE A 354 0.18 11.79 44.98
N LEU A 355 1.22 11.04 45.40
CA LEU A 355 1.17 10.08 46.52
C LEU A 355 2.17 10.48 47.59
N THR B 8 21.53 8.61 -17.34
CA THR B 8 22.65 7.82 -16.83
C THR B 8 22.63 6.38 -17.38
N LEU B 9 21.50 5.67 -17.21
CA LEU B 9 21.30 4.31 -17.75
C LEU B 9 20.58 4.46 -19.09
N ASN B 10 21.16 3.86 -20.17
CA ASN B 10 20.71 3.97 -21.56
C ASN B 10 20.59 5.47 -21.94
N PRO B 11 21.69 6.25 -21.81
CA PRO B 11 21.59 7.72 -22.07
C PRO B 11 21.28 8.11 -23.52
N SER B 12 21.58 7.20 -24.47
CA SER B 12 21.30 7.40 -25.90
C SER B 12 19.85 7.00 -26.23
N ALA B 13 19.14 6.35 -25.28
CA ALA B 13 17.75 5.87 -25.43
C ALA B 13 17.59 4.90 -26.63
N ARG B 14 18.59 4.03 -26.84
CA ARG B 14 18.53 3.06 -27.95
C ARG B 14 17.78 1.79 -27.54
N ILE B 15 17.15 1.09 -28.51
CA ILE B 15 16.41 -0.16 -28.27
C ILE B 15 17.37 -1.25 -27.73
N MET B 16 17.07 -1.78 -26.52
CA MET B 16 17.89 -2.83 -25.90
C MET B 16 17.24 -4.19 -26.09
N THR B 17 18.08 -5.24 -26.13
CA THR B 17 17.64 -6.63 -26.30
C THR B 17 18.10 -7.39 -25.08
N PHE B 18 17.23 -8.22 -24.53
CA PHE B 18 17.53 -9.00 -23.32
C PHE B 18 17.40 -10.48 -23.59
N TYR B 19 18.30 -11.26 -22.97
CA TYR B 19 18.32 -12.70 -23.10
C TYR B 19 18.15 -13.38 -21.73
N PRO B 20 16.95 -13.32 -21.10
CA PRO B 20 16.79 -13.98 -19.78
C PRO B 20 16.96 -15.50 -19.81
N THR B 21 17.49 -16.05 -18.69
CA THR B 21 17.62 -17.47 -18.45
C THR B 21 16.20 -17.89 -18.06
N MET B 22 15.97 -19.20 -17.91
CA MET B 22 14.66 -19.73 -17.49
C MET B 22 14.27 -19.19 -16.09
N GLU B 23 15.25 -19.08 -15.17
CA GLU B 23 15.07 -18.57 -13.82
C GLU B 23 14.59 -17.11 -13.81
N GLU B 24 15.29 -16.22 -14.56
CA GLU B 24 14.88 -14.81 -14.70
C GLU B 24 13.55 -14.67 -15.47
N PHE B 25 13.32 -15.54 -16.47
CA PHE B 25 12.14 -15.49 -17.32
C PHE B 25 10.82 -15.81 -16.60
N ARG B 26 10.86 -16.70 -15.63
CA ARG B 26 9.70 -17.15 -14.86
C ARG B 26 8.83 -16.03 -14.26
N ASN B 27 9.44 -14.99 -13.67
CA ASN B 27 8.65 -13.89 -13.07
C ASN B 27 8.54 -12.70 -14.03
N PHE B 28 7.40 -12.60 -14.74
CA PHE B 28 7.14 -11.53 -15.73
C PHE B 28 7.30 -10.13 -15.20
N SER B 29 6.53 -9.76 -14.15
CA SER B 29 6.54 -8.44 -13.53
C SER B 29 7.91 -8.05 -12.99
N ARG B 30 8.62 -8.99 -12.33
CA ARG B 30 9.98 -8.77 -11.83
C ARG B 30 10.91 -8.52 -13.02
N TYR B 31 10.77 -9.26 -14.11
CA TYR B 31 11.63 -9.03 -15.28
C TYR B 31 11.42 -7.67 -15.90
N ILE B 32 10.18 -7.20 -15.92
CA ILE B 32 9.88 -5.90 -16.46
C ILE B 32 10.61 -4.84 -15.63
N ALA B 33 10.60 -5.01 -14.31
CA ALA B 33 11.27 -4.10 -13.39
C ALA B 33 12.77 -4.13 -13.64
N TYR B 34 13.32 -5.32 -13.85
CA TYR B 34 14.74 -5.49 -14.19
C TYR B 34 15.12 -4.76 -15.49
N ILE B 35 14.33 -4.91 -16.59
CA ILE B 35 14.69 -4.24 -17.85
C ILE B 35 14.64 -2.69 -17.71
N GLU B 36 13.72 -2.15 -16.90
CA GLU B 36 13.66 -0.73 -16.58
C GLU B 36 14.87 -0.27 -15.75
N SER B 37 15.40 -1.13 -14.82
CA SER B 37 16.59 -0.79 -14.01
C SER B 37 17.84 -0.61 -14.90
N GLN B 38 17.81 -1.21 -16.11
CA GLN B 38 18.85 -1.15 -17.14
C GLN B 38 18.61 -0.01 -18.13
N GLY B 39 17.52 0.73 -17.98
CA GLY B 39 17.15 1.88 -18.82
C GLY B 39 16.41 1.56 -20.12
N ALA B 40 15.94 0.31 -20.31
CA ALA B 40 15.23 -0.08 -21.53
C ALA B 40 14.02 0.80 -21.87
N HIS B 41 13.32 1.31 -20.83
CA HIS B 41 12.10 2.11 -21.01
C HIS B 41 12.33 3.40 -21.81
N ARG B 42 13.57 3.88 -21.83
CA ARG B 42 13.99 5.12 -22.47
C ARG B 42 13.82 5.14 -23.99
N ALA B 43 13.92 3.96 -24.66
CA ALA B 43 13.74 3.87 -26.10
C ALA B 43 12.25 3.83 -26.41
N GLY B 44 11.45 3.39 -25.43
CA GLY B 44 10.00 3.23 -25.56
C GLY B 44 9.64 1.84 -26.06
N LEU B 45 10.67 1.10 -26.51
CA LEU B 45 10.51 -0.25 -27.03
C LEU B 45 11.72 -1.09 -26.64
N ALA B 46 11.50 -2.37 -26.24
CA ALA B 46 12.56 -3.33 -25.88
C ALA B 46 12.25 -4.72 -26.49
N LYS B 47 13.28 -5.49 -26.76
CA LYS B 47 13.13 -6.86 -27.29
C LYS B 47 13.54 -7.84 -26.21
N VAL B 48 12.74 -8.88 -25.99
CA VAL B 48 13.08 -9.93 -25.02
C VAL B 48 13.10 -11.25 -25.76
N VAL B 49 14.27 -11.89 -25.79
CA VAL B 49 14.44 -13.18 -26.42
C VAL B 49 14.32 -14.23 -25.32
N PRO B 50 13.23 -15.04 -25.32
CA PRO B 50 13.04 -15.99 -24.23
C PRO B 50 14.03 -17.16 -24.31
N PRO B 51 14.27 -17.89 -23.19
CA PRO B 51 15.15 -19.07 -23.25
C PRO B 51 14.65 -20.10 -24.27
N LYS B 52 15.60 -20.78 -24.99
CA LYS B 52 15.33 -21.73 -26.08
C LYS B 52 14.38 -22.87 -25.71
N GLU B 53 14.50 -23.39 -24.47
CA GLU B 53 13.68 -24.47 -23.94
C GLU B 53 12.21 -24.06 -23.74
N TRP B 54 11.91 -22.73 -23.72
CA TRP B 54 10.54 -22.27 -23.55
C TRP B 54 9.79 -22.20 -24.88
N LYS B 55 8.54 -22.64 -24.89
CA LYS B 55 7.67 -22.61 -26.06
C LYS B 55 6.23 -22.37 -25.56
N PRO B 56 5.46 -21.43 -26.12
CA PRO B 56 4.08 -21.23 -25.62
C PRO B 56 3.06 -22.25 -26.18
N ARG B 57 3.46 -22.99 -27.20
CA ARG B 57 2.64 -23.97 -27.93
C ARG B 57 3.58 -24.97 -28.59
N ALA B 58 3.22 -26.27 -28.60
CA ALA B 58 4.04 -27.34 -29.19
C ALA B 58 4.15 -27.27 -30.71
N SER B 59 3.07 -26.84 -31.38
N SER B 59 3.05 -26.90 -31.40
CA SER B 59 3.02 -26.72 -32.84
CA SER B 59 2.98 -26.81 -32.86
C SER B 59 1.93 -25.75 -33.26
C SER B 59 1.87 -25.83 -33.30
N TYR B 60 2.06 -25.19 -34.47
CA TYR B 60 1.07 -24.27 -35.05
C TYR B 60 0.29 -24.96 -36.22
N ASP B 61 0.36 -26.28 -36.29
CA ASP B 61 -0.26 -27.08 -37.36
C ASP B 61 -1.77 -27.28 -37.22
N ASP B 62 -2.38 -26.72 -36.16
CA ASP B 62 -3.80 -26.96 -35.81
C ASP B 62 -4.68 -25.70 -35.69
N ILE B 63 -4.32 -24.61 -36.36
CA ILE B 63 -5.08 -23.36 -36.25
C ILE B 63 -5.83 -22.95 -37.52
N ASP B 64 -5.73 -23.72 -38.61
CA ASP B 64 -6.39 -23.42 -39.90
C ASP B 64 -7.88 -23.05 -39.82
N ASP B 65 -8.60 -23.62 -38.86
CA ASP B 65 -10.04 -23.39 -38.65
C ASP B 65 -10.34 -22.16 -37.81
N LEU B 66 -9.30 -21.52 -37.26
CA LEU B 66 -9.45 -20.28 -36.49
C LEU B 66 -10.06 -19.24 -37.42
N VAL B 67 -11.05 -18.51 -36.93
CA VAL B 67 -11.71 -17.50 -37.72
C VAL B 67 -11.28 -16.08 -37.37
N ILE B 68 -11.06 -15.29 -38.41
CA ILE B 68 -10.72 -13.89 -38.27
C ILE B 68 -12.07 -13.28 -38.60
N PRO B 69 -12.79 -12.75 -37.62
CA PRO B 69 -14.15 -12.23 -37.92
C PRO B 69 -14.21 -10.94 -38.74
N ALA B 70 -13.21 -10.07 -38.57
CA ALA B 70 -13.22 -8.77 -39.24
C ALA B 70 -11.89 -8.44 -39.91
N PRO B 71 -11.47 -9.17 -40.98
CA PRO B 71 -10.21 -8.79 -41.65
C PRO B 71 -10.36 -7.38 -42.24
N ILE B 72 -9.26 -6.63 -42.26
N ILE B 72 -9.25 -6.65 -42.28
CA ILE B 72 -9.25 -5.24 -42.75
CA ILE B 72 -9.26 -5.28 -42.77
C ILE B 72 -8.32 -5.04 -43.95
C ILE B 72 -8.33 -5.11 -43.99
N GLN B 73 -8.85 -4.50 -45.05
CA GLN B 73 -8.07 -4.16 -46.23
C GLN B 73 -7.51 -2.76 -45.91
N GLN B 74 -6.17 -2.61 -45.99
CA GLN B 74 -5.54 -1.34 -45.62
C GLN B 74 -5.25 -0.46 -46.84
N LEU B 75 -6.06 0.57 -46.99
CA LEU B 75 -5.98 1.54 -48.08
C LEU B 75 -5.10 2.68 -47.58
N VAL B 76 -3.98 2.94 -48.24
CA VAL B 76 -3.09 4.01 -47.80
C VAL B 76 -3.09 5.11 -48.86
N THR B 77 -3.17 6.36 -48.40
CA THR B 77 -3.14 7.54 -49.24
C THR B 77 -2.06 8.49 -48.76
N GLY B 78 -1.30 9.02 -49.70
CA GLY B 78 -0.27 9.97 -49.38
C GLY B 78 0.89 10.00 -50.32
N GLN B 79 1.91 10.75 -49.94
CA GLN B 79 3.13 10.91 -50.70
C GLN B 79 4.14 11.60 -49.80
N SER B 80 5.42 11.62 -50.24
CA SER B 80 6.54 12.33 -49.61
C SER B 80 6.74 11.95 -48.13
N GLY B 81 6.63 10.66 -47.81
CA GLY B 81 6.80 10.15 -46.46
C GLY B 81 5.65 10.39 -45.51
N LEU B 82 4.52 10.97 -45.99
CA LEU B 82 3.34 11.26 -45.18
C LEU B 82 2.12 10.56 -45.73
N PHE B 83 1.47 9.72 -44.90
CA PHE B 83 0.33 8.90 -45.33
C PHE B 83 -0.74 8.76 -44.30
N THR B 84 -1.97 8.54 -44.79
CA THR B 84 -3.14 8.24 -43.96
C THR B 84 -3.67 6.88 -44.40
N GLN B 85 -3.85 5.98 -43.44
CA GLN B 85 -4.34 4.63 -43.68
C GLN B 85 -5.82 4.54 -43.35
N TYR B 86 -6.60 4.01 -44.29
CA TYR B 86 -8.03 3.80 -44.14
C TYR B 86 -8.33 2.31 -44.10
N ASN B 87 -9.23 1.91 -43.22
CA ASN B 87 -9.60 0.51 -43.06
C ASN B 87 -10.90 0.18 -43.76
N ILE B 88 -10.89 -0.93 -44.50
CA ILE B 88 -12.07 -1.44 -45.15
C ILE B 88 -12.31 -2.81 -44.56
N GLN B 89 -13.41 -2.98 -43.80
CA GLN B 89 -13.76 -4.28 -43.21
C GLN B 89 -14.22 -5.24 -44.32
N LYS B 90 -13.63 -6.44 -44.33
CA LYS B 90 -13.99 -7.48 -45.29
C LYS B 90 -14.78 -8.56 -44.54
N LYS B 91 -15.36 -9.53 -45.25
CA LYS B 91 -16.10 -10.59 -44.57
C LYS B 91 -15.15 -11.54 -43.81
N ALA B 92 -15.68 -12.25 -42.77
CA ALA B 92 -14.93 -13.21 -41.96
C ALA B 92 -14.26 -14.25 -42.85
N MET B 93 -13.11 -14.75 -42.42
CA MET B 93 -12.37 -15.77 -43.16
C MET B 93 -11.54 -16.58 -42.21
N THR B 94 -11.22 -17.82 -42.57
CA THR B 94 -10.42 -18.67 -41.70
C THR B 94 -8.92 -18.34 -41.88
N VAL B 95 -8.07 -18.82 -40.97
CA VAL B 95 -6.63 -18.66 -41.08
C VAL B 95 -6.14 -19.39 -42.36
N ARG B 96 -6.77 -20.53 -42.72
CA ARG B 96 -6.44 -21.29 -43.93
C ARG B 96 -6.58 -20.40 -45.20
N GLU B 97 -7.71 -19.69 -45.33
CA GLU B 97 -8.03 -18.80 -46.45
C GLU B 97 -7.10 -17.62 -46.45
N PHE B 98 -6.81 -17.09 -45.23
CA PHE B 98 -5.94 -15.91 -45.06
C PHE B 98 -4.53 -16.23 -45.55
N ARG B 99 -3.96 -17.38 -45.10
CA ARG B 99 -2.62 -17.83 -45.46
C ARG B 99 -2.51 -18.03 -46.97
N LYS B 100 -3.58 -18.55 -47.62
CA LYS B 100 -3.65 -18.79 -49.06
C LYS B 100 -3.47 -17.46 -49.80
N ILE B 101 -4.29 -16.45 -49.43
CA ILE B 101 -4.22 -15.09 -49.98
C ILE B 101 -2.85 -14.45 -49.68
N ALA B 102 -2.40 -14.51 -48.41
CA ALA B 102 -1.11 -13.93 -47.99
C ALA B 102 0.10 -14.46 -48.84
N ASN B 103 0.09 -15.74 -49.20
CA ASN B 103 1.18 -16.35 -49.93
C ASN B 103 0.99 -16.38 -51.45
N SER B 104 -0.13 -15.81 -51.94
CA SER B 104 -0.46 -15.77 -53.38
C SER B 104 0.48 -14.83 -54.08
N ASP B 105 0.58 -14.93 -55.42
CA ASP B 105 1.40 -14.07 -56.28
C ASP B 105 1.04 -12.60 -56.11
N LYS B 106 -0.26 -12.31 -55.95
CA LYS B 106 -0.74 -10.94 -55.80
C LYS B 106 -0.27 -10.27 -54.49
N TYR B 107 -0.20 -11.04 -53.39
CA TYR B 107 0.10 -10.46 -52.09
C TYR B 107 1.41 -10.84 -51.45
N CYS B 108 2.11 -11.89 -51.94
CA CYS B 108 3.36 -12.35 -51.29
C CYS B 108 4.49 -11.30 -51.25
N THR B 109 5.45 -11.51 -50.31
CA THR B 109 6.64 -10.67 -50.14
C THR B 109 7.44 -10.56 -51.43
N PRO B 110 8.00 -9.39 -51.78
CA PRO B 110 8.89 -9.34 -52.96
C PRO B 110 10.27 -9.88 -52.59
N ARG B 111 11.05 -10.27 -53.59
CA ARG B 111 12.39 -10.82 -53.39
C ARG B 111 13.33 -9.73 -52.87
N TYR B 112 14.13 -10.06 -51.86
CA TYR B 112 15.06 -9.12 -51.29
C TYR B 112 16.25 -9.80 -50.63
N SER B 113 17.38 -9.11 -50.59
CA SER B 113 18.58 -9.66 -49.97
C SER B 113 18.78 -9.12 -48.55
N GLU B 114 18.67 -7.81 -48.40
CA GLU B 114 18.87 -7.15 -47.11
C GLU B 114 17.61 -6.41 -46.69
N PHE B 115 17.47 -6.17 -45.40
CA PHE B 115 16.30 -5.51 -44.82
C PHE B 115 16.08 -4.11 -45.39
N GLU B 116 17.13 -3.34 -45.58
CA GLU B 116 17.09 -1.97 -46.09
C GLU B 116 16.38 -1.90 -47.44
N GLU B 117 16.59 -2.94 -48.27
CA GLU B 117 15.99 -3.08 -49.59
C GLU B 117 14.48 -3.33 -49.43
N LEU B 118 14.09 -4.13 -48.42
CA LEU B 118 12.67 -4.42 -48.16
C LEU B 118 11.96 -3.23 -47.60
N GLU B 119 12.65 -2.48 -46.72
CA GLU B 119 12.15 -1.26 -46.12
C GLU B 119 11.92 -0.22 -47.24
N ARG B 120 12.84 -0.11 -48.20
CA ARG B 120 12.67 0.80 -49.35
C ARG B 120 11.44 0.42 -50.18
N LYS B 121 11.24 -0.91 -50.44
CA LYS B 121 10.08 -1.47 -51.17
C LYS B 121 8.76 -1.19 -50.48
N TYR B 122 8.76 -1.23 -49.15
CA TYR B 122 7.58 -0.90 -48.33
C TYR B 122 7.20 0.55 -48.49
N TRP B 123 8.14 1.49 -48.27
CA TRP B 123 7.84 2.93 -48.32
C TRP B 123 7.56 3.40 -49.75
N LYS B 124 8.03 2.66 -50.76
CA LYS B 124 7.74 3.04 -52.12
C LYS B 124 6.37 2.48 -52.56
N ASN B 125 5.94 1.30 -52.01
CA ASN B 125 4.73 0.65 -52.53
C ASN B 125 3.55 0.55 -51.60
N LEU B 126 3.64 1.14 -50.40
CA LEU B 126 2.54 1.01 -49.41
C LEU B 126 1.17 1.52 -49.87
N THR B 127 1.13 2.43 -50.88
CA THR B 127 -0.13 2.98 -51.37
C THR B 127 -0.71 2.10 -52.50
N PHE B 128 0.09 1.19 -53.06
CA PHE B 128 -0.35 0.32 -54.13
C PHE B 128 -0.84 -1.03 -53.58
N ASN B 129 -1.67 -1.73 -54.37
CA ASN B 129 -2.21 -3.05 -54.07
C ASN B 129 -2.56 -3.26 -52.57
N PRO B 130 -3.63 -2.58 -52.05
CA PRO B 130 -3.98 -2.70 -50.62
C PRO B 130 -4.06 -4.12 -50.04
N PRO B 131 -3.25 -4.43 -49.01
CA PRO B 131 -3.26 -5.78 -48.45
C PRO B 131 -4.38 -5.96 -47.42
N ILE B 132 -4.51 -7.21 -46.92
CA ILE B 132 -5.48 -7.54 -45.87
C ILE B 132 -4.75 -7.95 -44.58
N TYR B 133 -5.09 -7.27 -43.48
CA TYR B 133 -4.58 -7.51 -42.14
C TYR B 133 -5.67 -8.23 -41.32
N GLY B 134 -5.36 -9.44 -40.85
CA GLY B 134 -6.24 -10.19 -39.97
C GLY B 134 -6.03 -9.70 -38.55
N ALA B 135 -6.29 -8.40 -38.29
CA ALA B 135 -6.01 -7.75 -37.01
C ALA B 135 -7.14 -7.80 -35.95
N ASP B 136 -6.75 -7.66 -34.67
CA ASP B 136 -7.66 -7.53 -33.50
C ASP B 136 -8.60 -8.69 -33.34
N VAL B 137 -8.12 -9.89 -33.60
CA VAL B 137 -8.91 -11.12 -33.36
C VAL B 137 -8.76 -11.42 -31.84
N ASN B 138 -9.88 -11.52 -31.12
CA ASN B 138 -9.88 -11.89 -29.70
C ASN B 138 -9.48 -13.36 -29.62
N GLY B 139 -8.36 -13.61 -28.99
CA GLY B 139 -7.89 -14.98 -28.84
C GLY B 139 -6.46 -15.06 -28.43
N THR B 140 -6.01 -16.27 -28.21
CA THR B 140 -4.65 -16.60 -27.78
C THR B 140 -4.20 -17.85 -28.46
N LEU B 141 -2.86 -18.00 -28.68
CA LEU B 141 -2.29 -19.24 -29.22
C LEU B 141 -1.53 -20.01 -28.15
N TYR B 142 -1.52 -19.51 -26.92
CA TYR B 142 -0.87 -20.16 -25.79
C TYR B 142 -1.67 -21.36 -25.34
N GLU B 143 -0.97 -22.41 -24.96
CA GLU B 143 -1.57 -23.60 -24.37
C GLU B 143 -1.95 -23.23 -22.91
N LYS B 144 -3.04 -23.81 -22.38
CA LYS B 144 -3.57 -23.47 -21.05
C LYS B 144 -2.58 -23.62 -19.87
N HIS B 145 -1.63 -24.57 -19.96
CA HIS B 145 -0.66 -24.85 -18.90
C HIS B 145 0.55 -23.91 -18.90
N VAL B 146 0.67 -23.00 -19.91
CA VAL B 146 1.82 -22.11 -19.99
C VAL B 146 1.70 -21.01 -18.95
N ASP B 147 2.57 -21.04 -17.94
CA ASP B 147 2.57 -20.08 -16.84
C ASP B 147 3.54 -18.93 -17.00
N GLU B 148 4.50 -19.04 -17.93
CA GLU B 148 5.52 -18.00 -18.13
C GLU B 148 5.12 -17.10 -19.28
N TRP B 149 5.13 -15.77 -19.03
CA TRP B 149 4.82 -14.71 -19.99
C TRP B 149 3.51 -15.00 -20.77
N ASN B 150 2.48 -15.52 -20.06
CA ASN B 150 1.21 -15.85 -20.67
C ASN B 150 0.40 -14.58 -20.88
N ILE B 151 0.36 -14.15 -22.13
CA ILE B 151 -0.28 -12.92 -22.57
C ILE B 151 -1.74 -12.91 -22.18
N GLY B 152 -2.36 -14.08 -22.17
CA GLY B 152 -3.73 -14.24 -21.76
C GLY B 152 -3.97 -13.85 -20.31
N ARG B 153 -3.00 -14.15 -19.45
CA ARG B 153 -3.08 -13.84 -18.02
C ARG B 153 -1.78 -13.35 -17.37
N LEU B 154 -1.37 -12.12 -17.64
CA LEU B 154 -0.15 -11.55 -17.07
C LEU B 154 -0.21 -11.25 -15.57
N ARG B 155 -1.41 -11.03 -15.06
CA ARG B 155 -1.73 -10.73 -13.67
C ARG B 155 -0.99 -9.50 -13.11
N THR B 156 -0.98 -8.38 -13.87
CA THR B 156 -0.36 -7.13 -13.40
C THR B 156 -1.47 -6.31 -12.73
N ILE B 157 -1.14 -5.13 -12.20
CA ILE B 157 -2.12 -4.23 -11.57
C ILE B 157 -3.19 -3.71 -12.56
N LEU B 158 -3.03 -3.99 -13.86
CA LEU B 158 -4.06 -3.62 -14.84
C LEU B 158 -5.37 -4.40 -14.58
N ASP B 159 -5.27 -5.53 -13.89
CA ASP B 159 -6.40 -6.39 -13.49
C ASP B 159 -7.35 -5.70 -12.55
N LEU B 160 -6.90 -4.60 -11.91
CA LEU B 160 -7.71 -3.82 -11.01
C LEU B 160 -8.87 -3.11 -11.70
N VAL B 161 -8.78 -2.90 -13.02
CA VAL B 161 -9.81 -2.30 -13.87
C VAL B 161 -10.99 -3.26 -13.83
N VAL B 172 -9.03 -4.52 -22.53
CA VAL B 172 -7.68 -3.93 -22.48
C VAL B 172 -6.67 -4.93 -21.91
N ASN B 173 -7.19 -5.85 -21.12
CA ASN B 173 -6.54 -6.90 -20.38
C ASN B 173 -6.63 -8.23 -21.10
N THR B 174 -7.29 -8.28 -22.27
CA THR B 174 -7.47 -9.54 -22.99
C THR B 174 -6.52 -9.68 -24.18
N PRO B 175 -6.18 -10.93 -24.60
CA PRO B 175 -5.25 -11.09 -25.72
C PRO B 175 -5.89 -10.90 -27.09
N TYR B 176 -5.12 -10.33 -27.98
CA TYR B 176 -5.51 -10.13 -29.39
C TYR B 176 -4.46 -10.76 -30.31
N LEU B 177 -4.91 -11.34 -31.42
CA LEU B 177 -4.09 -11.98 -32.44
C LEU B 177 -4.12 -11.12 -33.68
N TYR B 178 -2.97 -11.07 -34.38
CA TYR B 178 -2.76 -10.33 -35.62
C TYR B 178 -2.09 -11.24 -36.65
N PHE B 179 -2.83 -11.58 -37.67
CA PHE B 179 -2.34 -12.39 -38.77
C PHE B 179 -1.90 -11.41 -39.87
N GLY B 180 -0.60 -11.27 -40.07
CA GLY B 180 -0.13 -10.31 -41.06
C GLY B 180 0.15 -10.93 -42.41
N MET B 181 0.30 -10.05 -43.38
CA MET B 181 0.77 -10.36 -44.73
C MET B 181 1.72 -9.22 -45.08
N TRP B 182 2.39 -9.34 -46.21
CA TRP B 182 3.37 -8.35 -46.61
C TRP B 182 2.72 -6.99 -46.76
N LYS B 183 3.38 -5.99 -46.21
CA LYS B 183 2.91 -4.63 -46.32
C LYS B 183 1.77 -4.24 -45.39
N THR B 184 1.30 -5.14 -44.53
CA THR B 184 0.28 -4.77 -43.57
C THR B 184 0.98 -3.89 -42.56
N SER B 185 0.31 -2.85 -42.07
CA SER B 185 0.96 -1.92 -41.14
C SER B 185 0.19 -1.48 -39.92
N PHE B 186 0.95 -0.94 -38.98
CA PHE B 186 0.44 -0.29 -37.80
C PHE B 186 1.02 1.13 -37.79
N ALA B 187 0.13 2.10 -37.73
CA ALA B 187 0.46 3.52 -37.77
C ALA B 187 1.05 4.01 -36.46
N TRP B 188 1.63 5.20 -36.47
CA TRP B 188 2.24 5.77 -35.27
C TRP B 188 1.20 5.95 -34.16
N HIS B 189 1.52 5.42 -32.99
CA HIS B 189 0.66 5.49 -31.81
C HIS B 189 1.36 5.08 -30.55
N THR B 190 0.71 5.39 -29.43
CA THR B 190 1.10 4.97 -28.10
C THR B 190 -0.11 4.11 -27.72
N GLU B 191 0.01 3.25 -26.72
CA GLU B 191 -1.09 2.39 -26.34
C GLU B 191 -2.26 3.19 -25.75
N ASP B 192 -3.44 2.59 -25.69
CA ASP B 192 -4.58 3.23 -25.06
C ASP B 192 -4.20 3.49 -23.59
N MET B 193 -4.55 4.69 -23.07
CA MET B 193 -4.27 5.15 -21.70
C MET B 193 -2.77 5.25 -21.44
N ASP B 194 -1.94 5.26 -22.52
CA ASP B 194 -0.45 5.28 -22.48
C ASP B 194 0.10 4.11 -21.64
N LEU B 195 -0.51 2.96 -21.83
CA LEU B 195 -0.17 1.72 -21.16
C LEU B 195 1.02 1.02 -21.80
N TYR B 196 1.51 -0.02 -21.15
CA TYR B 196 2.57 -0.84 -21.67
C TYR B 196 1.88 -1.84 -22.57
N SER B 197 2.66 -2.49 -23.43
CA SER B 197 2.16 -3.55 -24.27
C SER B 197 3.23 -4.62 -24.45
N ILE B 198 2.78 -5.83 -24.73
CA ILE B 198 3.62 -7.00 -24.94
C ILE B 198 3.11 -7.59 -26.25
N ASN B 199 4.06 -7.97 -27.13
CA ASN B 199 3.80 -8.53 -28.43
C ASN B 199 4.72 -9.70 -28.64
N TYR B 200 4.15 -10.88 -28.90
CA TYR B 200 4.91 -12.07 -29.19
C TYR B 200 4.65 -12.49 -30.64
N LEU B 201 5.73 -12.77 -31.38
CA LEU B 201 5.58 -13.23 -32.73
C LEU B 201 5.62 -14.76 -32.72
N HIS B 202 4.45 -15.37 -32.83
CA HIS B 202 4.28 -16.82 -32.77
C HIS B 202 5.00 -17.57 -33.84
N PHE B 203 4.91 -17.07 -35.07
CA PHE B 203 5.56 -17.73 -36.23
C PHE B 203 5.50 -16.82 -37.43
N GLY B 204 6.12 -17.25 -38.50
CA GLY B 204 6.05 -16.56 -39.77
C GLY B 204 7.15 -15.57 -40.02
N GLU B 205 6.89 -14.69 -41.01
CA GLU B 205 7.85 -13.68 -41.46
C GLU B 205 8.03 -12.57 -40.43
N PRO B 206 9.18 -11.85 -40.43
CA PRO B 206 9.37 -10.81 -39.39
C PRO B 206 8.38 -9.67 -39.38
N LYS B 207 8.48 -8.84 -38.34
CA LYS B 207 7.68 -7.65 -38.17
C LYS B 207 8.71 -6.56 -37.81
N SER B 208 8.75 -5.46 -38.59
CA SER B 208 9.69 -4.39 -38.34
C SER B 208 8.97 -3.24 -37.63
N TRP B 209 9.68 -2.65 -36.66
CA TRP B 209 9.21 -1.61 -35.76
C TRP B 209 10.07 -0.40 -35.83
N TYR B 210 9.46 0.74 -35.62
CA TYR B 210 10.06 2.07 -35.47
C TYR B 210 9.56 2.58 -34.16
N SER B 211 10.38 3.31 -33.43
N SER B 211 10.42 3.29 -33.41
CA SER B 211 9.98 3.85 -32.15
CA SER B 211 10.14 3.76 -32.05
C SER B 211 10.60 5.21 -31.95
C SER B 211 10.76 5.11 -31.74
N VAL B 212 9.98 6.01 -31.10
CA VAL B 212 10.44 7.31 -30.69
C VAL B 212 10.54 7.31 -29.15
N PRO B 213 11.71 7.64 -28.55
CA PRO B 213 11.79 7.68 -27.09
C PRO B 213 10.65 8.50 -26.44
N PRO B 214 10.01 8.01 -25.35
CA PRO B 214 8.98 8.83 -24.65
C PRO B 214 9.42 10.28 -24.35
N GLU B 215 10.69 10.50 -24.04
CA GLU B 215 11.22 11.86 -23.77
C GLU B 215 11.14 12.79 -25.00
N HIS B 216 10.91 12.22 -26.20
CA HIS B 216 10.82 13.00 -27.45
C HIS B 216 9.47 12.83 -28.14
N GLY B 217 8.50 12.26 -27.44
CA GLY B 217 7.17 11.97 -27.99
C GLY B 217 6.39 13.19 -28.41
N LYS B 218 6.54 14.29 -27.64
CA LYS B 218 5.91 15.58 -27.90
C LYS B 218 6.42 16.21 -29.19
N ARG B 219 7.68 15.98 -29.53
CA ARG B 219 8.29 16.44 -30.78
C ARG B 219 7.66 15.69 -31.96
N LEU B 220 7.41 14.36 -31.81
CA LEU B 220 6.71 13.64 -32.86
C LEU B 220 5.29 14.21 -33.04
N GLU B 221 4.57 14.43 -31.93
CA GLU B 221 3.19 14.99 -31.93
C GLU B 221 3.15 16.36 -32.58
N ARG B 222 4.15 17.22 -32.30
CA ARG B 222 4.22 18.57 -32.87
C ARG B 222 4.37 18.48 -34.39
N LEU B 223 5.22 17.58 -34.86
CA LEU B 223 5.43 17.33 -36.28
C LEU B 223 4.12 16.82 -36.94
N ALA B 224 3.44 15.79 -36.39
CA ALA B 224 2.18 15.25 -36.94
C ALA B 224 1.08 16.32 -36.95
N LYS B 225 1.02 17.16 -35.90
CA LYS B 225 0.03 18.24 -35.85
C LYS B 225 0.31 19.28 -36.94
N GLY B 226 1.59 19.59 -37.20
CA GLY B 226 1.96 20.51 -38.26
C GLY B 226 1.57 19.98 -39.63
N PHE B 227 1.70 18.65 -39.86
CA PHE B 227 1.37 17.97 -41.10
C PHE B 227 -0.10 17.72 -41.34
N PHE B 228 -0.91 17.53 -40.28
CA PHE B 228 -2.35 17.28 -40.40
C PHE B 228 -3.09 18.28 -39.51
N PRO B 229 -3.12 19.59 -39.90
CA PRO B 229 -3.78 20.59 -39.03
C PRO B 229 -5.30 20.43 -38.88
N GLY B 230 -5.96 19.88 -39.90
CA GLY B 230 -7.40 19.62 -39.89
C GLY B 230 -7.74 18.49 -38.93
N SER B 231 -6.97 17.38 -39.00
CA SER B 231 -7.12 16.25 -38.07
C SER B 231 -6.88 16.75 -36.63
N ALA B 232 -5.77 17.50 -36.39
CA ALA B 232 -5.45 18.05 -35.07
C ALA B 232 -6.55 18.98 -34.59
N GLN B 233 -7.16 19.79 -35.48
CA GLN B 233 -8.26 20.69 -35.07
C GLN B 233 -9.52 19.91 -34.66
N SER B 234 -9.81 18.77 -35.34
CA SER B 234 -11.00 17.94 -35.06
C SER B 234 -10.88 17.13 -33.75
N CYS B 235 -9.64 16.69 -33.38
CA CYS B 235 -9.38 15.82 -32.22
C CYS B 235 -8.02 16.16 -31.62
N GLU B 236 -7.94 16.31 -30.30
CA GLU B 236 -6.66 16.57 -29.60
C GLU B 236 -5.67 15.41 -29.85
N ALA B 237 -6.11 14.19 -29.59
CA ALA B 237 -5.31 12.99 -29.73
C ALA B 237 -5.59 12.21 -31.04
N PHE B 238 -5.52 12.86 -32.23
CA PHE B 238 -5.82 12.19 -33.51
C PHE B 238 -4.87 11.03 -33.83
N LEU B 239 -3.66 11.01 -33.22
CA LEU B 239 -2.73 9.90 -33.43
C LEU B 239 -3.32 8.59 -32.89
N ARG B 240 -4.24 8.71 -31.91
CA ARG B 240 -4.96 7.55 -31.31
C ARG B 240 -5.88 6.85 -32.30
N HIS B 241 -6.22 7.50 -33.43
CA HIS B 241 -7.05 6.88 -34.49
C HIS B 241 -6.22 5.82 -35.20
N LYS B 242 -4.88 5.85 -35.04
CA LYS B 242 -3.95 4.87 -35.61
C LYS B 242 -4.06 4.81 -37.12
N MET B 243 -4.08 6.01 -37.73
CA MET B 243 -4.17 6.13 -39.18
C MET B 243 -2.96 6.83 -39.79
N THR B 244 -2.12 7.44 -38.96
CA THR B 244 -1.03 8.29 -39.46
C THR B 244 0.28 7.53 -39.64
N LEU B 245 0.74 7.46 -40.89
N LEU B 245 0.76 7.48 -40.89
CA LEU B 245 2.01 6.82 -41.24
CA LEU B 245 2.02 6.82 -41.24
C LEU B 245 3.00 7.90 -41.60
C LEU B 245 3.03 7.88 -41.64
N ILE B 246 4.21 7.84 -41.01
CA ILE B 246 5.29 8.81 -41.26
C ILE B 246 6.57 8.01 -41.46
N SER B 247 7.18 8.12 -42.62
CA SER B 247 8.39 7.37 -42.92
C SER B 247 9.58 7.81 -42.07
N PRO B 248 10.57 6.89 -41.85
CA PRO B 248 11.79 7.26 -41.08
C PRO B 248 12.58 8.40 -41.73
N LEU B 249 12.55 8.52 -43.07
CA LEU B 249 13.25 9.59 -43.81
C LEU B 249 12.62 10.97 -43.53
N MET B 250 11.30 11.01 -43.26
CA MET B 250 10.55 12.22 -42.89
C MET B 250 10.92 12.64 -41.46
N LEU B 251 11.08 11.66 -40.56
CA LEU B 251 11.53 11.92 -39.19
C LEU B 251 12.98 12.41 -39.15
N LYS B 252 13.84 11.83 -39.99
CA LYS B 252 15.24 12.20 -40.09
C LYS B 252 15.33 13.61 -40.69
N LYS B 253 14.52 13.90 -41.73
CA LYS B 253 14.48 15.26 -42.33
C LYS B 253 14.21 16.36 -41.25
N TYR B 254 13.35 16.05 -40.28
CA TYR B 254 12.94 16.96 -39.22
C TYR B 254 13.64 16.76 -37.88
N GLY B 255 14.69 15.94 -37.85
CA GLY B 255 15.47 15.78 -36.63
C GLY B 255 14.76 15.09 -35.47
N ILE B 256 13.69 14.31 -35.75
CA ILE B 256 12.99 13.58 -34.70
C ILE B 256 13.82 12.30 -34.37
N PRO B 257 14.26 12.13 -33.11
CA PRO B 257 15.03 10.91 -32.80
C PRO B 257 14.12 9.67 -32.79
N PHE B 258 14.62 8.63 -33.41
CA PHE B 258 13.89 7.36 -33.52
C PHE B 258 14.87 6.23 -33.63
N ASP B 259 14.38 5.04 -33.39
CA ASP B 259 15.16 3.82 -33.58
C ASP B 259 14.30 2.82 -34.34
N LYS B 260 14.94 1.81 -34.88
CA LYS B 260 14.27 0.73 -35.56
C LYS B 260 14.81 -0.62 -35.10
N VAL B 261 13.95 -1.63 -35.15
CA VAL B 261 14.27 -3.00 -34.80
C VAL B 261 13.40 -3.97 -35.57
N THR B 262 13.93 -5.15 -35.92
CA THR B 262 13.17 -6.20 -36.57
C THR B 262 12.92 -7.33 -35.57
N GLN B 263 11.65 -7.69 -35.40
CA GLN B 263 11.22 -8.76 -34.55
C GLN B 263 11.05 -10.02 -35.39
N GLU B 264 11.69 -11.08 -34.94
CA GLU B 264 11.62 -12.38 -35.60
C GLU B 264 10.75 -13.34 -34.80
N ALA B 265 10.28 -14.44 -35.44
CA ALA B 265 9.41 -15.38 -34.75
C ALA B 265 10.11 -15.91 -33.50
N GLY B 266 9.33 -15.99 -32.43
CA GLY B 266 9.76 -16.49 -31.15
C GLY B 266 10.28 -15.41 -30.25
N GLU B 267 10.13 -14.13 -30.62
CA GLU B 267 10.62 -12.98 -29.83
C GLU B 267 9.50 -12.13 -29.32
N PHE B 268 9.70 -11.54 -28.13
CA PHE B 268 8.76 -10.59 -27.52
C PHE B 268 9.24 -9.17 -27.77
N MET B 269 8.31 -8.27 -27.98
CA MET B 269 8.56 -6.82 -28.04
C MET B 269 7.76 -6.20 -26.92
N ILE B 270 8.40 -5.30 -26.15
CA ILE B 270 7.72 -4.60 -25.04
C ILE B 270 7.67 -3.13 -25.43
N THR B 271 6.46 -2.52 -25.37
CA THR B 271 6.31 -1.08 -25.59
C THR B 271 6.06 -0.48 -24.22
N PHE B 272 6.61 0.73 -24.00
CA PHE B 272 6.53 1.36 -22.71
C PHE B 272 5.58 2.54 -22.68
N PRO B 273 5.11 2.97 -21.48
CA PRO B 273 4.20 4.12 -21.39
C PRO B 273 4.70 5.31 -22.19
N TYR B 274 3.85 5.77 -23.14
CA TYR B 274 4.09 6.96 -23.98
C TYR B 274 5.22 6.76 -25.02
N GLY B 275 5.52 5.49 -25.34
CA GLY B 275 6.47 5.14 -26.38
C GLY B 275 5.72 5.02 -27.71
N TYR B 276 5.87 6.00 -28.59
CA TYR B 276 5.24 5.95 -29.91
C TYR B 276 5.93 4.89 -30.75
N HIS B 277 5.14 4.10 -31.46
CA HIS B 277 5.64 3.05 -32.32
C HIS B 277 4.77 2.89 -33.56
N ALA B 278 5.39 2.36 -34.62
CA ALA B 278 4.78 2.10 -35.91
C ALA B 278 5.58 0.99 -36.56
N GLY B 279 5.07 0.40 -37.63
CA GLY B 279 5.84 -0.65 -38.30
C GLY B 279 5.05 -1.44 -39.32
N PHE B 280 5.63 -2.53 -39.78
CA PHE B 280 4.98 -3.32 -40.82
C PHE B 280 5.43 -4.80 -40.76
N ASN B 281 4.65 -5.64 -41.44
CA ASN B 281 4.88 -7.09 -41.56
C ASN B 281 5.59 -7.45 -42.88
N HIS B 282 6.58 -8.36 -42.79
CA HIS B 282 7.38 -8.81 -43.96
C HIS B 282 6.65 -9.83 -44.78
N GLY B 283 5.64 -10.45 -44.20
CA GLY B 283 4.87 -11.49 -44.86
C GLY B 283 3.91 -12.14 -43.90
N PHE B 284 3.45 -13.35 -44.24
CA PHE B 284 2.54 -14.13 -43.44
C PHE B 284 3.10 -14.44 -42.05
N ASN B 285 2.37 -14.04 -41.02
CA ASN B 285 2.82 -14.25 -39.64
C ASN B 285 1.66 -14.12 -38.75
N CYS B 286 1.89 -14.36 -37.45
CA CYS B 286 0.90 -14.21 -36.42
C CYS B 286 1.60 -13.76 -35.18
N ALA B 287 1.13 -12.63 -34.64
CA ALA B 287 1.56 -12.02 -33.38
C ALA B 287 0.39 -11.99 -32.40
N GLU B 288 0.73 -12.12 -31.11
CA GLU B 288 -0.25 -12.06 -30.04
C GLU B 288 0.15 -10.91 -29.16
N SER B 289 -0.83 -10.15 -28.72
CA SER B 289 -0.60 -8.92 -27.95
C SER B 289 -1.65 -8.62 -26.90
N THR B 290 -1.26 -7.82 -25.89
CA THR B 290 -2.11 -7.29 -24.81
C THR B 290 -1.47 -6.06 -24.17
N ASN B 291 -2.23 -5.37 -23.31
CA ASN B 291 -1.71 -4.25 -22.54
C ASN B 291 -1.47 -4.74 -21.14
N PHE B 292 -0.59 -4.05 -20.40
CA PHE B 292 -0.32 -4.34 -19.01
C PHE B 292 0.14 -3.09 -18.33
N ALA B 293 0.26 -3.12 -17.00
CA ALA B 293 0.68 -1.94 -16.25
C ALA B 293 1.73 -2.29 -15.18
N THR B 294 2.44 -1.28 -14.70
CA THR B 294 3.34 -1.34 -13.53
C THR B 294 2.89 -0.14 -12.71
N ARG B 295 3.40 0.02 -11.48
CA ARG B 295 3.08 1.20 -10.64
C ARG B 295 3.45 2.54 -11.32
N ARG B 296 4.50 2.52 -12.14
CA ARG B 296 4.97 3.67 -12.89
C ARG B 296 3.91 4.18 -13.85
N TRP B 297 3.11 3.27 -14.41
CA TRP B 297 2.06 3.62 -15.33
C TRP B 297 0.96 4.53 -14.76
N ILE B 298 0.65 4.48 -13.48
CA ILE B 298 -0.49 5.25 -12.97
C ILE B 298 -0.46 6.74 -13.28
N GLU B 299 0.69 7.38 -13.14
CA GLU B 299 0.84 8.78 -13.49
C GLU B 299 0.60 9.06 -14.99
N TYR B 300 1.06 8.13 -15.88
CA TYR B 300 0.84 8.20 -17.34
C TYR B 300 -0.65 8.07 -17.61
N GLY B 301 -1.32 7.12 -16.96
CA GLY B 301 -2.77 6.94 -17.09
C GLY B 301 -3.52 8.20 -16.69
N LYS B 302 -3.08 8.84 -15.57
CA LYS B 302 -3.69 10.07 -15.05
C LYS B 302 -3.57 11.24 -16.00
N GLN B 303 -2.46 11.32 -16.74
CA GLN B 303 -2.13 12.43 -17.63
C GLN B 303 -2.32 12.15 -19.13
N ALA B 304 -2.75 10.94 -19.53
CA ALA B 304 -2.95 10.61 -20.98
C ALA B 304 -3.94 11.56 -21.64
N VAL B 305 -3.59 12.07 -22.85
CA VAL B 305 -4.47 12.91 -23.65
C VAL B 305 -5.31 11.96 -24.50
N LEU B 306 -6.62 11.97 -24.32
CA LEU B 306 -7.53 11.01 -24.94
C LEU B 306 -8.23 11.54 -26.18
N CYS B 307 -8.67 10.61 -27.05
CA CYS B 307 -9.43 10.97 -28.25
C CYS B 307 -10.82 11.44 -27.78
N SER B 308 -11.20 12.62 -28.30
CA SER B 308 -12.40 13.41 -28.03
C SER B 308 -13.50 13.33 -29.09
N CYS B 309 -13.12 13.07 -30.35
CA CYS B 309 -14.03 13.05 -31.48
C CYS B 309 -14.94 11.79 -31.54
N ARG B 310 -14.66 10.77 -30.70
CA ARG B 310 -15.43 9.51 -30.67
N MET B 313 -14.15 5.74 -27.65
CA MET B 313 -12.81 5.14 -27.67
C MET B 313 -12.45 4.49 -26.31
N VAL B 314 -11.30 3.74 -26.24
CA VAL B 314 -10.86 2.98 -25.04
C VAL B 314 -10.42 3.90 -23.89
N LYS B 315 -11.31 4.07 -22.89
CA LYS B 315 -11.11 4.88 -21.69
C LYS B 315 -11.19 4.02 -20.41
N ILE B 316 -10.22 4.23 -19.51
CA ILE B 316 -10.14 3.55 -18.22
C ILE B 316 -10.25 4.65 -17.15
N SER B 317 -11.10 4.44 -16.15
CA SER B 317 -11.21 5.35 -15.02
C SER B 317 -9.99 5.10 -14.12
N MET B 318 -9.21 6.14 -13.86
CA MET B 318 -8.01 6.07 -13.04
C MET B 318 -8.31 6.05 -11.52
N ASP B 319 -9.54 6.41 -11.14
CA ASP B 319 -9.96 6.51 -9.75
C ASP B 319 -9.53 5.33 -8.85
N VAL B 320 -9.72 4.05 -9.32
CA VAL B 320 -9.39 2.83 -8.57
C VAL B 320 -7.89 2.74 -8.24
N PHE B 321 -7.02 3.22 -9.18
CA PHE B 321 -5.56 3.23 -9.07
C PHE B 321 -5.07 4.29 -8.13
N VAL B 322 -5.69 5.49 -8.18
CA VAL B 322 -5.38 6.64 -7.32
C VAL B 322 -5.75 6.31 -5.84
N ARG B 323 -6.90 5.69 -5.61
CA ARG B 323 -7.31 5.30 -4.25
C ARG B 323 -6.31 4.28 -3.68
N LYS B 324 -6.05 3.21 -4.42
CA LYS B 324 -5.17 2.14 -3.99
C LYS B 324 -3.71 2.55 -3.82
N PHE B 325 -3.13 3.22 -4.82
CA PHE B 325 -1.70 3.51 -4.84
C PHE B 325 -1.28 4.89 -4.40
N GLN B 326 -2.17 5.90 -4.49
CA GLN B 326 -1.86 7.28 -4.10
C GLN B 326 -2.97 7.78 -3.20
N PRO B 327 -3.37 7.07 -2.11
CA PRO B 327 -4.48 7.57 -1.28
C PRO B 327 -4.30 9.00 -0.75
N GLU B 328 -3.04 9.41 -0.52
CA GLU B 328 -2.73 10.74 0.01
C GLU B 328 -2.92 11.88 -1.01
N ARG B 329 -2.94 11.54 -2.32
N ARG B 329 -2.93 11.54 -2.32
CA ARG B 329 -3.11 12.49 -3.44
CA ARG B 329 -3.11 12.50 -3.42
C ARG B 329 -4.54 12.50 -3.96
C ARG B 329 -4.51 12.46 -4.01
N TYR B 330 -5.40 11.57 -3.49
CA TYR B 330 -6.76 11.36 -3.99
C TYR B 330 -7.62 12.63 -4.01
N LYS B 331 -7.69 13.39 -2.90
CA LYS B 331 -8.44 14.65 -2.84
C LYS B 331 -7.84 15.66 -3.83
N LEU B 332 -6.51 15.84 -3.82
CA LEU B 332 -5.80 16.76 -4.71
C LEU B 332 -6.11 16.46 -6.17
N TRP B 333 -5.97 15.17 -6.58
CA TRP B 333 -6.24 14.65 -7.92
C TRP B 333 -7.68 14.89 -8.33
N LYS B 334 -8.63 14.54 -7.46
CA LYS B 334 -10.06 14.78 -7.73
C LYS B 334 -10.38 16.29 -7.93
N ALA B 335 -9.72 17.19 -7.15
CA ALA B 335 -9.85 18.66 -7.27
C ALA B 335 -9.09 19.24 -8.50
N GLY B 336 -8.38 18.38 -9.23
CA GLY B 336 -7.62 18.77 -10.41
C GLY B 336 -6.32 19.48 -10.09
N LYS B 337 -5.93 19.49 -8.81
CA LYS B 337 -4.71 20.15 -8.33
C LYS B 337 -3.46 19.23 -8.32
N ASP B 338 -3.49 18.08 -9.03
CA ASP B 338 -2.34 17.19 -9.07
C ASP B 338 -1.35 17.62 -10.20
N ASN B 339 -0.34 18.40 -9.78
CA ASN B 339 0.69 19.04 -10.62
C ASN B 339 1.95 18.18 -10.87
N THR B 340 1.84 16.86 -10.70
CA THR B 340 2.95 15.93 -10.88
C THR B 340 3.49 16.00 -12.33
N VAL B 341 4.81 16.20 -12.44
CA VAL B 341 5.50 16.25 -13.72
C VAL B 341 6.15 14.88 -13.88
N ILE B 342 5.91 14.22 -15.00
CA ILE B 342 6.49 12.92 -15.28
C ILE B 342 7.96 13.04 -15.77
N ASP B 343 8.87 12.30 -15.12
CA ASP B 343 10.24 12.14 -15.56
C ASP B 343 10.28 10.78 -16.30
N HIS B 344 10.43 10.79 -17.66
CA HIS B 344 10.42 9.58 -18.49
C HIS B 344 11.63 8.65 -18.30
N THR B 345 12.70 9.14 -17.68
CA THR B 345 13.95 8.39 -17.47
C THR B 345 13.90 7.53 -16.21
N LEU B 346 13.02 7.86 -15.26
CA LEU B 346 12.85 7.17 -14.01
C LEU B 346 12.33 5.75 -14.17
N PRO B 347 13.01 4.73 -13.56
CA PRO B 347 12.50 3.35 -13.67
C PRO B 347 11.33 3.13 -12.72
N THR B 348 10.54 2.05 -12.94
CA THR B 348 9.37 1.75 -12.12
C THR B 348 9.81 1.53 -10.67
N PRO B 349 9.03 1.93 -9.62
CA PRO B 349 9.50 1.71 -8.24
C PRO B 349 9.75 0.24 -7.84
N GLU B 350 9.19 -0.74 -8.58
CA GLU B 350 9.44 -2.18 -8.33
C GLU B 350 10.89 -2.58 -8.74
N ALA B 351 11.60 -1.68 -9.48
CA ALA B 351 13.00 -1.83 -9.94
C ALA B 351 14.04 -1.53 -8.85
N ALA B 352 13.58 -1.10 -7.64
CA ALA B 352 14.45 -0.74 -6.52
C ALA B 352 15.48 -1.81 -6.16
N GLU B 353 15.04 -3.10 -6.08
CA GLU B 353 15.89 -4.26 -5.76
C GLU B 353 17.08 -4.44 -6.71
N PHE B 354 16.98 -3.90 -7.94
CA PHE B 354 18.01 -3.98 -8.98
C PHE B 354 18.78 -2.65 -9.01
N PRO C 11 -43.32 -35.98 -9.75
CA PRO C 11 -43.88 -37.18 -10.40
C PRO C 11 -42.96 -37.67 -11.52
N SER C 12 -42.81 -36.84 -12.58
CA SER C 12 -41.96 -37.08 -13.75
C SER C 12 -40.72 -36.20 -13.68
N ALA C 13 -40.64 -35.36 -12.63
CA ALA C 13 -39.51 -34.45 -12.37
C ALA C 13 -38.68 -34.95 -11.17
N ARG C 14 -38.73 -36.28 -10.92
CA ARG C 14 -37.99 -37.00 -9.87
C ARG C 14 -36.61 -37.42 -10.45
N ILE C 15 -35.53 -37.30 -9.65
CA ILE C 15 -34.15 -37.64 -10.07
C ILE C 15 -34.05 -39.14 -10.43
N MET C 16 -33.56 -39.43 -11.66
CA MET C 16 -33.39 -40.80 -12.16
C MET C 16 -31.92 -41.20 -12.10
N THR C 17 -31.67 -42.51 -11.89
CA THR C 17 -30.35 -43.15 -11.82
C THR C 17 -30.25 -44.12 -12.98
N PHE C 18 -29.11 -44.10 -13.70
CA PHE C 18 -28.84 -44.95 -14.84
C PHE C 18 -27.64 -45.81 -14.58
N TYR C 19 -27.70 -47.04 -15.03
CA TYR C 19 -26.64 -48.06 -14.85
C TYR C 19 -26.18 -48.55 -16.23
N PRO C 20 -25.40 -47.75 -17.00
CA PRO C 20 -24.97 -48.21 -18.34
C PRO C 20 -24.05 -49.42 -18.28
N THR C 21 -24.08 -50.24 -19.33
CA THR C 21 -23.16 -51.38 -19.45
C THR C 21 -21.83 -50.79 -19.93
N MET C 22 -20.77 -51.60 -20.08
CA MET C 22 -19.49 -51.08 -20.58
C MET C 22 -19.65 -50.53 -22.00
N GLU C 23 -20.40 -51.25 -22.87
CA GLU C 23 -20.69 -50.89 -24.26
C GLU C 23 -21.43 -49.56 -24.36
N GLU C 24 -22.48 -49.38 -23.52
CA GLU C 24 -23.31 -48.16 -23.46
C GLU C 24 -22.49 -46.95 -23.00
N PHE C 25 -21.58 -47.18 -22.04
CA PHE C 25 -20.71 -46.21 -21.39
C PHE C 25 -19.64 -45.60 -22.28
N ARG C 26 -19.19 -46.32 -23.31
CA ARG C 26 -18.14 -45.85 -24.21
C ARG C 26 -18.49 -44.55 -24.99
N ASN C 27 -19.77 -44.35 -25.35
CA ASN C 27 -20.15 -43.11 -26.03
C ASN C 27 -20.90 -42.17 -25.07
N PHE C 28 -20.18 -41.13 -24.62
CA PHE C 28 -20.68 -40.13 -23.67
C PHE C 28 -21.90 -39.38 -24.18
N SER C 29 -21.78 -38.66 -25.34
CA SER C 29 -22.84 -37.86 -25.94
C SER C 29 -24.09 -38.64 -26.32
N ARG C 30 -23.90 -39.90 -26.73
CA ARG C 30 -24.99 -40.80 -27.08
C ARG C 30 -25.71 -41.23 -25.81
N TYR C 31 -24.96 -41.37 -24.69
CA TYR C 31 -25.57 -41.74 -23.41
C TYR C 31 -26.35 -40.59 -22.81
N ILE C 32 -25.90 -39.35 -23.04
CA ILE C 32 -26.63 -38.15 -22.59
C ILE C 32 -27.92 -38.05 -23.42
N ALA C 33 -27.84 -38.37 -24.72
CA ALA C 33 -28.97 -38.40 -25.66
C ALA C 33 -29.95 -39.47 -25.18
N TYR C 34 -29.43 -40.66 -24.73
CA TYR C 34 -30.26 -41.75 -24.21
C TYR C 34 -31.01 -41.37 -22.92
N ILE C 35 -30.30 -40.82 -21.89
CA ILE C 35 -30.96 -40.48 -20.62
C ILE C 35 -32.00 -39.36 -20.81
N GLU C 36 -31.83 -38.48 -21.83
CA GLU C 36 -32.81 -37.42 -22.11
C GLU C 36 -34.07 -38.02 -22.71
N SER C 37 -33.92 -39.04 -23.57
CA SER C 37 -35.08 -39.72 -24.19
C SER C 37 -35.88 -40.48 -23.13
N GLN C 38 -35.24 -40.75 -21.98
CA GLN C 38 -35.82 -41.43 -20.83
C GLN C 38 -36.48 -40.44 -19.88
N GLY C 39 -36.34 -39.15 -20.19
CA GLY C 39 -36.91 -38.05 -19.41
C GLY C 39 -36.05 -37.50 -18.28
N ALA C 40 -34.77 -37.93 -18.17
CA ALA C 40 -33.83 -37.52 -17.12
C ALA C 40 -33.66 -36.01 -16.94
N HIS C 41 -33.74 -35.25 -18.04
CA HIS C 41 -33.57 -33.80 -18.03
C HIS C 41 -34.65 -33.03 -17.23
N ARG C 42 -35.86 -33.61 -17.11
CA ARG C 42 -37.00 -33.03 -16.42
C ARG C 42 -36.75 -32.72 -14.93
N ALA C 43 -35.97 -33.56 -14.23
CA ALA C 43 -35.61 -33.33 -12.83
C ALA C 43 -34.49 -32.26 -12.73
N GLY C 44 -33.71 -32.09 -13.81
CA GLY C 44 -32.60 -31.12 -13.85
C GLY C 44 -31.28 -31.67 -13.34
N LEU C 45 -31.34 -32.88 -12.78
CA LEU C 45 -30.23 -33.62 -12.20
C LEU C 45 -30.51 -35.12 -12.41
N ALA C 46 -29.48 -35.90 -12.74
CA ALA C 46 -29.56 -37.35 -12.90
C ALA C 46 -28.26 -37.97 -12.40
N LYS C 47 -28.34 -39.21 -11.86
CA LYS C 47 -27.21 -40.00 -11.39
C LYS C 47 -26.88 -41.07 -12.40
N VAL C 48 -25.57 -41.26 -12.68
CA VAL C 48 -25.11 -42.29 -13.61
C VAL C 48 -24.09 -43.13 -12.83
N VAL C 49 -24.42 -44.40 -12.64
CA VAL C 49 -23.53 -45.31 -11.94
C VAL C 49 -22.70 -46.01 -13.04
N PRO C 50 -21.37 -45.79 -13.08
CA PRO C 50 -20.57 -46.41 -14.15
C PRO C 50 -20.47 -47.94 -14.04
N PRO C 51 -20.09 -48.66 -15.13
CA PRO C 51 -19.96 -50.12 -15.01
C PRO C 51 -18.87 -50.45 -14.00
N LYS C 52 -19.09 -51.49 -13.16
CA LYS C 52 -18.22 -51.95 -12.08
C LYS C 52 -16.72 -52.04 -12.47
N GLU C 53 -16.42 -52.53 -13.68
CA GLU C 53 -15.06 -52.70 -14.19
C GLU C 53 -14.32 -51.36 -14.49
N TRP C 54 -15.06 -50.25 -14.57
CA TRP C 54 -14.50 -48.95 -14.92
C TRP C 54 -13.95 -48.20 -13.71
N LYS C 55 -12.67 -47.81 -13.81
CA LYS C 55 -11.95 -47.06 -12.80
C LYS C 55 -11.14 -45.93 -13.51
N PRO C 56 -11.27 -44.63 -13.10
CA PRO C 56 -10.51 -43.57 -13.79
C PRO C 56 -9.05 -43.38 -13.32
N ARG C 57 -8.70 -43.98 -12.17
CA ARG C 57 -7.38 -43.89 -11.56
C ARG C 57 -7.22 -45.13 -10.67
N ALA C 58 -6.03 -45.76 -10.74
CA ALA C 58 -5.67 -46.97 -10.02
C ALA C 58 -5.72 -46.79 -8.49
N SER C 59 -5.03 -45.74 -7.99
CA SER C 59 -4.93 -45.41 -6.58
C SER C 59 -5.01 -43.89 -6.34
N TYR C 60 -5.42 -43.48 -5.14
CA TYR C 60 -5.48 -42.07 -4.74
C TYR C 60 -4.51 -41.76 -3.60
N ASP C 61 -3.60 -42.70 -3.30
CA ASP C 61 -2.62 -42.58 -2.22
C ASP C 61 -1.35 -41.78 -2.59
N ASP C 62 -1.29 -41.26 -3.82
CA ASP C 62 -0.18 -40.49 -4.39
C ASP C 62 -0.50 -38.98 -4.58
N ILE C 63 -1.59 -38.47 -3.99
CA ILE C 63 -1.95 -37.05 -4.16
C ILE C 63 -1.81 -36.21 -2.87
N ASP C 64 -1.05 -36.67 -1.85
CA ASP C 64 -0.90 -35.93 -0.57
C ASP C 64 -0.31 -34.53 -0.71
N ASP C 65 0.64 -34.37 -1.64
CA ASP C 65 1.32 -33.10 -1.85
C ASP C 65 0.67 -32.20 -2.89
N LEU C 66 -0.47 -32.63 -3.48
CA LEU C 66 -1.23 -31.83 -4.46
C LEU C 66 -1.63 -30.50 -3.80
N VAL C 67 -1.37 -29.40 -4.49
CA VAL C 67 -1.67 -28.09 -3.95
C VAL C 67 -3.05 -27.53 -4.26
N ILE C 68 -3.70 -27.06 -3.21
CA ILE C 68 -4.98 -26.40 -3.33
C ILE C 68 -4.51 -24.95 -3.20
N PRO C 69 -4.41 -24.23 -4.31
CA PRO C 69 -3.87 -22.86 -4.24
C PRO C 69 -4.73 -21.85 -3.50
N ALA C 70 -6.05 -21.97 -3.62
CA ALA C 70 -6.93 -21.00 -2.97
C ALA C 70 -8.05 -21.64 -2.12
N PRO C 71 -7.75 -22.35 -0.99
CA PRO C 71 -8.83 -22.90 -0.16
C PRO C 71 -9.71 -21.79 0.40
N ILE C 72 -11.00 -22.06 0.59
CA ILE C 72 -11.91 -21.03 1.06
C ILE C 72 -12.61 -21.40 2.37
N GLN C 73 -12.60 -20.49 3.34
CA GLN C 73 -13.34 -20.73 4.57
C GLN C 73 -14.75 -20.22 4.24
N GLN C 74 -15.76 -21.06 4.42
CA GLN C 74 -17.13 -20.72 4.06
C GLN C 74 -17.90 -20.19 5.25
N LEU C 75 -18.01 -18.85 5.35
CA LEU C 75 -18.80 -18.29 6.43
C LEU C 75 -20.24 -18.12 6.04
N VAL C 76 -21.15 -18.58 6.88
CA VAL C 76 -22.56 -18.55 6.56
C VAL C 76 -23.27 -17.72 7.61
N THR C 77 -24.10 -16.80 7.13
CA THR C 77 -24.90 -15.89 7.92
C THR C 77 -26.36 -15.98 7.51
N GLY C 78 -27.23 -15.98 8.50
CA GLY C 78 -28.68 -16.04 8.30
C GLY C 78 -29.44 -16.75 9.41
N GLN C 79 -30.73 -16.94 9.16
CA GLN C 79 -31.69 -17.56 10.08
C GLN C 79 -32.91 -18.02 9.29
N SER C 80 -33.78 -18.79 9.94
CA SER C 80 -35.07 -19.30 9.41
C SER C 80 -35.01 -19.83 7.96
N GLY C 81 -34.01 -20.69 7.72
CA GLY C 81 -33.79 -21.38 6.45
C GLY C 81 -33.24 -20.58 5.29
N LEU C 82 -32.87 -19.30 5.49
CA LEU C 82 -32.33 -18.42 4.44
C LEU C 82 -30.97 -17.91 4.85
N PHE C 83 -29.98 -18.21 4.03
CA PHE C 83 -28.59 -17.91 4.36
C PHE C 83 -27.79 -17.34 3.22
N THR C 84 -26.76 -16.55 3.57
CA THR C 84 -25.75 -15.99 2.66
C THR C 84 -24.39 -16.56 3.05
N GLN C 85 -23.68 -17.11 2.08
CA GLN C 85 -22.34 -17.68 2.21
C GLN C 85 -21.29 -16.68 1.69
N TYR C 86 -20.30 -16.38 2.52
CA TYR C 86 -19.18 -15.51 2.21
C TYR C 86 -17.98 -16.44 2.15
N ASN C 87 -17.30 -16.42 1.02
CA ASN C 87 -16.20 -17.33 0.76
C ASN C 87 -14.88 -16.61 0.95
N ILE C 88 -14.24 -16.83 2.13
CA ILE C 88 -13.00 -16.22 2.62
C ILE C 88 -11.74 -17.01 2.17
N GLN C 89 -10.91 -16.43 1.30
CA GLN C 89 -9.72 -17.12 0.82
C GLN C 89 -8.63 -17.29 1.90
N LYS C 90 -8.07 -18.50 1.96
CA LYS C 90 -7.03 -18.88 2.89
C LYS C 90 -5.74 -19.12 2.11
N LYS C 91 -4.59 -19.19 2.82
CA LYS C 91 -3.31 -19.49 2.16
C LYS C 91 -3.31 -20.95 1.64
N ALA C 92 -2.56 -21.20 0.54
CA ALA C 92 -2.43 -22.51 -0.11
C ALA C 92 -2.04 -23.60 0.87
N MET C 93 -2.64 -24.76 0.69
CA MET C 93 -2.34 -25.91 1.54
C MET C 93 -2.33 -27.11 0.64
N THR C 94 -1.76 -28.21 1.12
CA THR C 94 -1.71 -29.47 0.36
C THR C 94 -2.93 -30.29 0.71
N VAL C 95 -3.17 -31.36 -0.05
CA VAL C 95 -4.24 -32.31 0.23
C VAL C 95 -4.07 -32.92 1.63
N ARG C 96 -2.81 -33.29 2.00
CA ARG C 96 -2.45 -33.84 3.31
C ARG C 96 -2.91 -32.90 4.45
N GLU C 97 -2.53 -31.59 4.37
CA GLU C 97 -2.89 -30.56 5.34
C GLU C 97 -4.41 -30.39 5.43
N PHE C 98 -5.09 -30.40 4.28
CA PHE C 98 -6.55 -30.30 4.17
C PHE C 98 -7.27 -31.47 4.91
N ARG C 99 -6.92 -32.74 4.54
CA ARG C 99 -7.43 -33.97 5.12
C ARG C 99 -7.26 -34.01 6.66
N LYS C 100 -6.12 -33.50 7.19
CA LYS C 100 -5.86 -33.48 8.64
C LYS C 100 -6.92 -32.59 9.32
N ILE C 101 -7.22 -31.41 8.73
CA ILE C 101 -8.27 -30.54 9.21
C ILE C 101 -9.64 -31.25 9.06
N ALA C 102 -9.96 -31.79 7.86
CA ALA C 102 -11.24 -32.46 7.59
C ALA C 102 -11.57 -33.56 8.61
N ASN C 103 -10.55 -34.37 9.00
CA ASN C 103 -10.67 -35.50 9.90
C ASN C 103 -10.41 -35.18 11.39
N SER C 104 -10.07 -33.92 11.72
CA SER C 104 -9.87 -33.57 13.13
C SER C 104 -11.22 -33.53 13.89
N ASP C 105 -11.16 -33.64 15.23
CA ASP C 105 -12.33 -33.62 16.09
C ASP C 105 -13.20 -32.37 15.88
N LYS C 106 -12.57 -31.20 15.68
CA LYS C 106 -13.24 -29.92 15.44
C LYS C 106 -14.09 -29.94 14.15
N TYR C 107 -13.57 -30.52 13.04
CA TYR C 107 -14.24 -30.47 11.74
C TYR C 107 -14.86 -31.74 11.20
N CYS C 108 -14.62 -32.91 11.83
CA CYS C 108 -15.14 -34.19 11.32
C CYS C 108 -16.68 -34.28 11.36
N THR C 109 -17.21 -35.24 10.56
CA THR C 109 -18.63 -35.55 10.43
C THR C 109 -19.22 -35.99 11.79
N PRO C 110 -20.41 -35.48 12.19
CA PRO C 110 -21.02 -35.98 13.43
C PRO C 110 -21.57 -37.41 13.26
N ARG C 111 -21.92 -38.09 14.39
CA ARG C 111 -22.53 -39.42 14.36
C ARG C 111 -23.93 -39.30 13.72
N TYR C 112 -24.29 -40.23 12.84
CA TYR C 112 -25.60 -40.22 12.20
C TYR C 112 -26.18 -41.58 11.82
N SER C 113 -27.42 -41.81 12.25
CA SER C 113 -28.14 -43.04 11.94
C SER C 113 -28.58 -43.19 10.49
N GLU C 114 -29.14 -42.12 9.94
CA GLU C 114 -29.66 -42.08 8.58
C GLU C 114 -29.48 -40.67 7.99
N PHE C 115 -29.50 -40.56 6.66
CA PHE C 115 -29.28 -39.27 5.96
C PHE C 115 -30.11 -38.13 6.52
N GLU C 116 -31.41 -38.37 6.78
CA GLU C 116 -32.37 -37.40 7.31
C GLU C 116 -31.85 -36.71 8.58
N GLU C 117 -31.12 -37.46 9.44
CA GLU C 117 -30.51 -36.98 10.67
C GLU C 117 -29.31 -36.09 10.37
N LEU C 118 -28.41 -36.56 9.45
CA LEU C 118 -27.25 -35.77 9.07
C LEU C 118 -27.67 -34.47 8.41
N GLU C 119 -28.73 -34.51 7.58
CA GLU C 119 -29.27 -33.37 6.88
C GLU C 119 -29.80 -32.35 7.90
N ARG C 120 -30.51 -32.82 8.98
CA ARG C 120 -31.02 -31.95 10.05
C ARG C 120 -29.85 -31.21 10.74
N LYS C 121 -28.75 -31.94 11.06
CA LYS C 121 -27.52 -31.41 11.66
C LYS C 121 -26.90 -30.35 10.75
N TYR C 122 -26.87 -30.58 9.42
CA TYR C 122 -26.34 -29.59 8.46
C TYR C 122 -27.09 -28.28 8.55
N TRP C 123 -28.43 -28.32 8.41
CA TRP C 123 -29.26 -27.13 8.42
C TRP C 123 -29.32 -26.42 9.81
N LYS C 124 -29.03 -27.15 10.87
CA LYS C 124 -29.01 -26.58 12.22
C LYS C 124 -27.64 -25.94 12.50
N ASN C 125 -26.55 -26.50 11.90
CA ASN C 125 -25.18 -26.06 12.18
C ASN C 125 -24.41 -25.35 11.06
N LEU C 126 -24.98 -25.12 9.87
CA LEU C 126 -24.18 -24.54 8.76
C LEU C 126 -23.57 -23.16 9.09
N THR C 127 -24.16 -22.43 10.05
CA THR C 127 -23.62 -21.12 10.44
C THR C 127 -22.52 -21.24 11.51
N PHE C 128 -22.31 -22.43 12.08
CA PHE C 128 -21.32 -22.63 13.15
C PHE C 128 -20.09 -23.30 12.61
N ASN C 129 -18.94 -23.15 13.32
N ASN C 129 -18.96 -23.11 13.31
CA ASN C 129 -17.63 -23.73 13.00
CA ASN C 129 -17.64 -23.69 13.01
C ASN C 129 -17.38 -23.78 11.48
C ASN C 129 -17.39 -23.78 11.49
N PRO C 130 -17.19 -22.61 10.80
CA PRO C 130 -17.03 -22.61 9.34
C PRO C 130 -15.95 -23.53 8.77
N PRO C 131 -16.31 -24.40 7.85
CA PRO C 131 -15.31 -25.34 7.31
C PRO C 131 -14.50 -24.72 6.16
N ILE C 132 -13.47 -25.43 5.70
CA ILE C 132 -12.64 -25.03 4.56
C ILE C 132 -12.97 -25.89 3.36
N TYR C 133 -13.15 -25.25 2.22
CA TYR C 133 -13.48 -25.97 0.99
C TYR C 133 -12.34 -25.82 -0.02
N GLY C 134 -11.71 -26.95 -0.40
CA GLY C 134 -10.63 -26.95 -1.40
C GLY C 134 -11.20 -26.94 -2.80
N ALA C 135 -11.97 -25.89 -3.11
CA ALA C 135 -12.74 -25.74 -4.35
C ALA C 135 -12.00 -25.10 -5.50
N ASP C 136 -12.49 -25.38 -6.73
CA ASP C 136 -12.02 -24.81 -7.99
C ASP C 136 -10.51 -24.97 -8.21
N VAL C 137 -9.97 -26.16 -7.85
CA VAL C 137 -8.57 -26.49 -8.08
C VAL C 137 -8.50 -26.93 -9.54
N ASN C 138 -7.74 -26.22 -10.34
CA ASN C 138 -7.59 -26.59 -11.75
C ASN C 138 -6.82 -27.91 -11.77
N GLY C 139 -7.43 -28.93 -12.35
CA GLY C 139 -6.76 -30.21 -12.44
C GLY C 139 -7.68 -31.37 -12.63
N THR C 140 -7.08 -32.53 -12.82
CA THR C 140 -7.74 -33.80 -13.05
C THR C 140 -7.06 -34.92 -12.28
N LEU C 141 -7.85 -35.92 -11.88
CA LEU C 141 -7.31 -37.09 -11.22
C LEU C 141 -7.42 -38.32 -12.13
N TYR C 142 -8.00 -38.15 -13.34
CA TYR C 142 -8.05 -39.22 -14.32
C TYR C 142 -6.65 -39.58 -14.84
N GLU C 143 -6.40 -40.87 -15.10
CA GLU C 143 -5.12 -41.30 -15.70
C GLU C 143 -5.18 -40.98 -17.21
N LYS C 144 -4.04 -40.80 -17.85
CA LYS C 144 -3.99 -40.37 -19.23
C LYS C 144 -4.73 -41.22 -20.25
N HIS C 145 -4.72 -42.53 -20.04
CA HIS C 145 -5.33 -43.47 -20.95
C HIS C 145 -6.81 -43.72 -20.80
N VAL C 146 -7.48 -43.07 -19.86
CA VAL C 146 -8.91 -43.33 -19.69
C VAL C 146 -9.71 -42.63 -20.76
N ASP C 147 -10.32 -43.43 -21.62
CA ASP C 147 -11.09 -42.97 -22.78
C ASP C 147 -12.60 -42.79 -22.58
N GLU C 148 -13.16 -43.29 -21.48
CA GLU C 148 -14.60 -43.19 -21.24
C GLU C 148 -14.91 -42.18 -20.15
N TRP C 149 -15.87 -41.29 -20.44
CA TRP C 149 -16.38 -40.26 -19.54
C TRP C 149 -15.29 -39.44 -18.86
N ASN C 150 -14.24 -39.09 -19.65
CA ASN C 150 -13.09 -38.31 -19.23
C ASN C 150 -13.49 -36.84 -19.19
N ILE C 151 -13.65 -36.32 -17.99
CA ILE C 151 -14.09 -34.97 -17.76
C ILE C 151 -13.15 -33.98 -18.42
N GLY C 152 -11.87 -34.32 -18.49
CA GLY C 152 -10.90 -33.46 -19.15
C GLY C 152 -11.21 -33.27 -20.63
N ARG C 153 -11.64 -34.33 -21.29
CA ARG C 153 -11.97 -34.30 -22.71
C ARG C 153 -13.29 -35.00 -23.13
N LEU C 154 -14.43 -34.38 -22.88
CA LEU C 154 -15.73 -34.95 -23.26
C LEU C 154 -16.06 -34.94 -24.78
N ARG C 155 -15.47 -34.00 -25.48
CA ARG C 155 -15.59 -33.78 -26.94
C ARG C 155 -17.02 -33.43 -27.45
N THR C 156 -17.78 -32.67 -26.67
CA THR C 156 -19.14 -32.22 -27.05
C THR C 156 -19.05 -30.96 -27.94
N ILE C 157 -20.20 -30.40 -28.35
CA ILE C 157 -20.26 -29.19 -29.18
C ILE C 157 -19.75 -27.94 -28.41
N LEU C 158 -19.54 -28.04 -27.07
CA LEU C 158 -18.99 -26.92 -26.28
C LEU C 158 -17.55 -26.51 -26.77
N ASP C 159 -16.81 -27.46 -27.36
CA ASP C 159 -15.46 -27.30 -27.92
C ASP C 159 -15.33 -26.22 -29.02
N LEU C 160 -16.46 -25.86 -29.66
CA LEU C 160 -16.55 -24.89 -30.76
C LEU C 160 -15.95 -23.51 -30.47
N VAL C 161 -16.05 -23.00 -29.23
CA VAL C 161 -15.50 -21.69 -28.81
C VAL C 161 -13.97 -21.68 -28.93
N GLU C 162 -13.30 -22.71 -28.39
CA GLU C 162 -11.84 -22.90 -28.43
C GLU C 162 -11.38 -23.18 -29.87
N LYS C 163 -12.20 -23.92 -30.65
CA LYS C 163 -11.94 -24.24 -32.05
C LYS C 163 -11.81 -22.97 -32.93
N GLU C 164 -12.72 -22.03 -32.71
CA GLU C 164 -12.74 -20.73 -33.37
C GLU C 164 -11.66 -19.73 -32.92
N SER C 165 -11.41 -19.64 -31.61
CA SER C 165 -10.46 -18.66 -31.07
C SER C 165 -9.27 -19.12 -30.21
N GLY C 166 -9.36 -20.30 -29.62
CA GLY C 166 -8.30 -20.78 -28.76
C GLY C 166 -8.48 -20.32 -27.33
N ILE C 167 -9.47 -19.47 -27.10
CA ILE C 167 -9.80 -18.96 -25.76
C ILE C 167 -10.44 -20.04 -24.91
N THR C 168 -10.10 -20.09 -23.62
CA THR C 168 -10.65 -21.08 -22.70
C THR C 168 -10.87 -20.45 -21.33
N ILE C 169 -11.86 -20.95 -20.58
CA ILE C 169 -12.20 -20.47 -19.23
C ILE C 169 -12.11 -21.64 -18.23
N VAL C 172 -17.22 -23.18 -19.07
CA VAL C 172 -15.82 -23.58 -18.80
C VAL C 172 -15.51 -24.94 -19.45
N ASN C 173 -14.39 -25.02 -20.15
CA ASN C 173 -14.01 -26.26 -20.82
C ASN C 173 -12.71 -26.86 -20.27
N THR C 174 -12.50 -26.73 -18.95
CA THR C 174 -11.36 -27.29 -18.24
C THR C 174 -11.88 -28.01 -16.98
N PRO C 175 -11.25 -29.10 -16.48
CA PRO C 175 -11.77 -29.73 -15.26
C PRO C 175 -11.34 -29.01 -13.98
N TYR C 176 -12.14 -29.17 -12.92
CA TYR C 176 -11.87 -28.58 -11.62
C TYR C 176 -12.06 -29.65 -10.57
N LEU C 177 -11.21 -29.62 -9.53
CA LEU C 177 -11.27 -30.55 -8.41
C LEU C 177 -11.87 -29.86 -7.21
N TYR C 178 -12.64 -30.58 -6.40
CA TYR C 178 -13.27 -30.04 -5.19
C TYR C 178 -12.97 -30.99 -4.05
N PHE C 179 -12.20 -30.53 -3.08
CA PHE C 179 -11.88 -31.34 -1.92
C PHE C 179 -12.79 -30.85 -0.80
N GLY C 180 -13.71 -31.69 -0.38
CA GLY C 180 -14.67 -31.35 0.66
C GLY C 180 -14.36 -31.87 2.05
N MET C 181 -15.09 -31.36 3.01
CA MET C 181 -15.08 -31.79 4.41
C MET C 181 -16.51 -31.61 4.86
N TRP C 182 -16.85 -32.05 6.06
CA TRP C 182 -18.20 -31.91 6.53
C TRP C 182 -18.71 -30.48 6.53
N LYS C 183 -19.91 -30.29 6.02
CA LYS C 183 -20.55 -28.99 5.99
C LYS C 183 -20.11 -28.04 4.87
N THR C 184 -19.18 -28.45 4.02
CA THR C 184 -18.78 -27.59 2.93
C THR C 184 -19.97 -27.58 1.98
N SER C 185 -20.30 -26.43 1.42
CA SER C 185 -21.48 -26.31 0.57
C SER C 185 -21.33 -25.64 -0.77
N PHE C 186 -22.31 -25.91 -1.62
CA PHE C 186 -22.45 -25.26 -2.89
C PHE C 186 -23.88 -24.69 -2.86
N ALA C 187 -23.98 -23.38 -3.06
CA ALA C 187 -25.22 -22.62 -3.02
C ALA C 187 -26.08 -22.85 -4.24
N TRP C 188 -27.34 -22.43 -4.19
CA TRP C 188 -28.26 -22.60 -5.30
C TRP C 188 -27.81 -21.88 -6.56
N HIS C 189 -27.77 -22.59 -7.67
CA HIS C 189 -27.34 -22.02 -8.93
C HIS C 189 -27.60 -22.91 -10.11
N THR C 190 -27.42 -22.34 -11.29
CA THR C 190 -27.50 -23.03 -12.54
C THR C 190 -26.09 -22.83 -13.06
N GLU C 191 -25.69 -23.62 -14.02
CA GLU C 191 -24.34 -23.52 -14.55
C GLU C 191 -24.14 -22.25 -15.30
N ASP C 192 -22.90 -21.84 -15.49
CA ASP C 192 -22.60 -20.63 -16.27
C ASP C 192 -23.13 -20.82 -17.68
N MET C 193 -23.80 -19.77 -18.23
CA MET C 193 -24.42 -19.80 -19.57
C MET C 193 -25.54 -20.86 -19.64
N ASP C 194 -26.02 -21.32 -18.47
CA ASP C 194 -27.04 -22.37 -18.28
C ASP C 194 -26.68 -23.66 -18.99
N LEU C 195 -25.41 -24.00 -18.94
CA LEU C 195 -24.85 -25.19 -19.55
C LEU C 195 -25.11 -26.45 -18.73
N TYR C 196 -24.78 -27.59 -19.31
CA TYR C 196 -24.85 -28.86 -18.65
C TYR C 196 -23.61 -28.97 -17.79
N SER C 197 -23.61 -29.87 -16.82
CA SER C 197 -22.44 -30.12 -15.99
C SER C 197 -22.33 -31.61 -15.68
N ILE C 198 -21.13 -32.08 -15.37
CA ILE C 198 -20.86 -33.48 -15.04
C ILE C 198 -19.98 -33.46 -13.80
N ASN C 199 -20.29 -34.29 -12.82
CA ASN C 199 -19.54 -34.31 -11.58
C ASN C 199 -19.26 -35.75 -11.19
N TYR C 200 -18.00 -36.10 -10.97
CA TYR C 200 -17.64 -37.44 -10.54
C TYR C 200 -17.04 -37.39 -9.14
N LEU C 201 -17.56 -38.21 -8.22
CA LEU C 201 -17.03 -38.26 -6.88
C LEU C 201 -15.92 -39.30 -6.87
N HIS C 202 -14.64 -38.85 -6.97
CA HIS C 202 -13.49 -39.77 -7.00
C HIS C 202 -13.38 -40.65 -5.74
N PHE C 203 -13.49 -40.05 -4.55
CA PHE C 203 -13.35 -40.82 -3.33
C PHE C 203 -13.91 -40.08 -2.14
N GLY C 204 -14.04 -40.82 -1.05
CA GLY C 204 -14.44 -40.28 0.24
C GLY C 204 -15.90 -40.33 0.60
N GLU C 205 -16.23 -39.44 1.52
CA GLU C 205 -17.58 -39.37 2.07
C GLU C 205 -18.58 -38.81 1.06
N PRO C 206 -19.88 -39.16 1.17
CA PRO C 206 -20.85 -38.68 0.16
C PRO C 206 -21.02 -37.16 0.00
N LYS C 207 -21.72 -36.82 -1.08
CA LYS C 207 -22.10 -35.46 -1.44
C LYS C 207 -23.62 -35.48 -1.68
N SER C 208 -24.38 -34.69 -0.93
CA SER C 208 -25.85 -34.61 -1.07
C SER C 208 -26.23 -33.41 -1.89
N TRP C 209 -27.23 -33.61 -2.75
CA TRP C 209 -27.68 -32.67 -3.75
C TRP C 209 -29.15 -32.45 -3.62
N TYR C 210 -29.56 -31.23 -3.92
CA TYR C 210 -30.95 -30.77 -4.04
C TYR C 210 -31.07 -30.27 -5.47
N SER C 211 -32.24 -30.46 -6.08
N SER C 211 -32.24 -30.49 -6.09
CA SER C 211 -32.48 -30.01 -7.44
CA SER C 211 -32.48 -30.10 -7.48
C SER C 211 -33.87 -29.41 -7.50
C SER C 211 -33.89 -29.56 -7.63
N VAL C 212 -34.06 -28.45 -8.40
CA VAL C 212 -35.37 -27.85 -8.67
C VAL C 212 -35.60 -28.10 -10.18
N PRO C 213 -36.73 -28.72 -10.63
CA PRO C 213 -36.88 -28.99 -12.07
C PRO C 213 -36.78 -27.72 -12.92
N PRO C 214 -36.08 -27.74 -14.09
CA PRO C 214 -35.99 -26.52 -14.92
C PRO C 214 -37.34 -25.85 -15.25
N GLU C 215 -38.42 -26.63 -15.35
CA GLU C 215 -39.76 -26.07 -15.58
C GLU C 215 -40.29 -25.27 -14.35
N HIS C 216 -39.63 -25.42 -13.17
CA HIS C 216 -40.02 -24.66 -11.97
C HIS C 216 -38.94 -23.66 -11.50
N GLY C 217 -37.86 -23.53 -12.27
CA GLY C 217 -36.74 -22.64 -11.97
C GLY C 217 -37.05 -21.16 -11.79
N LYS C 218 -37.97 -20.62 -12.60
CA LYS C 218 -38.40 -19.22 -12.51
C LYS C 218 -39.13 -18.93 -11.19
N ARG C 219 -39.76 -19.97 -10.58
CA ARG C 219 -40.42 -19.89 -9.27
C ARG C 219 -39.39 -19.82 -8.15
N LEU C 220 -38.24 -20.50 -8.29
CA LEU C 220 -37.17 -20.39 -7.28
C LEU C 220 -36.57 -18.97 -7.36
N GLU C 221 -36.29 -18.50 -8.59
CA GLU C 221 -35.80 -17.15 -8.86
C GLU C 221 -36.72 -16.10 -8.24
N ARG C 222 -38.04 -16.17 -8.50
CA ARG C 222 -39.02 -15.26 -7.93
C ARG C 222 -39.00 -15.33 -6.40
N LEU C 223 -38.78 -16.51 -5.84
CA LEU C 223 -38.71 -16.69 -4.40
C LEU C 223 -37.46 -16.00 -3.81
N ALA C 224 -36.26 -16.32 -4.31
CA ALA C 224 -35.00 -15.72 -3.87
C ALA C 224 -35.03 -14.21 -4.05
N LYS C 225 -35.70 -13.73 -5.11
CA LYS C 225 -35.87 -12.31 -5.39
C LYS C 225 -36.65 -11.63 -4.26
N GLY C 226 -37.73 -12.26 -3.80
CA GLY C 226 -38.54 -11.78 -2.68
C GLY C 226 -37.83 -11.84 -1.34
N PHE C 227 -36.99 -12.88 -1.12
CA PHE C 227 -36.23 -13.11 0.11
C PHE C 227 -34.99 -12.20 0.23
N PHE C 228 -34.37 -11.84 -0.92
CA PHE C 228 -33.18 -11.01 -0.99
C PHE C 228 -33.44 -9.86 -1.99
N PRO C 229 -34.24 -8.84 -1.61
CA PRO C 229 -34.57 -7.75 -2.55
C PRO C 229 -33.41 -6.82 -2.91
N GLY C 230 -32.53 -6.52 -1.95
CA GLY C 230 -31.38 -5.66 -2.14
C GLY C 230 -30.37 -6.25 -3.10
N SER C 231 -30.16 -7.57 -3.02
CA SER C 231 -29.26 -8.36 -3.87
C SER C 231 -29.79 -8.41 -5.30
N ALA C 232 -31.14 -8.48 -5.43
CA ALA C 232 -31.87 -8.56 -6.69
C ALA C 232 -31.82 -7.20 -7.42
N GLN C 233 -31.82 -6.08 -6.66
CA GLN C 233 -31.74 -4.72 -7.21
C GLN C 233 -30.35 -4.46 -7.81
N SER C 234 -29.29 -4.95 -7.13
CA SER C 234 -27.89 -4.81 -7.52
C SER C 234 -27.52 -5.67 -8.73
N CYS C 235 -28.24 -6.80 -8.90
CA CYS C 235 -27.99 -7.78 -9.96
C CYS C 235 -29.24 -8.65 -10.12
N GLU C 236 -29.79 -8.72 -11.34
CA GLU C 236 -30.96 -9.57 -11.61
C GLU C 236 -30.56 -11.06 -11.50
N ALA C 237 -29.30 -11.38 -11.88
CA ALA C 237 -28.78 -12.74 -11.84
C ALA C 237 -27.87 -13.01 -10.61
N PHE C 238 -28.27 -12.48 -9.42
CA PHE C 238 -27.46 -12.58 -8.17
C PHE C 238 -27.26 -14.04 -7.72
N LEU C 239 -28.14 -14.98 -8.11
CA LEU C 239 -27.98 -16.39 -7.79
C LEU C 239 -26.72 -16.97 -8.44
N ARG C 240 -26.23 -16.33 -9.52
CA ARG C 240 -24.98 -16.71 -10.20
C ARG C 240 -23.74 -16.51 -9.33
N HIS C 241 -23.82 -15.63 -8.28
CA HIS C 241 -22.73 -15.40 -7.32
C HIS C 241 -22.48 -16.65 -6.45
N LYS C 242 -23.43 -17.63 -6.45
N LYS C 242 -23.44 -17.63 -6.45
CA LYS C 242 -23.35 -18.89 -5.69
CA LYS C 242 -23.39 -18.89 -5.72
C LYS C 242 -23.11 -18.63 -4.20
C LYS C 242 -23.15 -18.66 -4.21
N MET C 243 -23.93 -17.73 -3.63
CA MET C 243 -23.86 -17.32 -2.21
C MET C 243 -25.17 -17.60 -1.45
N THR C 244 -26.26 -17.89 -2.16
CA THR C 244 -27.59 -18.02 -1.56
C THR C 244 -27.94 -19.47 -1.22
N LEU C 245 -28.20 -19.73 0.08
CA LEU C 245 -28.56 -21.04 0.59
C LEU C 245 -29.98 -20.95 1.10
N ILE C 246 -30.82 -21.93 0.70
CA ILE C 246 -32.25 -22.01 1.03
C ILE C 246 -32.53 -23.43 1.43
N SER C 247 -33.03 -23.65 2.65
CA SER C 247 -33.29 -24.96 3.21
C SER C 247 -34.44 -25.67 2.50
N PRO C 248 -34.45 -27.04 2.44
CA PRO C 248 -35.60 -27.74 1.83
C PRO C 248 -36.95 -27.37 2.48
N LEU C 249 -36.99 -27.13 3.80
CA LEU C 249 -38.19 -26.70 4.53
C LEU C 249 -38.79 -25.40 3.98
N MET C 250 -37.93 -24.45 3.59
CA MET C 250 -38.32 -23.18 3.01
C MET C 250 -38.89 -23.41 1.62
N LEU C 251 -38.25 -24.26 0.81
CA LEU C 251 -38.76 -24.61 -0.52
C LEU C 251 -40.14 -25.25 -0.41
N LYS C 252 -40.31 -26.17 0.55
CA LYS C 252 -41.57 -26.89 0.77
C LYS C 252 -42.69 -25.91 1.14
N LYS C 253 -42.39 -24.98 2.09
CA LYS C 253 -43.27 -23.95 2.62
C LYS C 253 -43.83 -23.03 1.52
N TYR C 254 -42.97 -22.62 0.57
CA TYR C 254 -43.34 -21.70 -0.50
C TYR C 254 -43.73 -22.44 -1.77
N GLY C 255 -43.95 -23.73 -1.64
CA GLY C 255 -44.42 -24.61 -2.71
C GLY C 255 -43.51 -24.76 -3.92
N ILE C 256 -42.19 -24.75 -3.71
CA ILE C 256 -41.22 -24.96 -4.79
C ILE C 256 -40.97 -26.46 -4.94
N PRO C 257 -41.29 -27.08 -6.10
CA PRO C 257 -41.01 -28.53 -6.27
C PRO C 257 -39.50 -28.76 -6.33
N PHE C 258 -39.04 -29.80 -5.63
CA PHE C 258 -37.63 -30.13 -5.54
C PHE C 258 -37.46 -31.59 -5.21
N ASP C 259 -36.26 -32.10 -5.43
CA ASP C 259 -35.89 -33.48 -5.12
C ASP C 259 -34.52 -33.50 -4.48
N LYS C 260 -34.17 -34.61 -3.84
CA LYS C 260 -32.85 -34.78 -3.22
C LYS C 260 -32.25 -36.11 -3.56
N VAL C 261 -30.92 -36.16 -3.65
CA VAL C 261 -30.17 -37.36 -3.97
C VAL C 261 -28.79 -37.28 -3.29
N THR C 262 -28.29 -38.43 -2.83
CA THR C 262 -26.94 -38.53 -2.27
C THR C 262 -26.07 -39.23 -3.31
N GLN C 263 -24.93 -38.63 -3.64
CA GLN C 263 -23.92 -39.15 -4.56
C GLN C 263 -22.85 -39.84 -3.71
N GLU C 264 -22.63 -41.12 -3.95
CA GLU C 264 -21.61 -41.90 -3.23
C GLU C 264 -20.33 -41.91 -4.05
N ALA C 265 -19.15 -42.22 -3.42
CA ALA C 265 -17.88 -42.30 -4.15
C ALA C 265 -18.02 -43.26 -5.33
N GLY C 266 -17.51 -42.84 -6.47
CA GLY C 266 -17.53 -43.64 -7.69
C GLY C 266 -18.75 -43.43 -8.57
N GLU C 267 -19.60 -42.43 -8.27
CA GLU C 267 -20.78 -42.18 -9.10
C GLU C 267 -20.67 -40.81 -9.73
N PHE C 268 -21.39 -40.62 -10.85
CA PHE C 268 -21.45 -39.35 -11.61
C PHE C 268 -22.81 -38.66 -11.39
N MET C 269 -22.80 -37.32 -11.42
CA MET C 269 -24.03 -36.55 -11.36
C MET C 269 -24.03 -35.66 -12.59
N ILE C 270 -25.13 -35.65 -13.36
CA ILE C 270 -25.25 -34.78 -14.51
C ILE C 270 -26.28 -33.70 -14.14
N THR C 271 -25.94 -32.43 -14.38
CA THR C 271 -26.87 -31.32 -14.21
C THR C 271 -27.28 -30.86 -15.63
N PHE C 272 -28.56 -30.55 -15.82
CA PHE C 272 -29.12 -30.17 -17.12
C PHE C 272 -29.32 -28.66 -17.28
N PRO C 273 -29.38 -28.12 -18.54
CA PRO C 273 -29.60 -26.69 -18.72
C PRO C 273 -30.75 -26.12 -17.89
N TYR C 274 -30.42 -25.07 -17.11
CA TYR C 274 -31.36 -24.35 -16.25
C TYR C 274 -31.87 -25.21 -15.08
N GLY C 275 -31.04 -26.18 -14.67
CA GLY C 275 -31.29 -27.03 -13.52
C GLY C 275 -30.69 -26.39 -12.28
N TYR C 276 -31.51 -25.81 -11.41
CA TYR C 276 -31.01 -25.23 -10.16
C TYR C 276 -30.64 -26.36 -9.22
N HIS C 277 -29.50 -26.26 -8.56
CA HIS C 277 -29.04 -27.30 -7.65
C HIS C 277 -28.23 -26.64 -6.54
N ALA C 278 -28.12 -27.32 -5.40
CA ALA C 278 -27.41 -26.92 -4.17
C ALA C 278 -27.09 -28.19 -3.43
N GLY C 279 -26.23 -28.08 -2.44
CA GLY C 279 -25.89 -29.28 -1.68
C GLY C 279 -24.73 -29.12 -0.74
N PHE C 280 -24.27 -30.24 -0.20
CA PHE C 280 -23.21 -30.23 0.82
C PHE C 280 -22.47 -31.54 0.84
N ASN C 281 -21.24 -31.52 1.39
CA ASN C 281 -20.37 -32.68 1.58
C ASN C 281 -20.60 -33.27 2.95
N HIS C 282 -20.57 -34.63 3.07
CA HIS C 282 -20.79 -35.35 4.32
C HIS C 282 -19.50 -35.43 5.12
N GLY C 283 -18.39 -35.36 4.41
CA GLY C 283 -17.09 -35.44 5.06
C GLY C 283 -16.00 -35.33 4.04
N PHE C 284 -14.77 -35.74 4.43
CA PHE C 284 -13.60 -35.69 3.56
C PHE C 284 -13.86 -36.42 2.25
N ASN C 285 -13.69 -35.72 1.15
CA ASN C 285 -13.94 -36.27 -0.18
C ASN C 285 -13.28 -35.46 -1.28
N CYS C 286 -13.41 -35.93 -2.52
CA CYS C 286 -12.87 -35.24 -3.67
C CYS C 286 -13.72 -35.53 -4.88
N ALA C 287 -14.22 -34.45 -5.56
CA ALA C 287 -15.04 -34.55 -6.78
C ALA C 287 -14.37 -33.82 -7.93
N GLU C 288 -14.58 -34.30 -9.16
CA GLU C 288 -14.05 -33.63 -10.37
C GLU C 288 -15.22 -33.19 -11.24
N SER C 289 -15.15 -31.99 -11.81
CA SER C 289 -16.26 -31.45 -12.59
C SER C 289 -15.85 -30.58 -13.77
N THR C 290 -16.79 -30.40 -14.74
CA THR C 290 -16.69 -29.51 -15.91
C THR C 290 -18.07 -29.33 -16.54
N ASN C 291 -18.17 -28.39 -17.50
CA ASN C 291 -19.41 -28.13 -18.23
C ASN C 291 -19.27 -28.73 -19.60
N PHE C 292 -20.40 -29.07 -20.20
CA PHE C 292 -20.50 -29.60 -21.54
C PHE C 292 -21.82 -29.08 -22.10
N ALA C 293 -22.06 -29.34 -23.38
CA ALA C 293 -23.28 -28.91 -24.06
C ALA C 293 -23.74 -29.96 -25.05
N THR C 294 -24.99 -29.82 -25.48
CA THR C 294 -25.60 -30.60 -26.57
C THR C 294 -26.26 -29.52 -27.42
N ARG C 295 -26.86 -29.90 -28.56
CA ARG C 295 -27.52 -28.93 -29.44
C ARG C 295 -28.70 -28.25 -28.71
N ARG C 296 -29.40 -28.97 -27.80
CA ARG C 296 -30.49 -28.46 -26.97
C ARG C 296 -30.08 -27.21 -26.14
N TRP C 297 -28.81 -27.15 -25.68
CA TRP C 297 -28.25 -26.05 -24.89
C TRP C 297 -28.25 -24.70 -25.62
N ILE C 298 -28.05 -24.69 -26.93
CA ILE C 298 -27.98 -23.46 -27.73
C ILE C 298 -29.06 -22.43 -27.35
N GLU C 299 -30.36 -22.81 -27.35
CA GLU C 299 -31.41 -21.87 -26.97
C GLU C 299 -31.25 -21.33 -25.55
N TYR C 300 -30.87 -22.21 -24.59
CA TYR C 300 -30.60 -21.85 -23.20
C TYR C 300 -29.48 -20.79 -23.09
N GLY C 301 -28.38 -21.01 -23.80
CA GLY C 301 -27.25 -20.08 -23.87
C GLY C 301 -27.62 -18.70 -24.41
N LYS C 302 -28.48 -18.66 -25.45
CA LYS C 302 -28.96 -17.41 -26.08
C LYS C 302 -29.86 -16.62 -25.11
N GLN C 303 -30.69 -17.34 -24.32
CA GLN C 303 -31.63 -16.72 -23.40
C GLN C 303 -31.12 -16.49 -21.98
N ALA C 304 -29.97 -17.11 -21.62
CA ALA C 304 -29.36 -17.04 -20.29
C ALA C 304 -29.26 -15.61 -19.76
N VAL C 305 -29.77 -15.37 -18.54
CA VAL C 305 -29.73 -14.06 -17.86
C VAL C 305 -28.43 -14.03 -17.04
N LEU C 306 -27.48 -13.18 -17.47
CA LEU C 306 -26.14 -13.12 -16.88
C LEU C 306 -25.95 -12.05 -15.81
N CYS C 307 -24.91 -12.25 -14.97
CA CYS C 307 -24.53 -11.38 -13.87
C CYS C 307 -24.11 -10.01 -14.40
N SER C 308 -24.91 -8.97 -14.04
CA SER C 308 -24.71 -7.56 -14.42
C SER C 308 -23.63 -6.83 -13.57
N CYS C 309 -23.04 -7.54 -12.57
CA CYS C 309 -21.98 -7.05 -11.69
C CYS C 309 -20.82 -8.06 -11.60
N MET C 313 -17.85 -11.93 -14.75
CA MET C 313 -18.27 -13.32 -14.66
C MET C 313 -18.24 -14.03 -16.03
N VAL C 314 -18.47 -15.37 -16.06
CA VAL C 314 -18.41 -16.18 -17.28
C VAL C 314 -19.49 -15.81 -18.31
N LYS C 315 -19.03 -15.31 -19.46
CA LYS C 315 -19.85 -14.96 -20.61
C LYS C 315 -19.28 -15.64 -21.85
N ILE C 316 -20.16 -16.17 -22.72
CA ILE C 316 -19.77 -16.84 -23.96
C ILE C 316 -20.56 -16.28 -25.15
N SER C 317 -19.88 -15.99 -26.27
CA SER C 317 -20.50 -15.51 -27.50
C SER C 317 -21.27 -16.65 -28.17
N MET C 318 -22.57 -16.43 -28.44
CA MET C 318 -23.43 -17.45 -29.04
C MET C 318 -23.31 -17.47 -30.55
N ASP C 319 -22.82 -16.36 -31.15
CA ASP C 319 -22.65 -16.17 -32.60
C ASP C 319 -22.22 -17.44 -33.34
N VAL C 320 -21.10 -18.08 -32.93
CA VAL C 320 -20.56 -19.31 -33.54
C VAL C 320 -21.56 -20.48 -33.50
N PHE C 321 -22.30 -20.61 -32.38
CA PHE C 321 -23.31 -21.67 -32.20
C PHE C 321 -24.55 -21.42 -33.03
N VAL C 322 -24.98 -20.14 -33.10
CA VAL C 322 -26.14 -19.72 -33.89
C VAL C 322 -25.83 -19.88 -35.37
N ARG C 323 -24.67 -19.36 -35.86
CA ARG C 323 -24.24 -19.46 -37.26
C ARG C 323 -24.23 -20.90 -37.81
N LYS C 324 -23.69 -21.87 -37.03
CA LYS C 324 -23.54 -23.27 -37.44
C LYS C 324 -24.82 -24.08 -37.35
N PHE C 325 -25.46 -24.07 -36.16
CA PHE C 325 -26.63 -24.89 -35.86
C PHE C 325 -28.00 -24.27 -36.09
N GLN C 326 -28.07 -22.92 -36.18
CA GLN C 326 -29.30 -22.17 -36.43
C GLN C 326 -29.02 -21.05 -37.46
N PRO C 327 -28.50 -21.35 -38.70
CA PRO C 327 -28.19 -20.25 -39.65
C PRO C 327 -29.41 -19.44 -40.07
N GLU C 328 -30.58 -20.11 -40.19
CA GLU C 328 -31.89 -19.56 -40.56
C GLU C 328 -32.36 -18.46 -39.58
N ARG C 329 -31.97 -18.59 -38.30
CA ARG C 329 -32.36 -17.65 -37.26
C ARG C 329 -31.30 -16.61 -36.93
N TYR C 330 -30.07 -16.72 -37.51
CA TYR C 330 -28.97 -15.78 -37.22
C TYR C 330 -29.37 -14.31 -37.38
N LYS C 331 -29.84 -13.91 -38.60
CA LYS C 331 -30.25 -12.54 -38.92
C LYS C 331 -31.37 -12.05 -38.00
N LEU C 332 -32.38 -12.90 -37.74
CA LEU C 332 -33.50 -12.62 -36.83
C LEU C 332 -33.00 -12.43 -35.39
N TRP C 333 -32.03 -13.25 -34.95
CA TRP C 333 -31.43 -13.23 -33.61
C TRP C 333 -30.49 -12.03 -33.41
N LYS C 334 -29.74 -11.63 -34.45
CA LYS C 334 -28.82 -10.48 -34.37
C LYS C 334 -29.57 -9.13 -34.39
N ALA C 335 -30.82 -9.14 -34.87
CA ALA C 335 -31.70 -7.96 -34.88
C ALA C 335 -32.35 -7.80 -33.50
N GLY C 336 -32.67 -8.92 -32.88
CA GLY C 336 -33.35 -8.98 -31.59
C GLY C 336 -34.80 -9.42 -31.79
N LYS C 337 -35.08 -10.04 -32.95
CA LYS C 337 -36.41 -10.51 -33.34
C LYS C 337 -36.64 -11.99 -32.98
N ASP C 338 -35.68 -12.62 -32.27
CA ASP C 338 -35.84 -14.03 -31.86
C ASP C 338 -36.75 -14.14 -30.62
N ASN C 339 -37.98 -14.61 -30.86
CA ASN C 339 -39.03 -14.75 -29.85
C ASN C 339 -39.22 -16.20 -29.37
N THR C 340 -38.33 -17.13 -29.82
CA THR C 340 -38.34 -18.57 -29.46
C THR C 340 -38.54 -18.78 -27.96
N VAL C 341 -39.50 -19.65 -27.62
CA VAL C 341 -39.88 -20.00 -26.26
C VAL C 341 -39.37 -21.42 -25.99
N ILE C 342 -38.53 -21.60 -24.94
CA ILE C 342 -37.98 -22.90 -24.59
C ILE C 342 -39.01 -23.80 -23.90
N ASP C 343 -39.16 -25.02 -24.42
CA ASP C 343 -39.97 -26.05 -23.83
C ASP C 343 -38.99 -26.96 -23.07
N HIS C 344 -38.96 -26.87 -21.73
CA HIS C 344 -38.04 -27.60 -20.84
C HIS C 344 -38.29 -29.12 -20.78
N THR C 345 -39.41 -29.58 -21.34
CA THR C 345 -39.79 -31.00 -21.31
C THR C 345 -39.20 -31.77 -22.50
N LEU C 346 -38.92 -31.07 -23.61
CA LEU C 346 -38.42 -31.68 -24.83
C LEU C 346 -37.00 -32.18 -24.73
N PRO C 347 -36.73 -33.43 -25.14
CA PRO C 347 -35.34 -33.93 -25.09
C PRO C 347 -34.49 -33.34 -26.21
N THR C 348 -33.18 -33.60 -26.17
CA THR C 348 -32.22 -33.08 -27.14
C THR C 348 -32.51 -33.69 -28.55
N PRO C 349 -32.38 -32.90 -29.65
CA PRO C 349 -32.63 -33.47 -31.01
C PRO C 349 -31.86 -34.77 -31.29
N GLU C 350 -30.65 -34.92 -30.70
CA GLU C 350 -29.78 -36.11 -30.79
C GLU C 350 -30.47 -37.38 -30.23
N ALA C 351 -31.51 -37.21 -29.38
CA ALA C 351 -32.26 -38.31 -28.77
C ALA C 351 -33.26 -39.00 -29.73
N ALA C 352 -33.48 -38.42 -30.94
CA ALA C 352 -34.41 -38.92 -31.97
C ALA C 352 -34.35 -40.44 -32.20
N GLU C 353 -33.13 -40.99 -32.37
CA GLU C 353 -32.86 -42.42 -32.57
C GLU C 353 -33.42 -43.35 -31.47
N PHE C 354 -33.63 -42.82 -30.26
CA PHE C 354 -34.15 -43.56 -29.11
C PHE C 354 -35.68 -43.44 -28.94
N LEU C 355 -36.32 -42.72 -29.89
CA LEU C 355 -37.77 -42.47 -29.93
C LEU C 355 -38.25 -42.25 -31.37
N PRO D 11 38.04 33.95 -1.16
CA PRO D 11 37.66 34.94 -2.17
C PRO D 11 36.15 35.10 -2.20
N SER D 12 35.41 33.99 -2.51
CA SER D 12 33.94 33.94 -2.45
C SER D 12 33.59 33.46 -1.01
N ALA D 13 34.64 33.22 -0.20
CA ALA D 13 34.59 32.80 1.18
C ALA D 13 35.07 33.88 2.16
N ARG D 14 34.99 35.18 1.75
CA ARG D 14 35.29 36.33 2.61
C ARG D 14 34.04 36.67 3.42
N ILE D 15 34.20 37.10 4.67
CA ILE D 15 33.05 37.46 5.50
C ILE D 15 32.37 38.71 4.92
N MET D 16 31.03 38.63 4.74
CA MET D 16 30.25 39.76 4.22
C MET D 16 29.51 40.46 5.37
N THR D 17 29.20 41.75 5.16
CA THR D 17 28.43 42.57 6.11
C THR D 17 27.20 43.07 5.39
N PHE D 18 26.04 43.02 6.08
CA PHE D 18 24.73 43.44 5.53
C PHE D 18 24.12 44.55 6.36
N TYR D 19 23.46 45.47 5.68
CA TYR D 19 22.84 46.64 6.28
C TYR D 19 21.34 46.63 5.90
N PRO D 20 20.52 45.70 6.45
CA PRO D 20 19.09 45.69 6.06
C PRO D 20 18.38 46.97 6.43
N THR D 21 17.38 47.35 5.63
CA THR D 21 16.47 48.46 5.97
C THR D 21 15.52 47.89 7.06
N MET D 22 14.69 48.75 7.69
CA MET D 22 13.69 48.33 8.69
C MET D 22 12.73 47.27 8.07
N GLU D 23 12.29 47.47 6.81
CA GLU D 23 11.41 46.56 6.06
C GLU D 23 12.02 45.15 5.81
N GLU D 24 13.28 45.09 5.36
CA GLU D 24 13.97 43.80 5.10
C GLU D 24 14.24 43.02 6.39
N PHE D 25 14.51 43.75 7.47
CA PHE D 25 14.87 43.26 8.79
C PHE D 25 13.70 42.62 9.54
N ARG D 26 12.47 42.90 9.14
CA ARG D 26 11.27 42.38 9.80
C ARG D 26 11.10 40.87 9.67
N ASN D 27 11.44 40.27 8.51
CA ASN D 27 11.30 38.83 8.34
C ASN D 27 12.66 38.21 8.49
N PHE D 28 12.89 37.55 9.64
CA PHE D 28 14.17 36.91 9.97
C PHE D 28 14.61 35.88 8.96
N SER D 29 13.78 34.85 8.75
CA SER D 29 14.02 33.71 7.87
C SER D 29 14.27 34.11 6.43
N ARG D 30 13.45 35.02 5.90
CA ARG D 30 13.54 35.55 4.53
C ARG D 30 14.86 36.27 4.39
N TYR D 31 15.27 37.02 5.42
CA TYR D 31 16.56 37.72 5.37
C TYR D 31 17.73 36.76 5.34
N ILE D 32 17.67 35.65 6.13
CA ILE D 32 18.71 34.62 6.09
C ILE D 32 18.76 34.01 4.69
N ALA D 33 17.60 33.72 4.08
CA ALA D 33 17.45 33.19 2.72
C ALA D 33 18.16 34.13 1.73
N TYR D 34 17.93 35.47 1.90
CA TYR D 34 18.52 36.52 1.10
C TYR D 34 20.05 36.58 1.20
N ILE D 35 20.63 36.58 2.43
CA ILE D 35 22.09 36.68 2.54
C ILE D 35 22.77 35.42 1.91
N GLU D 36 22.10 34.25 1.97
CA GLU D 36 22.61 33.04 1.34
C GLU D 36 22.58 33.14 -0.20
N SER D 37 21.54 33.80 -0.78
CA SER D 37 21.46 34.03 -2.24
C SER D 37 22.60 34.98 -2.66
N GLN D 38 23.14 35.74 -1.69
CA GLN D 38 24.27 36.66 -1.86
C GLN D 38 25.60 35.92 -1.59
N GLY D 39 25.52 34.63 -1.30
CA GLY D 39 26.67 33.76 -1.00
C GLY D 39 27.33 33.96 0.36
N ALA D 40 26.62 34.58 1.34
CA ALA D 40 27.15 34.84 2.69
C ALA D 40 27.61 33.58 3.45
N HIS D 41 26.87 32.46 3.22
CA HIS D 41 27.09 31.15 3.85
C HIS D 41 28.47 30.56 3.55
N ARG D 42 29.10 30.95 2.43
CA ARG D 42 30.38 30.43 2.00
C ARG D 42 31.54 30.75 2.92
N ALA D 43 31.48 31.87 3.65
CA ALA D 43 32.51 32.23 4.60
C ALA D 43 32.32 31.47 5.89
N GLY D 44 31.07 31.03 6.16
CA GLY D 44 30.70 30.34 7.38
C GLY D 44 30.27 31.31 8.48
N LEU D 45 30.44 32.61 8.22
CA LEU D 45 30.10 33.67 9.16
C LEU D 45 29.79 34.93 8.36
N ALA D 46 28.76 35.70 8.78
CA ALA D 46 28.31 36.97 8.20
C ALA D 46 27.94 37.91 9.35
N LYS D 47 28.14 39.24 9.14
CA LYS D 47 27.78 40.30 10.06
C LYS D 47 26.54 41.00 9.54
N VAL D 48 25.60 41.31 10.43
CA VAL D 48 24.35 42.00 10.04
C VAL D 48 24.21 43.20 10.95
N VAL D 49 24.27 44.39 10.38
CA VAL D 49 24.13 45.65 11.11
C VAL D 49 22.65 46.03 11.05
N PRO D 50 21.90 46.04 12.19
CA PRO D 50 20.47 46.34 12.13
C PRO D 50 20.19 47.81 11.87
N PRO D 51 18.98 48.19 11.40
CA PRO D 51 18.70 49.62 11.20
C PRO D 51 18.89 50.39 12.50
N LYS D 52 19.37 51.65 12.40
CA LYS D 52 19.64 52.56 13.51
C LYS D 52 18.42 52.76 14.43
N GLU D 53 17.20 52.67 13.88
CA GLU D 53 15.95 52.88 14.63
C GLU D 53 15.50 51.62 15.42
N TRP D 54 16.20 50.50 15.22
CA TRP D 54 15.86 49.26 15.91
C TRP D 54 16.70 49.11 17.18
N LYS D 55 16.06 48.67 18.26
CA LYS D 55 16.70 48.47 19.56
C LYS D 55 16.01 47.28 20.30
N PRO D 56 16.76 46.29 20.82
CA PRO D 56 16.09 45.18 21.53
C PRO D 56 15.61 45.50 22.96
N ARG D 57 16.18 46.54 23.59
CA ARG D 57 15.93 46.93 24.98
C ARG D 57 16.13 48.45 25.12
N ALA D 58 15.33 49.11 25.97
CA ALA D 58 15.40 50.56 26.15
C ALA D 58 16.74 51.03 26.73
N SER D 59 17.26 50.28 27.75
CA SER D 59 18.51 50.58 28.45
C SER D 59 19.02 49.35 29.22
N TYR D 60 20.30 49.33 29.58
CA TYR D 60 20.89 48.22 30.34
C TYR D 60 21.28 48.64 31.79
N ASP D 61 20.55 49.62 32.35
N ASP D 61 20.55 49.62 32.35
CA ASP D 61 20.80 50.12 33.70
CA ASP D 61 20.79 50.13 33.70
C ASP D 61 20.23 49.19 34.78
C ASP D 61 20.23 49.20 34.78
N ASP D 62 19.26 48.35 34.39
CA ASP D 62 18.54 47.43 35.26
C ASP D 62 19.07 45.99 35.23
N ILE D 63 20.39 45.81 35.00
CA ILE D 63 20.93 44.44 34.90
C ILE D 63 22.13 44.14 35.84
N ASP D 64 22.56 45.09 36.72
CA ASP D 64 23.71 44.83 37.60
C ASP D 64 23.43 43.74 38.65
N ASP D 65 22.14 43.51 38.97
CA ASP D 65 21.72 42.48 39.93
C ASP D 65 21.51 41.11 39.31
N LEU D 66 21.66 40.99 37.99
CA LEU D 66 21.54 39.72 37.28
C LEU D 66 22.63 38.76 37.77
N VAL D 67 22.24 37.53 38.12
CA VAL D 67 23.11 36.46 38.61
C VAL D 67 23.67 35.65 37.45
N ILE D 68 25.01 35.45 37.45
CA ILE D 68 25.74 34.59 36.54
C ILE D 68 25.90 33.31 37.39
N PRO D 69 25.05 32.28 37.19
CA PRO D 69 25.08 31.12 38.09
C PRO D 69 26.36 30.28 38.09
N ALA D 70 27.12 30.27 37.02
CA ALA D 70 28.33 29.46 36.95
C ALA D 70 29.44 30.13 36.15
N PRO D 71 30.06 31.24 36.60
CA PRO D 71 31.17 31.82 35.82
C PRO D 71 32.30 30.82 35.73
N ILE D 72 33.07 30.88 34.65
N ILE D 72 33.08 30.90 34.66
CA ILE D 72 34.16 29.92 34.38
CA ILE D 72 34.17 29.97 34.42
C ILE D 72 35.52 30.61 34.22
C ILE D 72 35.51 30.68 34.32
N GLN D 73 36.56 30.10 34.93
CA GLN D 73 37.89 30.67 34.82
C GLN D 73 38.59 29.88 33.73
N GLN D 74 39.04 30.58 32.68
CA GLN D 74 39.61 29.93 31.49
C GLN D 74 41.09 29.76 31.58
N LEU D 75 41.55 28.58 32.05
CA LEU D 75 42.98 28.26 32.16
C LEU D 75 43.41 27.73 30.78
N VAL D 76 44.44 28.30 30.18
CA VAL D 76 44.92 27.95 28.84
C VAL D 76 46.35 27.44 28.97
N THR D 77 46.62 26.28 28.35
CA THR D 77 47.93 25.64 28.33
C THR D 77 48.34 25.44 26.88
N GLY D 78 49.60 25.71 26.58
CA GLY D 78 50.11 25.54 25.25
C GLY D 78 51.28 26.44 24.89
N GLN D 79 51.66 26.35 23.62
CA GLN D 79 52.79 27.08 23.02
C GLN D 79 52.71 26.92 21.50
N SER D 80 53.53 27.69 20.76
CA SER D 80 53.63 27.67 19.29
C SER D 80 52.28 27.74 18.56
N GLY D 81 51.37 28.57 19.07
CA GLY D 81 50.06 28.75 18.43
C GLY D 81 49.04 27.64 18.60
N LEU D 82 49.30 26.66 19.51
CA LEU D 82 48.41 25.52 19.79
C LEU D 82 48.17 25.44 21.24
N PHE D 83 46.89 25.52 21.63
CA PHE D 83 46.52 25.56 23.04
C PHE D 83 45.29 24.77 23.38
N THR D 84 45.20 24.37 24.67
CA THR D 84 44.06 23.68 25.26
C THR D 84 43.58 24.61 26.38
N GLN D 85 42.29 24.91 26.36
CA GLN D 85 41.60 25.68 27.34
C GLN D 85 40.83 24.74 28.31
N TYR D 86 40.99 24.97 29.62
CA TYR D 86 40.33 24.23 30.68
C TYR D 86 39.40 25.18 31.41
N ASN D 87 38.22 24.72 31.72
CA ASN D 87 37.23 25.49 32.48
C ASN D 87 37.25 25.10 33.94
N ILE D 88 37.22 26.11 34.80
CA ILE D 88 37.11 25.89 36.23
C ILE D 88 35.90 26.67 36.68
N GLN D 89 34.87 25.95 37.15
CA GLN D 89 33.63 26.58 37.59
C GLN D 89 33.89 27.34 38.86
N LYS D 90 33.50 28.60 38.87
CA LYS D 90 33.63 29.47 40.03
C LYS D 90 32.24 29.57 40.64
N LYS D 91 32.14 30.07 41.88
CA LYS D 91 30.84 30.26 42.51
C LYS D 91 30.05 31.39 41.78
N ALA D 92 28.73 31.35 41.87
CA ALA D 92 27.84 32.34 41.25
C ALA D 92 28.19 33.77 41.71
N MET D 93 28.02 34.72 40.81
CA MET D 93 28.28 36.12 41.10
C MET D 93 27.30 37.02 40.34
N THR D 94 27.14 38.27 40.77
CA THR D 94 26.26 39.17 40.02
C THR D 94 27.05 39.81 38.85
N VAL D 95 26.33 40.47 37.94
CA VAL D 95 26.91 41.21 36.84
C VAL D 95 27.76 42.40 37.43
N ARG D 96 27.31 42.99 38.55
CA ARG D 96 28.01 44.02 39.33
C ARG D 96 29.41 43.54 39.79
N GLU D 97 29.48 42.32 40.37
CA GLU D 97 30.74 41.71 40.83
C GLU D 97 31.62 41.36 39.63
N PHE D 98 31.00 40.90 38.53
CA PHE D 98 31.68 40.51 37.30
C PHE D 98 32.33 41.73 36.66
N ARG D 99 31.57 42.82 36.45
CA ARG D 99 31.98 44.11 35.87
C ARG D 99 33.16 44.74 36.64
N LYS D 100 33.14 44.62 37.98
CA LYS D 100 34.19 45.16 38.85
C LYS D 100 35.51 44.46 38.59
N ILE D 101 35.50 43.11 38.51
CA ILE D 101 36.68 42.30 38.20
C ILE D 101 37.19 42.60 36.79
N ALA D 102 36.30 42.55 35.79
CA ALA D 102 36.59 42.82 34.38
C ALA D 102 37.29 44.17 34.19
N ASN D 103 36.88 45.20 34.95
CA ASN D 103 37.46 46.54 34.80
C ASN D 103 38.59 46.81 35.77
N SER D 104 38.96 45.84 36.62
CA SER D 104 40.05 46.04 37.58
C SER D 104 41.39 46.02 36.83
N ASP D 105 42.43 46.65 37.40
CA ASP D 105 43.76 46.74 36.79
C ASP D 105 44.36 45.39 36.37
N LYS D 106 44.08 44.31 37.12
CA LYS D 106 44.57 42.96 36.82
C LYS D 106 43.96 42.35 35.55
N TYR D 107 42.65 42.62 35.28
CA TYR D 107 41.92 41.99 34.17
C TYR D 107 41.46 42.90 33.05
N CYS D 108 41.62 44.22 33.19
N CYS D 108 41.62 44.23 33.19
CA CYS D 108 41.22 45.20 32.18
CA CYS D 108 41.15 45.15 32.14
C CYS D 108 41.98 45.04 30.83
C CYS D 108 41.98 45.08 30.85
N THR D 109 41.39 45.58 29.75
CA THR D 109 41.96 45.62 28.40
C THR D 109 43.24 46.46 28.40
N PRO D 110 44.34 45.95 27.81
CA PRO D 110 45.56 46.76 27.72
C PRO D 110 45.36 47.97 26.80
N ARG D 111 46.22 48.97 26.91
CA ARG D 111 46.15 50.12 26.02
C ARG D 111 46.59 49.65 24.62
N TYR D 112 45.90 50.13 23.58
CA TYR D 112 46.22 49.73 22.23
C TYR D 112 45.78 50.75 21.20
N SER D 113 46.40 50.72 20.03
CA SER D 113 46.05 51.63 18.95
C SER D 113 45.18 51.04 17.83
N GLU D 114 45.56 49.87 17.35
CA GLU D 114 44.86 49.21 16.24
C GLU D 114 44.49 47.77 16.60
N PHE D 115 43.56 47.15 15.88
CA PHE D 115 43.16 45.79 16.23
C PHE D 115 44.35 44.84 16.16
N GLU D 116 45.19 44.99 15.12
CA GLU D 116 46.38 44.16 14.92
C GLU D 116 47.21 44.06 16.20
N GLU D 117 47.30 45.17 16.97
CA GLU D 117 48.00 45.28 18.26
C GLU D 117 47.31 44.47 19.35
N LEU D 118 45.97 44.62 19.48
CA LEU D 118 45.19 43.89 20.49
C LEU D 118 45.18 42.38 20.20
N GLU D 119 45.13 42.02 18.91
CA GLU D 119 45.16 40.65 18.44
C GLU D 119 46.53 40.02 18.83
N ARG D 120 47.64 40.76 18.62
CA ARG D 120 48.96 40.24 18.98
C ARG D 120 49.06 39.98 20.48
N LYS D 121 48.54 40.91 21.31
CA LYS D 121 48.53 40.84 22.76
C LYS D 121 47.74 39.68 23.25
N TYR D 122 46.62 39.38 22.60
CA TYR D 122 45.82 38.23 22.95
C TYR D 122 46.61 36.96 22.73
N TRP D 123 47.16 36.75 21.50
CA TRP D 123 47.87 35.51 21.19
C TRP D 123 49.16 35.35 21.96
N LYS D 124 49.74 36.46 22.45
CA LYS D 124 50.98 36.48 23.23
C LYS D 124 50.70 36.20 24.72
N ASN D 125 49.51 36.63 25.19
CA ASN D 125 49.16 36.54 26.60
C ASN D 125 48.02 35.62 27.00
N LEU D 126 47.40 34.88 26.05
CA LEU D 126 46.23 34.06 26.40
C LEU D 126 46.50 33.05 27.48
N THR D 127 47.75 32.64 27.72
CA THR D 127 48.02 31.65 28.78
C THR D 127 48.28 32.29 30.15
N PHE D 128 48.39 33.65 30.24
CA PHE D 128 48.66 34.30 31.52
C PHE D 128 47.36 34.89 32.11
N ASN D 129 47.38 35.19 33.43
CA ASN D 129 46.27 35.79 34.20
C ASN D 129 44.88 35.29 33.76
N PRO D 130 44.57 33.98 34.02
CA PRO D 130 43.31 33.38 33.54
C PRO D 130 42.05 34.21 33.84
N PRO D 131 41.33 34.67 32.81
CA PRO D 131 40.16 35.53 33.06
C PRO D 131 38.92 34.73 33.40
N ILE D 132 37.85 35.41 33.83
CA ILE D 132 36.56 34.78 34.13
C ILE D 132 35.57 35.09 32.99
N TYR D 133 34.83 34.07 32.49
CA TYR D 133 33.82 34.21 31.44
C TYR D 133 32.45 33.91 32.05
N GLY D 134 31.53 34.87 31.99
CA GLY D 134 30.19 34.68 32.54
C GLY D 134 29.35 34.07 31.44
N ALA D 135 29.71 32.84 31.05
CA ALA D 135 29.12 32.19 29.89
C ALA D 135 27.92 31.31 30.20
N ASP D 136 27.10 31.07 29.16
CA ASP D 136 25.96 30.17 29.19
C ASP D 136 24.92 30.51 30.28
N VAL D 137 24.66 31.82 30.45
CA VAL D 137 23.65 32.25 31.40
C VAL D 137 22.34 32.10 30.65
N ASN D 138 21.47 31.23 31.14
CA ASN D 138 20.16 31.00 30.55
C ASN D 138 19.33 32.26 30.71
N GLY D 139 18.98 32.90 29.60
CA GLY D 139 18.17 34.11 29.65
C GLY D 139 18.27 34.96 28.41
N THR D 140 17.51 36.07 28.40
CA THR D 140 17.45 37.07 27.32
C THR D 140 17.47 38.51 27.85
N LEU D 141 18.01 39.45 27.07
CA LEU D 141 17.98 40.87 27.43
C LEU D 141 17.02 41.65 26.54
N TYR D 142 16.31 40.94 25.66
CA TYR D 142 15.30 41.53 24.78
C TYR D 142 14.04 41.77 25.61
N GLU D 143 13.30 42.82 25.25
CA GLU D 143 12.02 43.12 25.83
C GLU D 143 11.08 42.14 25.13
N LYS D 144 10.10 41.59 25.88
CA LYS D 144 9.16 40.58 25.41
C LYS D 144 8.45 40.94 24.10
N HIS D 145 8.07 42.20 23.96
CA HIS D 145 7.41 42.71 22.77
C HIS D 145 8.16 42.81 21.45
N VAL D 146 9.48 43.00 21.47
CA VAL D 146 10.21 43.15 20.22
C VAL D 146 10.00 41.96 19.33
N ASP D 147 9.51 42.21 18.14
CA ASP D 147 9.23 41.15 17.17
C ASP D 147 10.31 40.96 16.14
N GLU D 148 11.21 41.92 16.01
CA GLU D 148 12.30 41.75 15.03
C GLU D 148 13.55 41.13 15.62
N TRP D 149 13.97 39.99 15.03
CA TRP D 149 15.19 39.23 15.35
C TRP D 149 15.30 38.88 16.81
N ASN D 150 14.14 38.54 17.41
CA ASN D 150 14.07 38.18 18.80
C ASN D 150 14.68 36.78 18.98
N ILE D 151 15.86 36.76 19.58
CA ILE D 151 16.64 35.57 19.80
C ILE D 151 15.85 34.56 20.62
N GLY D 152 15.02 35.06 21.52
CA GLY D 152 14.16 34.23 22.34
C GLY D 152 13.12 33.49 21.51
N ARG D 153 12.55 34.14 20.50
CA ARG D 153 11.54 33.56 19.63
C ARG D 153 11.73 33.80 18.12
N LEU D 154 12.74 33.20 17.51
CA LEU D 154 13.02 33.36 16.08
C LEU D 154 11.99 32.74 15.12
N ARG D 155 11.40 31.64 15.57
CA ARG D 155 10.36 30.87 14.90
C ARG D 155 10.84 30.22 13.57
N THR D 156 12.06 29.65 13.56
CA THR D 156 12.57 28.90 12.41
C THR D 156 12.00 27.46 12.50
N ILE D 157 12.37 26.60 11.55
CA ILE D 157 11.94 25.19 11.55
C ILE D 157 12.60 24.37 12.71
N LEU D 158 13.63 24.91 13.41
CA LEU D 158 14.25 24.24 14.55
C LEU D 158 13.22 24.08 15.69
N ASP D 159 12.11 24.85 15.64
CA ASP D 159 10.98 24.79 16.59
C ASP D 159 10.30 23.43 16.63
N LEU D 160 10.47 22.61 15.56
CA LEU D 160 9.95 21.24 15.43
C LEU D 160 10.45 20.33 16.59
N VAL D 161 11.63 20.64 17.17
CA VAL D 161 12.22 19.93 18.32
C VAL D 161 11.27 20.08 19.56
N GLU D 162 10.72 21.29 19.79
CA GLU D 162 9.80 21.59 20.90
N GLY D 171 16.83 23.11 25.99
CA GLY D 171 17.49 22.66 24.78
C GLY D 171 18.41 23.70 24.16
N VAL D 172 18.53 23.69 22.80
CA VAL D 172 19.39 24.63 22.05
C VAL D 172 18.58 25.61 21.17
N ASN D 173 17.29 25.78 21.49
CA ASN D 173 16.46 26.79 20.86
C ASN D 173 16.13 27.85 21.93
N THR D 174 16.83 27.76 23.08
CA THR D 174 16.72 28.69 24.24
C THR D 174 17.87 29.71 24.18
N PRO D 175 17.65 30.99 24.58
CA PRO D 175 18.74 31.97 24.48
C PRO D 175 19.71 31.89 25.65
N TYR D 176 21.00 32.20 25.37
CA TYR D 176 22.07 32.23 26.34
C TYR D 176 22.75 33.58 26.31
N LEU D 177 23.14 34.10 27.51
CA LEU D 177 23.87 35.35 27.74
C LEU D 177 25.32 35.04 28.04
N TYR D 178 26.23 35.87 27.54
CA TYR D 178 27.67 35.72 27.71
C TYR D 178 28.20 37.08 28.16
N PHE D 179 28.71 37.13 29.38
CA PHE D 179 29.32 38.35 29.92
C PHE D 179 30.83 38.15 29.79
N GLY D 180 31.44 38.94 28.92
CA GLY D 180 32.86 38.81 28.66
C GLY D 180 33.72 39.82 29.35
N MET D 181 35.00 39.53 29.45
CA MET D 181 36.03 40.46 29.91
C MET D 181 37.19 40.28 28.93
N TRP D 182 38.24 41.09 29.05
CA TRP D 182 39.39 41.00 28.15
C TRP D 182 39.98 39.58 28.15
N LYS D 183 40.27 39.06 26.96
CA LYS D 183 40.97 37.78 26.80
C LYS D 183 40.08 36.56 27.03
N THR D 184 38.74 36.73 27.32
CA THR D 184 37.86 35.55 27.42
C THR D 184 37.70 35.06 25.98
N SER D 185 37.68 33.74 25.79
CA SER D 185 37.61 33.14 24.48
C SER D 185 36.62 32.03 24.26
N PHE D 186 36.37 31.78 22.99
CA PHE D 186 35.59 30.68 22.53
C PHE D 186 36.51 29.95 21.53
N ALA D 187 36.75 28.67 21.80
CA ALA D 187 37.63 27.82 21.03
C ALA D 187 37.02 27.37 19.71
N TRP D 188 37.84 26.86 18.80
CA TRP D 188 37.34 26.41 17.51
C TRP D 188 36.27 25.35 17.64
N HIS D 189 35.16 25.58 16.98
CA HIS D 189 34.03 24.67 17.01
C HIS D 189 33.02 25.05 15.97
N THR D 190 32.03 24.19 15.78
CA THR D 190 30.90 24.42 14.92
C THR D 190 29.75 24.23 15.91
N GLU D 191 28.56 24.67 15.56
CA GLU D 191 27.41 24.54 16.45
C GLU D 191 27.02 23.07 16.65
N ASP D 192 26.35 22.77 17.79
CA ASP D 192 25.90 21.41 18.05
C ASP D 192 24.91 21.03 16.93
N MET D 193 25.06 19.81 16.40
CA MET D 193 24.25 19.30 15.28
C MET D 193 24.53 20.04 13.99
N ASP D 194 25.59 20.88 13.96
CA ASP D 194 26.03 21.74 12.83
C ASP D 194 24.93 22.71 12.40
N LEU D 195 24.29 23.30 13.39
CA LEU D 195 23.22 24.27 13.24
C LEU D 195 23.76 25.67 12.96
N TYR D 196 22.86 26.58 12.63
CA TYR D 196 23.18 27.97 12.44
C TYR D 196 23.17 28.54 13.83
N SER D 197 23.76 29.72 14.00
CA SER D 197 23.71 30.43 15.26
C SER D 197 23.61 31.92 14.99
N ILE D 198 23.06 32.65 15.95
CA ILE D 198 22.90 34.10 15.85
C ILE D 198 23.47 34.63 17.15
N ASN D 199 24.29 35.67 17.07
CA ASN D 199 24.95 36.27 18.21
C ASN D 199 24.73 37.76 18.16
N TYR D 200 24.09 38.34 19.17
CA TYR D 200 23.90 39.78 19.19
C TYR D 200 24.73 40.33 20.33
N LEU D 201 25.55 41.37 20.08
CA LEU D 201 26.33 42.04 21.14
C LEU D 201 25.49 43.19 21.73
N HIS D 202 24.89 42.98 22.92
CA HIS D 202 24.07 44.00 23.54
C HIS D 202 24.80 45.32 23.86
N PHE D 203 25.94 45.23 24.54
CA PHE D 203 26.73 46.39 24.92
C PHE D 203 28.18 46.00 25.18
N GLY D 204 28.99 47.03 25.39
CA GLY D 204 30.38 46.87 25.81
C GLY D 204 31.39 46.83 24.71
N GLU D 205 32.59 46.35 25.07
CA GLU D 205 33.72 46.26 24.17
C GLU D 205 33.52 45.24 23.08
N PRO D 206 34.26 45.32 21.97
CA PRO D 206 34.00 44.37 20.88
C PRO D 206 34.30 42.86 21.19
N LYS D 207 33.89 42.02 20.22
CA LYS D 207 34.15 40.60 20.21
C LYS D 207 34.79 40.33 18.82
N SER D 208 36.01 39.76 18.80
CA SER D 208 36.67 39.42 17.52
C SER D 208 36.44 37.95 17.20
N TRP D 209 36.22 37.63 15.92
CA TRP D 209 35.89 36.29 15.44
C TRP D 209 36.84 35.87 14.32
N TYR D 210 37.10 34.56 14.23
CA TYR D 210 37.86 33.92 13.16
C TYR D 210 36.94 32.88 12.61
N SER D 211 36.99 32.68 11.30
N SER D 211 36.98 32.69 11.29
CA SER D 211 36.13 31.70 10.65
CA SER D 211 36.09 31.77 10.59
C SER D 211 36.88 30.93 9.58
C SER D 211 36.79 30.98 9.49
N VAL D 212 36.52 29.66 9.41
CA VAL D 212 37.05 28.78 8.38
C VAL D 212 35.83 28.47 7.47
N PRO D 213 35.89 28.74 6.15
CA PRO D 213 34.73 28.41 5.29
C PRO D 213 34.28 26.93 5.43
N PRO D 214 32.95 26.60 5.53
CA PRO D 214 32.55 25.17 5.59
C PRO D 214 33.23 24.24 4.54
N GLU D 215 33.58 24.75 3.35
CA GLU D 215 34.23 23.90 2.33
C GLU D 215 35.67 23.50 2.72
N HIS D 216 36.25 24.16 3.72
CA HIS D 216 37.58 23.83 4.23
C HIS D 216 37.60 23.25 5.66
N GLY D 217 36.40 23.07 6.26
CA GLY D 217 36.23 22.55 7.61
C GLY D 217 36.91 21.21 7.88
N LYS D 218 36.91 20.30 6.88
CA LYS D 218 37.58 18.99 6.98
C LYS D 218 39.10 19.15 7.03
N ARG D 219 39.66 20.19 6.36
CA ARG D 219 41.09 20.49 6.41
C ARG D 219 41.47 20.87 7.84
N LEU D 220 40.65 21.71 8.52
CA LEU D 220 40.91 22.12 9.89
C LEU D 220 40.84 20.93 10.85
N GLU D 221 39.85 20.05 10.66
CA GLU D 221 39.64 18.85 11.49
C GLU D 221 40.86 17.93 11.41
N ARG D 222 41.40 17.70 10.18
CA ARG D 222 42.57 16.83 9.96
C ARG D 222 43.81 17.44 10.61
N LEU D 223 43.95 18.74 10.51
CA LEU D 223 45.02 19.47 11.18
C LEU D 223 44.96 19.24 12.71
N ALA D 224 43.81 19.53 13.34
CA ALA D 224 43.60 19.43 14.79
C ALA D 224 43.91 18.02 15.30
N LYS D 225 43.48 16.99 14.59
CA LYS D 225 43.75 15.61 14.96
C LYS D 225 45.23 15.29 14.94
N GLY D 226 45.93 15.77 13.93
CA GLY D 226 47.35 15.54 13.82
C GLY D 226 48.03 16.15 15.00
N PHE D 227 47.59 17.33 15.38
CA PHE D 227 48.14 18.01 16.53
C PHE D 227 47.80 17.44 17.90
N PHE D 228 46.61 16.86 18.02
CA PHE D 228 46.18 16.26 19.28
C PHE D 228 45.69 14.85 19.03
N PRO D 229 46.61 13.93 18.75
CA PRO D 229 46.24 12.52 18.48
C PRO D 229 45.52 11.83 19.64
N GLY D 230 45.96 12.10 20.87
CA GLY D 230 45.36 11.55 22.08
C GLY D 230 43.88 11.88 22.21
N SER D 231 43.52 13.17 22.02
CA SER D 231 42.13 13.66 22.06
C SER D 231 41.29 13.01 20.95
N ALA D 232 41.88 12.91 19.73
CA ALA D 232 41.27 12.32 18.55
C ALA D 232 40.92 10.84 18.71
N GLN D 233 41.81 10.05 19.37
CA GLN D 233 41.60 8.62 19.62
C GLN D 233 40.51 8.41 20.67
N SER D 234 40.42 9.32 21.64
CA SER D 234 39.46 9.29 22.76
C SER D 234 38.06 9.71 22.31
N CYS D 235 37.96 10.61 21.33
CA CYS D 235 36.72 11.17 20.80
C CYS D 235 37.05 11.77 19.45
N GLU D 236 36.44 11.27 18.37
CA GLU D 236 36.71 11.86 17.05
C GLU D 236 36.21 13.30 16.98
N ALA D 237 35.04 13.60 17.58
CA ALA D 237 34.49 14.93 17.53
C ALA D 237 34.99 15.81 18.72
N PHE D 238 36.28 15.64 19.12
CA PHE D 238 36.88 16.35 20.25
C PHE D 238 36.83 17.87 20.13
N LEU D 239 36.68 18.39 18.88
CA LEU D 239 36.60 19.83 18.71
C LEU D 239 35.34 20.38 19.36
N ARG D 240 34.28 19.55 19.45
CA ARG D 240 32.97 19.85 20.10
C ARG D 240 33.08 20.15 21.61
N HIS D 241 34.23 19.75 22.24
CA HIS D 241 34.51 20.02 23.67
C HIS D 241 34.79 21.49 23.85
N LYS D 242 35.09 22.23 22.73
CA LYS D 242 35.37 23.67 22.68
C LYS D 242 36.53 24.02 23.63
N MET D 243 37.63 23.28 23.49
CA MET D 243 38.81 23.41 24.34
C MET D 243 40.03 23.69 23.47
N THR D 244 39.89 23.66 22.15
CA THR D 244 41.05 23.75 21.25
C THR D 244 41.20 25.13 20.59
N LEU D 245 42.32 25.80 20.90
CA LEU D 245 42.69 27.11 20.41
C LEU D 245 43.85 26.98 19.45
N ILE D 246 43.73 27.62 18.28
CA ILE D 246 44.70 27.53 17.17
C ILE D 246 44.85 28.94 16.63
N SER D 247 46.09 29.49 16.71
CA SER D 247 46.34 30.87 16.27
C SER D 247 46.23 31.08 14.77
N PRO D 248 45.95 32.33 14.30
CA PRO D 248 45.87 32.56 12.84
C PRO D 248 47.19 32.25 12.10
N LEU D 249 48.32 32.41 12.77
CA LEU D 249 49.63 32.10 12.24
C LEU D 249 49.80 30.59 11.93
N MET D 250 49.24 29.76 12.79
CA MET D 250 49.28 28.30 12.66
C MET D 250 48.39 27.87 11.47
N LEU D 251 47.20 28.49 11.34
CA LEU D 251 46.30 28.21 10.22
C LEU D 251 46.97 28.57 8.90
N LYS D 252 47.66 29.75 8.86
CA LYS D 252 48.38 30.22 7.68
C LYS D 252 49.54 29.27 7.36
N LYS D 253 50.28 28.82 8.38
CA LYS D 253 51.41 27.89 8.19
C LYS D 253 50.96 26.55 7.51
N TYR D 254 49.76 26.09 7.86
CA TYR D 254 49.17 24.82 7.42
C TYR D 254 48.18 24.96 6.23
N GLY D 255 48.15 26.12 5.60
CA GLY D 255 47.29 26.37 4.45
C GLY D 255 45.80 26.28 4.70
N ILE D 256 45.33 26.60 5.91
CA ILE D 256 43.90 26.60 6.21
C ILE D 256 43.30 28.01 5.85
N PRO D 257 42.38 28.13 4.86
CA PRO D 257 41.78 29.46 4.57
C PRO D 257 40.94 29.92 5.76
N PHE D 258 41.06 31.18 6.12
CA PHE D 258 40.31 31.79 7.23
C PHE D 258 40.12 33.25 6.96
N ASP D 259 39.13 33.86 7.62
CA ASP D 259 38.92 35.29 7.57
C ASP D 259 38.65 35.74 9.02
N LYS D 260 38.70 37.04 9.27
CA LYS D 260 38.45 37.57 10.58
C LYS D 260 37.59 38.80 10.52
N VAL D 261 36.84 39.06 11.61
CA VAL D 261 35.95 40.21 11.70
C VAL D 261 35.79 40.58 13.18
N THR D 262 35.56 41.86 13.41
CA THR D 262 35.31 42.41 14.72
C THR D 262 33.84 42.83 14.76
N GLN D 263 33.16 42.32 15.75
CA GLN D 263 31.77 42.57 16.04
C GLN D 263 31.69 43.65 17.10
N GLU D 264 31.00 44.75 16.76
CA GLU D 264 30.86 45.85 17.71
C GLU D 264 29.49 45.83 18.36
N ALA D 265 29.33 46.60 19.46
CA ALA D 265 28.09 46.66 20.20
C ALA D 265 26.97 47.03 19.23
N GLY D 266 25.87 46.27 19.30
CA GLY D 266 24.72 46.51 18.45
C GLY D 266 24.72 45.81 17.12
N GLU D 267 25.66 44.90 16.90
CA GLU D 267 25.71 44.14 15.64
C GLU D 267 25.41 42.67 15.86
N PHE D 268 24.85 42.00 14.84
CA PHE D 268 24.63 40.57 14.85
C PHE D 268 25.71 39.83 14.05
N MET D 269 26.04 38.60 14.46
CA MET D 269 26.93 37.68 13.74
C MET D 269 26.10 36.42 13.53
N ILE D 270 26.04 35.93 12.29
CA ILE D 270 25.33 34.70 11.94
C ILE D 270 26.42 33.68 11.59
N THR D 271 26.36 32.47 12.19
CA THR D 271 27.28 31.36 11.83
C THR D 271 26.39 30.40 11.03
N PHE D 272 26.98 29.76 10.02
CA PHE D 272 26.29 28.87 9.11
C PHE D 272 26.63 27.42 9.42
N PRO D 273 25.79 26.45 8.94
CA PRO D 273 26.10 25.05 9.23
C PRO D 273 27.50 24.64 8.81
N TYR D 274 28.24 24.01 9.77
CA TYR D 274 29.61 23.48 9.60
C TYR D 274 30.64 24.60 9.37
N GLY D 275 30.31 25.80 9.84
CA GLY D 275 31.20 26.95 9.84
C GLY D 275 31.98 26.96 11.13
N TYR D 276 33.28 26.63 11.06
CA TYR D 276 34.14 26.63 12.24
C TYR D 276 34.48 28.06 12.62
N HIS D 277 34.34 28.39 13.88
CA HIS D 277 34.65 29.74 14.34
C HIS D 277 35.30 29.70 15.73
N ALA D 278 36.07 30.74 16.05
CA ALA D 278 36.76 30.96 17.33
C ALA D 278 36.88 32.44 17.51
N GLY D 279 37.25 32.87 18.70
CA GLY D 279 37.42 34.29 18.91
C GLY D 279 37.62 34.67 20.36
N PHE D 280 37.59 35.97 20.62
CA PHE D 280 37.84 36.51 21.95
C PHE D 280 37.17 37.84 22.13
N ASN D 281 36.92 38.19 23.41
CA ASN D 281 36.34 39.47 23.81
C ASN D 281 37.41 40.48 24.07
N HIS D 282 37.19 41.77 23.65
CA HIS D 282 38.14 42.88 23.85
C HIS D 282 38.10 43.42 25.26
N GLY D 283 36.95 43.29 25.91
CA GLY D 283 36.77 43.86 27.24
C GLY D 283 35.39 43.54 27.74
N PHE D 284 34.94 44.22 28.82
CA PHE D 284 33.62 43.99 29.42
C PHE D 284 32.54 44.10 28.38
N ASN D 285 31.72 43.08 28.25
CA ASN D 285 30.62 43.14 27.28
C ASN D 285 29.55 42.10 27.56
N CYS D 286 28.48 42.12 26.79
CA CYS D 286 27.40 41.15 26.97
C CYS D 286 26.81 40.81 25.63
N ALA D 287 26.86 39.51 25.25
CA ALA D 287 26.27 38.99 24.02
C ALA D 287 25.15 38.03 24.35
N GLU D 288 24.24 37.84 23.37
CA GLU D 288 23.16 36.86 23.52
C GLU D 288 23.15 35.99 22.28
N SER D 289 22.89 34.67 22.45
CA SER D 289 22.92 33.77 21.31
C SER D 289 22.01 32.58 21.47
N THR D 290 21.66 31.98 20.32
CA THR D 290 20.83 30.78 20.15
C THR D 290 21.20 30.14 18.84
N ASN D 291 20.66 28.94 18.60
CA ASN D 291 20.84 28.24 17.35
C ASN D 291 19.53 28.35 16.62
N PHE D 292 19.58 28.21 15.31
CA PHE D 292 18.38 28.19 14.47
C PHE D 292 18.66 27.31 13.26
N ALA D 293 17.66 27.04 12.46
CA ALA D 293 17.85 26.19 11.29
C ALA D 293 17.08 26.77 10.12
N THR D 294 17.37 26.25 8.92
CA THR D 294 16.68 26.49 7.66
C THR D 294 16.53 25.09 7.11
N ARG D 295 15.83 24.94 5.99
CA ARG D 295 15.63 23.68 5.28
C ARG D 295 16.98 23.02 4.89
N ARG D 296 17.99 23.83 4.48
CA ARG D 296 19.35 23.42 4.11
C ARG D 296 20.09 22.72 5.27
N TRP D 297 19.83 23.11 6.54
CA TRP D 297 20.50 22.47 7.69
C TRP D 297 20.18 20.97 7.87
N ILE D 298 18.99 20.50 7.40
CA ILE D 298 18.53 19.13 7.66
C ILE D 298 19.60 18.09 7.28
N GLU D 299 20.22 18.23 6.11
CA GLU D 299 21.28 17.33 5.66
C GLU D 299 22.51 17.41 6.56
N TYR D 300 22.88 18.63 7.02
CA TYR D 300 23.98 18.85 7.96
C TYR D 300 23.70 18.14 9.27
N GLY D 301 22.46 18.22 9.73
CA GLY D 301 21.95 17.59 10.94
C GLY D 301 22.04 16.07 10.90
N LYS D 302 21.66 15.47 9.76
CA LYS D 302 21.72 14.01 9.57
C LYS D 302 23.17 13.49 9.47
N GLN D 303 24.08 14.32 8.99
CA GLN D 303 25.48 13.95 8.75
C GLN D 303 26.49 14.40 9.81
N ALA D 304 26.02 15.10 10.88
CA ALA D 304 26.89 15.65 11.93
C ALA D 304 27.64 14.57 12.71
N VAL D 305 28.99 14.70 12.80
CA VAL D 305 29.79 13.75 13.59
C VAL D 305 29.72 14.29 15.02
N LEU D 306 29.22 13.48 15.96
CA LEU D 306 28.99 13.95 17.33
C LEU D 306 29.99 13.43 18.36
N CYS D 307 30.12 14.19 19.49
CA CYS D 307 31.01 13.83 20.61
C CYS D 307 30.48 12.54 21.20
N SER D 308 31.28 11.48 21.06
CA SER D 308 30.99 10.14 21.50
C SER D 308 31.57 9.83 22.90
N CYS D 309 32.11 10.83 23.62
CA CYS D 309 32.73 10.57 24.93
C CYS D 309 31.95 11.17 26.13
N ARG D 310 30.77 11.75 25.88
CA ARG D 310 29.93 12.37 26.92
C ARG D 310 28.45 12.02 26.72
N MET D 313 26.07 15.79 26.11
CA MET D 313 26.25 16.38 24.79
C MET D 313 24.91 16.55 24.08
N VAL D 314 24.71 17.72 23.41
CA VAL D 314 23.50 18.07 22.68
C VAL D 314 23.37 17.22 21.43
N LYS D 315 22.30 16.43 21.39
CA LYS D 315 21.94 15.53 20.31
C LYS D 315 20.48 15.83 19.98
N ILE D 316 20.13 15.84 18.70
CA ILE D 316 18.77 16.07 18.28
C ILE D 316 18.40 14.91 17.37
N SER D 317 17.22 14.28 17.59
CA SER D 317 16.70 13.20 16.75
C SER D 317 16.27 13.89 15.45
N MET D 318 16.80 13.41 14.32
CA MET D 318 16.55 14.03 13.01
C MET D 318 15.26 13.56 12.33
N ASP D 319 14.63 12.49 12.86
CA ASP D 319 13.42 11.85 12.35
C ASP D 319 12.29 12.81 11.95
N VAL D 320 11.86 13.72 12.87
CA VAL D 320 10.77 14.67 12.63
C VAL D 320 11.02 15.61 11.41
N PHE D 321 12.28 16.04 11.21
CA PHE D 321 12.69 16.90 10.10
C PHE D 321 12.70 16.09 8.82
N VAL D 322 13.27 14.86 8.88
CA VAL D 322 13.35 13.95 7.73
C VAL D 322 11.95 13.56 7.27
N ARG D 323 11.04 13.25 8.21
CA ARG D 323 9.63 12.92 7.93
C ARG D 323 8.94 14.07 7.23
N LYS D 324 9.06 15.31 7.76
CA LYS D 324 8.38 16.46 7.20
C LYS D 324 8.94 17.01 5.87
N PHE D 325 10.25 17.35 5.81
CA PHE D 325 10.87 18.02 4.66
C PHE D 325 11.48 17.12 3.59
N GLN D 326 11.73 15.85 3.91
CA GLN D 326 12.28 14.86 2.98
C GLN D 326 11.44 13.57 3.11
N PRO D 327 10.10 13.61 2.83
CA PRO D 327 9.27 12.41 3.02
C PRO D 327 9.71 11.15 2.27
N GLU D 328 10.26 11.33 1.05
CA GLU D 328 10.71 10.27 0.14
C GLU D 328 11.92 9.49 0.65
N ARG D 329 12.89 10.22 1.25
CA ARG D 329 14.17 9.69 1.73
C ARG D 329 14.10 8.98 3.09
N TYR D 330 12.97 9.11 3.82
CA TYR D 330 12.81 8.53 5.15
C TYR D 330 13.19 7.05 5.24
N LYS D 331 12.69 6.21 4.27
CA LYS D 331 12.97 4.78 4.23
C LYS D 331 14.47 4.49 4.01
N LEU D 332 15.09 5.11 2.96
CA LEU D 332 16.50 4.93 2.66
C LEU D 332 17.39 5.37 3.83
N TRP D 333 17.10 6.54 4.43
CA TRP D 333 17.82 7.10 5.58
C TRP D 333 17.74 6.20 6.83
N LYS D 334 16.55 5.63 7.10
CA LYS D 334 16.30 4.72 8.22
C LYS D 334 17.04 3.40 8.02
N ALA D 335 17.15 2.94 6.75
CA ALA D 335 17.87 1.71 6.37
C ALA D 335 19.40 1.94 6.30
N GLY D 336 19.86 3.14 6.65
CA GLY D 336 21.27 3.51 6.64
C GLY D 336 21.83 3.69 5.26
N LYS D 337 20.93 3.80 4.25
CA LYS D 337 21.24 3.93 2.81
C LYS D 337 20.93 5.34 2.21
N ASP D 338 21.28 6.42 2.93
CA ASP D 338 21.14 7.77 2.42
C ASP D 338 22.56 8.29 2.22
N ASN D 339 23.02 8.29 0.96
CA ASN D 339 24.39 8.63 0.61
C ASN D 339 24.55 10.07 0.06
N THR D 340 23.58 10.97 0.34
CA THR D 340 23.59 12.38 -0.09
C THR D 340 24.92 13.05 0.26
N VAL D 341 25.54 13.70 -0.73
CA VAL D 341 26.80 14.41 -0.52
C VAL D 341 26.44 15.89 -0.40
N ILE D 342 26.92 16.58 0.65
CA ILE D 342 26.66 18.00 0.85
C ILE D 342 27.58 18.90 0.01
N ASP D 343 26.96 19.86 -0.70
CA ASP D 343 27.61 20.92 -1.49
C ASP D 343 27.45 22.22 -0.69
N HIS D 344 28.53 22.61 0.03
CA HIS D 344 28.59 23.76 0.92
C HIS D 344 28.38 25.12 0.24
N THR D 345 28.45 25.17 -1.09
CA THR D 345 28.29 26.41 -1.85
C THR D 345 26.80 26.74 -2.17
N LEU D 346 25.92 25.74 -2.09
CA LEU D 346 24.52 25.90 -2.46
C LEU D 346 23.71 26.68 -1.43
N PRO D 347 22.90 27.67 -1.87
CA PRO D 347 22.09 28.42 -0.89
C PRO D 347 20.89 27.58 -0.42
N THR D 348 20.25 28.00 0.69
CA THR D 348 19.07 27.33 1.23
C THR D 348 17.91 27.38 0.21
N PRO D 349 17.04 26.33 0.08
CA PRO D 349 15.92 26.39 -0.92
C PRO D 349 15.07 27.66 -0.89
N GLU D 350 14.86 28.26 0.30
CA GLU D 350 14.09 29.50 0.55
C GLU D 350 14.65 30.75 -0.19
N ALA D 351 15.92 30.67 -0.67
CA ALA D 351 16.60 31.74 -1.42
C ALA D 351 16.08 31.87 -2.86
N ALA D 352 15.39 30.82 -3.40
CA ALA D 352 14.86 30.76 -4.77
C ALA D 352 14.14 32.03 -5.24
N GLU D 353 13.38 32.70 -4.34
CA GLU D 353 12.64 33.93 -4.65
C GLU D 353 13.57 35.12 -4.96
N PHE D 354 14.82 35.06 -4.48
CA PHE D 354 15.84 36.08 -4.75
C PHE D 354 16.68 35.63 -5.95
N LEU D 355 16.68 34.32 -6.24
CA LEU D 355 17.39 33.72 -7.36
C LEU D 355 16.41 33.55 -8.53
#